data_2R9Q
#
_entry.id   2R9Q
#
_cell.length_a   71.693
_cell.length_b   129.042
_cell.length_c   85.559
_cell.angle_alpha   90.00
_cell.angle_beta   108.75
_cell.angle_gamma   90.00
#
_symmetry.space_group_name_H-M   'P 1 21 1'
#
loop_
_entity.id
_entity.type
_entity.pdbx_description
1 polymer "2'-deoxycytidine 5'-triphosphate deaminase"
2 polymer 'Synthetic peptide 1'
3 polymer 'Synthetic peptide 2'
4 water water
#
loop_
_entity_poly.entity_id
_entity_poly.type
_entity_poly.pdbx_seq_one_letter_code
_entity_poly.pdbx_strand_id
1 'polypeptide(L)'
;MTRTTGTRTTGILADGAIRALFAGDKLKSEADLDVDQVQPASLDLRLGSKAYRVRASFMPGPGTRVIDKLNRFSLHEVDL
SQGAVLETGCVYIVPLMESLALPADMSASANPKSSTGRLDIFTRVMTDNAQEFDKIPAGYTGPLYLEISPRTFPIVVRRG
SRLSQIRFRIGHALLNESEVLKLHETETLVASENPNVTGGGIALSIDLKGFGENGLIGYRGKHHTAVVDVDKKAQHDVLD
FWEPLFARGRAELILDPDEFYILVSREAVHVPPLYAAEMTPFDPLVGEFRVHYAGFFDPGFGHAQAGGTGSRAVLEVRSH
EVPFILEHGQIVGRLVYEHMLEKPEGLYGTGLGSNYQAQGLKLSKHFRAE
;
A,B,C,D
2 'polypeptide(L)' SNPACVA X
3 'polypeptide(L)' VEVPLAGAV Y
#
# COMPACT_ATOMS: atom_id res chain seq x y z
N ARG A 8 51.55 16.15 0.59
CA ARG A 8 50.32 15.78 -0.18
C ARG A 8 49.60 17.04 -0.63
N THR A 9 49.25 17.08 -1.92
CA THR A 9 48.48 18.17 -2.54
C THR A 9 47.03 17.79 -2.90
N THR A 10 46.75 16.49 -3.05
CA THR A 10 45.39 16.00 -3.22
C THR A 10 45.00 15.07 -2.05
N GLY A 11 43.71 15.08 -1.70
CA GLY A 11 43.20 14.44 -0.49
C GLY A 11 42.11 15.25 0.19
N ILE A 12 41.71 14.79 1.38
CA ILE A 12 40.53 15.28 2.12
C ILE A 12 40.92 16.24 3.26
N LEU A 13 40.21 17.36 3.37
CA LEU A 13 40.41 18.33 4.44
C LEU A 13 40.01 17.78 5.80
N ALA A 14 40.85 18.07 6.79
CA ALA A 14 40.63 17.66 8.17
C ALA A 14 39.98 18.78 8.92
N ASP A 15 39.51 18.47 10.12
CA ASP A 15 38.83 19.42 11.01
C ASP A 15 39.50 20.79 11.11
N GLY A 16 40.84 20.79 11.12
CA GLY A 16 41.63 22.01 11.20
C GLY A 16 41.45 22.85 9.95
N ALA A 17 41.60 22.20 8.80
CA ALA A 17 41.41 22.82 7.48
C ALA A 17 39.98 23.33 7.22
N ILE A 18 38.98 22.59 7.72
CA ILE A 18 37.56 23.00 7.69
C ILE A 18 37.30 24.21 8.61
N ARG A 19 37.91 24.19 9.79
CA ARG A 19 37.86 25.35 10.68
C ARG A 19 38.61 26.56 10.08
N ALA A 20 39.66 26.29 9.31
CA ALA A 20 40.36 27.31 8.51
C ALA A 20 39.44 27.92 7.45
N LEU A 21 38.68 27.07 6.73
CA LEU A 21 37.72 27.56 5.73
C LEU A 21 36.71 28.55 6.31
N PHE A 22 36.23 28.25 7.51
CA PHE A 22 35.26 29.07 8.25
C PHE A 22 35.87 30.42 8.68
N ALA A 23 37.14 30.37 9.13
CA ALA A 23 37.95 31.58 9.44
C ALA A 23 38.12 32.50 8.22
N GLY A 24 38.34 31.89 7.05
CA GLY A 24 38.53 32.61 5.80
C GLY A 24 37.25 32.93 5.03
N ASP A 25 36.11 32.45 5.53
CA ASP A 25 34.79 32.67 4.90
C ASP A 25 34.60 31.95 3.55
N LYS A 26 35.32 30.87 3.34
CA LYS A 26 35.10 30.00 2.19
C LYS A 26 33.93 29.05 2.50
N LEU A 27 33.80 28.73 3.79
CA LEU A 27 32.61 28.13 4.36
C LEU A 27 32.00 29.22 5.25
N LYS A 28 30.71 29.49 5.06
CA LYS A 28 29.96 30.42 5.89
C LYS A 28 28.76 29.73 6.51
N SER A 29 28.27 30.29 7.61
CA SER A 29 27.05 29.82 8.26
C SER A 29 26.27 31.00 8.82
N GLU A 30 24.97 30.81 9.02
CA GLU A 30 24.08 31.81 9.64
C GLU A 30 24.31 32.01 11.15
N ALA A 31 24.98 31.05 11.79
CA ALA A 31 25.44 31.22 13.17
C ALA A 31 26.85 30.62 13.32
N ASP A 32 27.49 30.85 14.47
CA ASP A 32 28.77 30.21 14.79
C ASP A 32 28.53 28.70 14.97
N LEU A 33 29.54 27.90 14.60
CA LEU A 33 29.41 26.46 14.54
C LEU A 33 29.14 25.87 15.93
N ASP A 34 28.33 24.82 15.99
CA ASP A 34 28.21 24.00 17.21
C ASP A 34 29.59 23.50 17.64
N VAL A 35 29.76 23.28 18.95
CA VAL A 35 31.05 22.83 19.51
C VAL A 35 31.51 21.48 18.93
N ASP A 36 30.58 20.57 18.72
CA ASP A 36 30.84 19.27 18.10
C ASP A 36 30.47 19.20 16.60
N GLN A 37 30.30 20.35 15.94
CA GLN A 37 29.88 20.36 14.52
C GLN A 37 30.93 19.84 13.57
N VAL A 38 32.19 20.22 13.82
CA VAL A 38 33.31 19.81 12.97
C VAL A 38 33.78 18.41 13.36
N GLN A 39 33.78 17.50 12.39
CA GLN A 39 34.26 16.13 12.57
C GLN A 39 35.69 16.04 12.06
N PRO A 40 36.39 14.95 12.42
CA PRO A 40 37.74 14.63 11.94
C PRO A 40 37.96 14.82 10.44
N ALA A 41 37.03 14.33 9.63
CA ALA A 41 37.14 14.42 8.17
C ALA A 41 35.82 14.88 7.51
N SER A 42 34.98 15.61 8.25
CA SER A 42 33.69 16.11 7.72
C SER A 42 33.05 17.21 8.58
N LEU A 43 32.01 17.82 8.05
CA LEU A 43 31.22 18.82 8.77
C LEU A 43 29.74 18.45 8.78
N ASP A 44 29.12 18.50 9.95
CA ASP A 44 27.67 18.37 10.05
C ASP A 44 26.95 19.65 9.54
N LEU A 45 25.82 19.43 8.88
CA LEU A 45 25.01 20.49 8.32
C LEU A 45 23.79 20.64 9.20
N ARG A 46 23.35 21.87 9.36
CA ARG A 46 22.28 22.19 10.23
C ARG A 46 21.13 22.77 9.45
N LEU A 47 19.93 22.41 9.87
CA LEU A 47 18.72 22.91 9.30
C LEU A 47 18.48 24.37 9.69
N GLY A 48 18.08 25.15 8.70
CA GLY A 48 17.58 26.50 8.94
C GLY A 48 16.19 26.52 9.51
N SER A 49 15.58 27.69 9.46
CA SER A 49 14.26 27.95 10.08
C SER A 49 13.01 27.55 9.25
N LYS A 50 13.20 27.16 7.98
CA LYS A 50 12.08 26.86 7.06
C LYS A 50 12.23 25.49 6.35
N ALA A 51 11.11 24.76 6.25
CA ALA A 51 10.97 23.62 5.38
C ALA A 51 9.91 23.93 4.32
N TYR A 52 10.15 23.49 3.09
CA TYR A 52 9.11 23.56 2.05
C TYR A 52 8.59 22.18 1.75
N ARG A 53 7.33 21.93 2.09
CA ARG A 53 6.64 20.74 1.67
C ARG A 53 6.37 20.81 0.17
N VAL A 54 6.95 19.85 -0.56
CA VAL A 54 6.86 19.76 -1.99
C VAL A 54 6.19 18.40 -2.33
N ARG A 55 5.58 18.30 -3.49
CA ARG A 55 4.98 17.02 -3.86
C ARG A 55 5.93 15.99 -4.50
N ALA A 56 7.07 16.43 -5.02
CA ALA A 56 8.07 15.54 -5.59
C ALA A 56 9.49 16.08 -5.43
N SER A 57 10.43 15.17 -5.41
CA SER A 57 11.85 15.48 -5.57
C SER A 57 12.16 15.93 -6.99
N PHE A 58 13.24 16.69 -7.15
CA PHE A 58 13.65 17.20 -8.46
C PHE A 58 15.15 17.49 -8.53
N MET A 59 15.65 17.66 -9.76
CA MET A 59 17.02 18.05 -10.04
C MET A 59 17.01 19.47 -10.62
N PRO A 60 17.68 20.44 -9.96
CA PRO A 60 17.74 21.86 -10.44
C PRO A 60 18.02 22.00 -11.94
N GLY A 61 19.14 21.44 -12.39
CA GLY A 61 19.58 21.53 -13.76
C GLY A 61 20.51 22.71 -13.97
N PRO A 62 21.18 22.76 -15.14
CA PRO A 62 22.20 23.77 -15.44
C PRO A 62 21.62 25.18 -15.41
N GLY A 63 22.37 26.11 -14.85
CA GLY A 63 21.97 27.51 -14.83
C GLY A 63 20.64 27.76 -14.13
N THR A 64 20.31 26.90 -13.17
CA THR A 64 19.08 26.98 -12.42
C THR A 64 19.44 27.03 -10.96
N ARG A 65 18.88 27.97 -10.25
CA ARG A 65 18.99 28.03 -8.81
C ARG A 65 17.88 27.18 -8.22
N VAL A 66 18.18 26.46 -7.15
CA VAL A 66 17.17 25.68 -6.42
C VAL A 66 15.97 26.56 -6.09
N ILE A 67 16.17 27.78 -5.60
CA ILE A 67 15.03 28.63 -5.24
C ILE A 67 14.02 28.93 -6.43
N ASP A 68 14.54 29.14 -7.64
CA ASP A 68 13.69 29.44 -8.81
C ASP A 68 12.85 28.25 -9.24
N LYS A 69 13.44 27.08 -9.19
CA LYS A 69 12.74 25.86 -9.56
C LYS A 69 11.72 25.52 -8.48
N LEU A 70 12.11 25.72 -7.22
CA LEU A 70 11.28 25.55 -6.04
C LEU A 70 9.94 26.32 -6.14
N ASN A 71 10.00 27.53 -6.66
CA ASN A 71 8.83 28.39 -6.82
C ASN A 71 7.99 28.02 -8.04
N ARG A 72 8.60 27.35 -8.99
CA ARG A 72 7.89 26.79 -10.14
C ARG A 72 6.86 25.73 -9.71
N PHE A 73 7.18 25.00 -8.63
CA PHE A 73 6.23 24.15 -7.94
C PHE A 73 5.96 24.83 -6.60
N LEU A 75 6.36 24.98 -1.91
CA LEU A 75 4.88 25.08 -2.15
C LEU A 75 4.00 25.28 -0.87
N HIS A 76 4.27 24.54 0.22
CA HIS A 76 3.82 24.95 1.58
C HIS A 76 5.00 25.09 2.55
N GLU A 77 5.07 26.23 3.21
CA GLU A 77 6.20 26.60 4.07
C GLU A 77 5.89 26.17 5.50
N VAL A 78 6.85 25.48 6.12
CA VAL A 78 6.72 24.94 7.45
C VAL A 78 7.76 25.63 8.33
N ASP A 79 7.33 26.13 9.49
CA ASP A 79 8.26 26.77 10.41
C ASP A 79 8.93 25.73 11.32
N LEU A 80 10.26 25.80 11.39
CA LEU A 80 11.09 24.86 12.10
C LEU A 80 11.74 25.45 13.37
N SER A 81 11.40 26.70 13.67
CA SER A 81 12.00 27.42 14.79
C SER A 81 11.80 26.70 16.13
N GLN A 82 10.60 26.17 16.34
CA GLN A 82 10.26 25.42 17.57
C GLN A 82 10.24 23.90 17.39
N GLY A 83 10.03 23.44 16.16
CA GLY A 83 10.00 22.02 15.82
C GLY A 83 8.80 21.68 14.95
N ALA A 84 8.98 20.75 14.02
CA ALA A 84 7.92 20.35 13.11
C ALA A 84 7.97 18.87 12.87
N VAL A 85 6.81 18.25 12.80
CA VAL A 85 6.73 16.84 12.43
C VAL A 85 6.81 16.71 10.90
N LEU A 86 7.76 15.92 10.42
CA LEU A 86 7.85 15.50 9.03
C LEU A 86 7.32 14.07 8.93
N GLU A 87 6.24 13.94 8.17
CA GLU A 87 5.51 12.70 8.04
C GLU A 87 6.14 11.77 7.00
N THR A 88 5.89 10.47 7.17
CA THR A 88 6.40 9.48 6.22
C THR A 88 5.70 9.60 4.86
N GLY A 89 6.51 9.46 3.83
CA GLY A 89 6.07 9.54 2.45
C GLY A 89 6.04 10.95 1.88
N CYS A 90 6.34 11.94 2.72
CA CYS A 90 6.31 13.34 2.34
C CYS A 90 7.71 13.86 2.10
N VAL A 91 7.76 14.89 1.25
CA VAL A 91 9.02 15.43 0.77
C VAL A 91 9.15 16.88 1.20
N TYR A 92 10.29 17.17 1.80
CA TYR A 92 10.53 18.51 2.33
C TYR A 92 11.89 19.02 1.83
N ILE A 93 11.99 20.28 1.41
CA ILE A 93 13.27 20.92 1.05
C ILE A 93 13.62 21.94 2.14
N VAL A 94 14.79 21.79 2.73
CA VAL A 94 15.19 22.63 3.83
C VAL A 94 16.45 23.36 3.51
N PRO A 95 16.36 24.70 3.30
CA PRO A 95 17.57 25.51 3.20
C PRO A 95 18.42 25.30 4.44
N LEU A 96 19.72 25.04 4.27
CA LEU A 96 20.58 24.84 5.38
C LEU A 96 21.18 26.19 5.90
N MET A 97 21.69 26.15 7.13
CA MET A 97 22.30 27.32 7.79
C MET A 97 23.62 27.63 7.09
N GLU A 98 24.30 26.59 6.60
CA GLU A 98 25.61 26.71 5.98
C GLU A 98 25.59 26.92 4.47
N SER A 99 26.55 27.68 3.98
CA SER A 99 26.75 27.94 2.57
C SER A 99 28.23 27.99 2.23
N LEU A 100 28.54 28.04 0.95
CA LEU A 100 29.90 27.85 0.50
C LEU A 100 30.35 28.92 -0.47
N ALA A 101 31.67 29.07 -0.54
CA ALA A 101 32.39 29.82 -1.56
C ALA A 101 33.77 29.14 -1.57
N LEU A 102 33.87 28.05 -2.34
CA LEU A 102 35.04 27.18 -2.28
C LEU A 102 36.10 27.58 -3.30
N PRO A 103 37.37 27.23 -3.04
CA PRO A 103 38.50 27.35 -4.00
C PRO A 103 38.28 26.54 -5.28
N ALA A 104 38.76 27.05 -6.41
CA ALA A 104 38.57 26.41 -7.73
C ALA A 104 38.98 24.94 -7.77
N ASP A 105 39.93 24.56 -6.93
CA ASP A 105 40.47 23.20 -6.88
C ASP A 105 39.86 22.31 -5.79
N MET A 106 38.90 22.88 -5.02
CA MET A 106 38.24 22.19 -3.90
C MET A 106 36.79 21.88 -4.22
N SER A 107 36.42 20.60 -4.07
CA SER A 107 35.07 20.10 -4.29
C SER A 107 34.55 19.55 -2.96
N ALA A 108 33.33 19.02 -2.97
CA ALA A 108 32.75 18.34 -1.80
C ALA A 108 31.68 17.29 -2.18
N SER A 109 31.43 16.37 -1.25
CA SER A 109 30.36 15.39 -1.37
C SER A 109 29.66 15.20 0.00
N ALA A 110 28.42 14.71 -0.02
CA ALA A 110 27.60 14.67 1.20
C ALA A 110 27.02 13.29 1.42
N ASN A 111 26.88 12.91 2.68
CA ASN A 111 26.19 11.68 3.05
C ASN A 111 25.40 11.89 4.30
N PRO A 112 24.33 11.10 4.51
CA PRO A 112 23.63 11.22 5.77
C PRO A 112 24.50 10.85 6.96
N LYS A 113 24.15 11.38 8.12
CA LYS A 113 24.74 10.89 9.39
C LYS A 113 24.26 9.49 9.65
N SER A 114 25.06 8.71 10.34
CA SER A 114 24.67 7.33 10.62
C SER A 114 23.35 7.30 11.37
N SER A 115 23.16 8.15 12.37
CA SER A 115 21.84 8.25 13.08
C SER A 115 20.63 8.57 12.15
N THR A 116 20.86 9.33 11.08
CA THR A 116 19.83 9.62 10.06
C THR A 116 19.41 8.32 9.34
N GLY A 117 20.42 7.58 8.89
CA GLY A 117 20.29 6.27 8.28
C GLY A 117 19.51 5.30 9.13
N ARG A 118 19.80 5.24 10.42
CA ARG A 118 19.15 4.28 11.32
C ARG A 118 17.68 4.58 11.54
N LEU A 119 17.28 5.78 11.17
CA LEU A 119 15.91 6.21 11.30
C LEU A 119 15.19 6.11 9.96
N ASP A 120 15.91 5.60 8.96
CA ASP A 120 15.39 5.36 7.64
C ASP A 120 14.87 6.69 7.05
N ILE A 121 15.63 7.77 7.21
CA ILE A 121 15.27 9.06 6.65
C ILE A 121 16.06 9.26 5.35
N PHE A 122 15.34 9.34 4.24
CA PHE A 122 15.88 9.73 2.96
C PHE A 122 16.31 11.22 2.98
N THR A 123 17.57 11.44 2.62
CA THR A 123 18.15 12.79 2.56
C THR A 123 18.99 12.94 1.31
N ARG A 124 18.96 14.14 0.72
CA ARG A 124 19.75 14.52 -0.46
C ARG A 124 20.19 15.97 -0.29
N VAL A 125 21.50 16.20 -0.39
CA VAL A 125 22.03 17.58 -0.45
C VAL A 125 21.90 18.07 -1.88
N MET A 126 21.28 19.24 -2.06
CA MET A 126 21.21 19.89 -3.38
C MET A 126 21.95 21.24 -3.43
N THR A 127 22.63 21.50 -4.54
CA THR A 127 23.28 22.77 -4.78
C THR A 127 22.59 23.46 -5.94
N ASP A 128 22.77 24.78 -6.08
CA ASP A 128 22.36 25.46 -7.33
C ASP A 128 23.11 24.81 -8.49
N ASN A 129 22.42 24.70 -9.63
CA ASN A 129 22.92 24.13 -10.87
C ASN A 129 23.17 22.62 -10.83
N ALA A 130 22.60 21.92 -9.86
CA ALA A 130 22.93 20.52 -9.63
C ALA A 130 22.37 19.59 -10.71
N GLN A 131 23.24 18.73 -11.24
CA GLN A 131 22.80 17.61 -12.08
C GLN A 131 22.93 16.25 -11.38
N GLU A 132 23.55 16.27 -10.21
CA GLU A 132 23.59 15.15 -9.26
C GLU A 132 23.29 15.65 -7.87
N PHE A 133 22.69 14.78 -7.06
CA PHE A 133 22.60 15.08 -5.64
C PHE A 133 23.90 14.74 -4.95
N ASP A 134 24.16 15.43 -3.85
CA ASP A 134 25.23 15.09 -2.90
C ASP A 134 26.64 15.32 -3.44
N LYS A 135 26.76 16.10 -4.50
CA LYS A 135 28.06 16.44 -5.07
C LYS A 135 28.12 17.95 -5.21
N ILE A 136 29.04 18.56 -4.48
CA ILE A 136 29.36 19.97 -4.66
C ILE A 136 30.52 20.10 -5.66
N PRO A 137 30.29 20.88 -6.74
CA PRO A 137 31.35 21.04 -7.73
C PRO A 137 32.56 21.82 -7.18
N ALA A 138 33.74 21.48 -7.70
CA ALA A 138 34.95 22.27 -7.43
C ALA A 138 34.71 23.77 -7.59
N GLY A 139 35.09 24.52 -6.57
CA GLY A 139 34.98 25.96 -6.60
C GLY A 139 33.58 26.51 -6.56
N TYR A 140 32.67 25.73 -5.95
CA TYR A 140 31.25 26.08 -5.81
C TYR A 140 31.05 27.24 -4.84
N THR A 141 30.23 28.19 -5.25
CA THR A 141 29.81 29.27 -4.41
C THR A 141 28.29 29.28 -4.48
N GLY A 142 27.63 29.35 -3.34
CA GLY A 142 26.17 29.27 -3.29
C GLY A 142 25.56 28.58 -2.07
N PRO A 143 24.23 28.47 -2.05
CA PRO A 143 23.51 27.83 -0.95
C PRO A 143 23.54 26.30 -1.00
N LEU A 144 23.26 25.68 0.12
CA LEU A 144 23.06 24.24 0.23
C LEU A 144 21.64 23.96 0.74
N TYR A 145 20.96 22.97 0.18
CA TYR A 145 19.64 22.51 0.62
C TYR A 145 19.63 21.03 0.95
N LEU A 146 18.81 20.67 1.92
CA LEU A 146 18.55 19.27 2.23
C LEU A 146 17.14 18.89 1.78
N GLU A 147 17.06 17.89 0.91
CA GLU A 147 15.80 17.21 0.70
C GLU A 147 15.63 16.13 1.80
N ILE A 148 14.49 16.11 2.49
CA ILE A 148 14.22 15.11 3.51
C ILE A 148 12.90 14.36 3.25
N SER A 149 12.92 13.05 3.38
CA SER A 149 11.72 12.28 3.32
C SER A 149 11.80 11.12 4.28
N PRO A 150 11.07 11.21 5.40
CA PRO A 150 10.99 10.05 6.31
C PRO A 150 10.33 8.86 5.63
N ARG A 151 10.98 7.73 5.69
CA ARG A 151 10.54 6.52 5.05
C ARG A 151 9.75 5.61 5.99
N THR A 152 10.26 5.38 7.18
CA THR A 152 9.66 4.47 8.14
C THR A 152 9.04 5.11 9.39
N PHE A 153 9.76 6.05 9.99
CA PHE A 153 9.27 6.77 11.17
C PHE A 153 8.99 8.24 10.85
N PRO A 154 7.85 8.78 11.33
CA PRO A 154 7.70 10.20 11.34
C PRO A 154 8.69 10.87 12.34
N ILE A 155 9.11 12.08 12.00
CA ILE A 155 10.21 12.71 12.70
C ILE A 155 9.85 14.13 13.09
N VAL A 156 10.41 14.62 14.21
CA VAL A 156 10.42 16.06 14.51
C VAL A 156 11.82 16.60 14.31
N VAL A 157 11.91 17.66 13.51
CA VAL A 157 13.17 18.36 13.22
C VAL A 157 13.01 19.85 13.60
N ARG A 158 14.12 20.50 13.88
CA ARG A 158 14.06 21.95 14.11
C ARG A 158 15.26 22.63 13.53
N ARG A 159 15.27 23.95 13.63
CA ARG A 159 16.46 24.75 13.38
C ARG A 159 17.62 24.20 14.20
N GLY A 160 18.73 23.93 13.53
CA GLY A 160 19.87 23.36 14.17
C GLY A 160 19.99 21.86 13.98
N SER A 161 18.89 21.17 13.67
CA SER A 161 18.92 19.71 13.52
C SER A 161 19.95 19.31 12.47
N ARG A 162 20.76 18.34 12.83
CA ARG A 162 21.85 17.87 12.01
C ARG A 162 21.55 16.46 11.52
N LEU A 163 21.40 16.33 10.21
CA LEU A 163 21.01 15.07 9.59
C LEU A 163 22.02 14.64 8.52
N SER A 164 22.87 15.57 8.12
CA SER A 164 23.77 15.34 7.01
C SER A 164 25.13 15.93 7.26
N GLN A 165 26.10 15.50 6.47
CA GLN A 165 27.46 15.94 6.62
C GLN A 165 28.20 16.05 5.30
N ILE A 166 29.17 16.94 5.28
CA ILE A 166 29.89 17.25 4.06
C ILE A 166 31.40 17.09 4.25
N ARG A 167 31.99 16.41 3.28
CA ARG A 167 33.40 16.16 3.21
C ARG A 167 34.00 16.93 2.04
N PHE A 168 34.95 17.81 2.35
CA PHE A 168 35.65 18.61 1.37
C PHE A 168 36.94 17.90 0.96
N ARG A 169 37.36 18.15 -0.28
CA ARG A 169 38.52 17.49 -0.86
C ARG A 169 39.14 18.26 -2.04
N ILE A 170 40.41 17.98 -2.28
CA ILE A 170 41.18 18.59 -3.37
C ILE A 170 41.64 17.45 -4.23
N GLY A 171 41.23 17.44 -5.49
CA GLY A 171 41.40 16.25 -6.33
C GLY A 171 40.74 15.02 -5.70
N HIS A 172 41.03 13.85 -6.23
CA HIS A 172 40.36 12.64 -5.76
C HIS A 172 41.35 11.52 -5.50
N ALA A 173 41.94 11.54 -4.31
CA ALA A 173 43.08 10.69 -3.93
C ALA A 173 42.68 9.33 -3.36
N LEU A 174 41.95 8.54 -4.14
CA LEU A 174 41.53 7.21 -3.71
C LEU A 174 42.72 6.26 -3.68
N LEU A 175 42.55 5.14 -2.97
CA LEU A 175 43.44 4.01 -3.06
C LEU A 175 42.82 3.02 -4.04
N ASN A 176 43.62 2.51 -4.97
CA ASN A 176 43.20 1.39 -5.81
C ASN A 176 43.44 0.05 -5.08
N GLU A 177 43.12 -1.06 -5.74
CA GLU A 177 43.27 -2.40 -5.17
C GLU A 177 44.64 -2.64 -4.54
N SER A 178 45.65 -1.97 -5.11
CA SER A 178 47.05 -2.13 -4.71
C SER A 178 47.37 -1.56 -3.33
N GLU A 179 47.09 -0.27 -3.16
CA GLU A 179 47.47 0.46 -1.93
C GLU A 179 46.61 0.03 -0.75
N VAL A 180 45.37 -0.37 -1.03
CA VAL A 180 44.47 -0.90 0.00
C VAL A 180 45.05 -2.17 0.63
N LEU A 181 45.45 -3.11 -0.23
CA LEU A 181 46.11 -4.36 0.18
C LEU A 181 47.46 -4.10 0.88
N LYS A 182 48.23 -3.12 0.36
CA LYS A 182 49.48 -2.66 1.00
C LYS A 182 49.28 -2.07 2.41
N LEU A 183 48.34 -1.14 2.51
CA LEU A 183 48.05 -0.45 3.75
C LEU A 183 47.45 -1.43 4.78
N HIS A 184 46.81 -2.49 4.30
CA HIS A 184 46.37 -3.56 5.17
C HIS A 184 47.54 -4.25 5.86
N GLU A 185 48.64 -4.41 5.10
CA GLU A 185 49.85 -5.10 5.60
C GLU A 185 50.51 -4.33 6.76
N THR A 186 50.93 -3.10 6.49
CA THR A 186 51.42 -2.20 7.54
C THR A 186 50.42 -2.04 8.70
N GLU A 187 49.20 -1.56 8.41
CA GLU A 187 48.13 -1.35 9.42
C GLU A 187 46.90 -2.18 9.06
N THR A 188 46.45 -3.03 9.98
CA THR A 188 45.39 -4.04 9.70
C THR A 188 44.01 -3.40 9.45
N LEU A 189 43.52 -3.46 8.22
CA LEU A 189 42.21 -2.91 7.85
C LEU A 189 41.04 -3.85 8.17
N VAL A 190 41.32 -5.11 8.53
CA VAL A 190 40.29 -6.07 9.02
C VAL A 190 40.82 -7.01 10.11
N ALA A 191 39.94 -7.44 11.02
CA ALA A 191 40.32 -8.31 12.15
C ALA A 191 40.09 -9.79 11.84
N PRO A 195 40.79 -11.40 2.25
CA PRO A 195 40.08 -10.13 2.38
C PRO A 195 39.82 -9.45 1.03
N ASN A 196 38.61 -9.60 0.49
CA ASN A 196 38.24 -9.10 -0.85
C ASN A 196 38.48 -7.63 -1.10
N VAL A 197 39.44 -7.31 -1.97
CA VAL A 197 39.84 -5.93 -2.22
C VAL A 197 39.57 -5.50 -3.67
N THR A 198 38.32 -5.68 -4.10
CA THR A 198 37.90 -5.30 -5.45
C THR A 198 37.92 -3.78 -5.71
N GLY A 201 38.20 -1.05 -2.85
CA GLY A 201 37.91 -1.15 -1.42
C GLY A 201 37.59 -2.57 -0.94
N ILE A 202 37.63 -2.78 0.37
CA ILE A 202 37.44 -4.12 0.95
C ILE A 202 35.96 -4.51 1.06
N ALA A 203 35.64 -5.78 0.79
CA ALA A 203 34.26 -6.25 0.89
C ALA A 203 33.84 -6.39 2.34
N LEU A 204 32.55 -6.18 2.60
CA LEU A 204 31.98 -6.33 3.92
C LEU A 204 30.76 -7.23 3.80
N SER A 205 30.64 -8.18 4.70
CA SER A 205 29.59 -9.16 4.65
C SER A 205 28.78 -9.16 5.93
N ILE A 206 27.63 -9.80 5.88
CA ILE A 206 26.62 -9.70 6.90
C ILE A 206 26.71 -10.87 7.91
N ASP A 207 26.54 -10.56 9.20
CA ASP A 207 26.56 -11.53 10.27
C ASP A 207 25.16 -11.84 10.76
N LEU A 208 24.60 -12.90 10.20
CA LEU A 208 23.30 -13.41 10.64
C LEU A 208 23.42 -14.60 11.61
N LYS A 209 24.59 -14.76 12.23
CA LYS A 209 24.78 -15.83 13.17
C LYS A 209 24.31 -15.52 14.60
N GLY A 210 24.79 -14.43 15.17
CA GLY A 210 24.24 -13.96 16.45
C GLY A 210 25.23 -13.27 17.34
N PHE A 211 24.69 -12.59 18.35
CA PHE A 211 25.48 -11.92 19.39
C PHE A 211 24.87 -12.19 20.77
N GLY A 212 25.74 -12.53 21.72
CA GLY A 212 25.36 -12.77 23.11
C GLY A 212 24.41 -13.94 23.31
N GLU A 213 23.66 -13.90 24.42
CA GLU A 213 22.83 -15.01 24.90
C GLU A 213 21.62 -15.32 23.99
N ASN A 214 20.82 -14.30 23.68
CA ASN A 214 19.58 -14.52 22.92
C ASN A 214 19.82 -14.77 21.43
N GLY A 215 21.01 -14.42 20.95
CA GLY A 215 21.36 -14.54 19.54
C GLY A 215 20.85 -13.36 18.72
N LEU A 216 21.06 -12.15 19.22
CA LEU A 216 20.53 -10.93 18.58
C LEU A 216 21.25 -10.61 17.28
N ILE A 217 20.46 -10.54 16.22
CA ILE A 217 20.97 -10.30 14.88
C ILE A 217 20.92 -8.80 14.53
N GLY A 218 19.86 -8.16 15.00
CA GLY A 218 19.62 -6.78 14.74
C GLY A 218 18.17 -6.42 14.95
N TYR A 219 17.77 -5.39 14.24
CA TYR A 219 16.48 -4.76 14.43
C TYR A 219 15.70 -4.55 13.12
N ARG A 220 14.42 -4.82 13.21
CA ARG A 220 13.45 -4.41 12.24
C ARG A 220 12.68 -3.19 12.73
N GLY A 221 12.59 -2.20 11.87
CA GLY A 221 11.74 -1.06 12.13
C GLY A 221 10.30 -1.49 12.26
N LYS A 222 9.60 -0.95 13.24
CA LYS A 222 8.21 -1.20 13.43
C LYS A 222 7.47 -0.32 12.43
N HIS A 223 6.40 -0.88 11.85
CA HIS A 223 5.67 -0.21 10.76
C HIS A 223 4.71 0.81 11.25
N HIS A 224 4.43 0.80 12.54
CA HIS A 224 3.50 1.79 13.10
C HIS A 224 4.04 2.30 14.44
N THR A 225 4.34 3.60 14.52
CA THR A 225 5.04 4.19 15.68
C THR A 225 4.62 5.61 15.95
N ALA A 226 4.96 6.10 17.13
CA ALA A 226 5.00 7.53 17.39
C ALA A 226 6.14 8.27 16.61
N VAL A 227 6.25 9.55 16.88
CA VAL A 227 7.17 10.41 16.16
C VAL A 227 8.50 10.39 16.92
N VAL A 228 9.60 10.40 16.18
CA VAL A 228 10.93 10.41 16.73
C VAL A 228 11.53 11.80 16.57
N ASP A 229 11.89 12.41 17.70
CA ASP A 229 12.68 13.67 17.73
C ASP A 229 14.15 13.40 17.40
N VAL A 230 14.59 13.95 16.26
CA VAL A 230 15.91 13.65 15.79
C VAL A 230 17.00 14.25 16.68
N ASP A 231 16.65 15.27 17.47
CA ASP A 231 17.58 15.86 18.44
C ASP A 231 17.63 15.17 19.81
N LYS A 232 16.65 14.31 20.11
CA LYS A 232 16.41 13.68 21.40
C LYS A 232 15.96 12.23 21.21
N LYS A 233 16.70 11.48 20.42
CA LYS A 233 16.32 10.11 20.09
C LYS A 233 16.27 9.24 21.35
N ALA A 234 17.10 9.57 22.37
CA ALA A 234 17.22 8.82 23.63
C ALA A 234 16.02 8.92 24.57
N GLN A 235 15.13 9.88 24.33
CA GLN A 235 13.85 9.93 25.05
C GLN A 235 12.94 8.74 24.74
N HIS A 236 13.28 7.98 23.70
CA HIS A 236 12.47 6.91 23.19
C HIS A 236 12.99 5.56 23.67
N ASP A 237 12.05 4.74 24.12
CA ASP A 237 12.35 3.37 24.50
C ASP A 237 12.54 2.60 23.16
N VAL A 238 13.59 1.79 23.05
CA VAL A 238 13.87 1.05 21.80
C VAL A 238 12.73 0.13 21.27
N LEU A 239 11.98 -0.48 22.17
CA LEU A 239 10.94 -1.45 21.80
C LEU A 239 9.63 -0.78 21.33
N ASP A 240 9.54 0.53 21.47
CA ASP A 240 8.40 1.26 20.92
C ASP A 240 8.56 1.53 19.40
N PHE A 241 9.79 1.38 18.89
CA PHE A 241 10.14 1.68 17.51
C PHE A 241 10.84 0.54 16.74
N TRP A 242 11.41 -0.41 17.45
CA TRP A 242 12.22 -1.48 16.87
C TRP A 242 11.76 -2.83 17.35
N GLU A 243 11.86 -3.80 16.46
CA GLU A 243 11.66 -5.22 16.80
C GLU A 243 13.00 -5.91 16.72
N PRO A 244 13.52 -6.36 17.85
CA PRO A 244 14.79 -7.13 17.84
C PRO A 244 14.63 -8.48 17.15
N LEU A 245 15.67 -8.87 16.42
CA LEU A 245 15.68 -10.07 15.60
C LEU A 245 16.73 -11.03 16.12
N PHE A 246 16.31 -12.29 16.25
CA PHE A 246 17.12 -13.30 16.93
C PHE A 246 17.49 -14.43 16.00
N ALA A 247 18.61 -15.08 16.30
CA ALA A 247 19.01 -16.28 15.57
C ALA A 247 18.03 -17.44 15.85
N ARG A 248 17.75 -18.19 14.78
CA ARG A 248 17.15 -19.53 14.90
C ARG A 248 17.43 -20.27 13.59
N GLY A 249 17.73 -21.57 13.69
CA GLY A 249 17.93 -22.42 12.51
C GLY A 249 19.08 -22.00 11.61
N ARG A 250 18.80 -21.95 10.31
CA ARG A 250 19.74 -21.47 9.29
C ARG A 250 20.07 -19.97 9.51
N ALA A 251 21.34 -19.62 9.28
CA ALA A 251 21.83 -18.28 9.52
C ALA A 251 21.40 -17.43 8.32
N GLU A 252 20.15 -17.01 8.35
CA GLU A 252 19.48 -16.42 7.22
C GLU A 252 18.32 -15.52 7.68
N LEU A 253 18.07 -14.45 6.91
CA LEU A 253 17.03 -13.50 7.21
C LEU A 253 16.30 -13.13 5.93
N ILE A 254 14.97 -13.29 5.93
CA ILE A 254 14.18 -12.84 4.80
C ILE A 254 13.96 -11.30 4.83
N LEU A 255 14.58 -10.60 3.87
CA LEU A 255 14.37 -9.19 3.67
C LEU A 255 13.09 -9.04 2.85
N ASP A 256 12.02 -8.62 3.50
CA ASP A 256 10.78 -8.35 2.79
C ASP A 256 10.70 -6.85 2.40
N PRO A 257 10.02 -6.54 1.28
CA PRO A 257 10.15 -5.23 0.56
C PRO A 257 9.90 -3.87 1.29
N ASP A 258 8.87 -3.78 2.12
CA ASP A 258 8.56 -2.52 2.77
C ASP A 258 9.14 -2.48 4.19
N GLU A 259 10.17 -3.29 4.44
CA GLU A 259 10.82 -3.40 5.73
C GLU A 259 12.24 -2.84 5.72
N PHE A 260 12.69 -2.46 6.90
CA PHE A 260 13.97 -1.79 7.11
C PHE A 260 14.73 -2.50 8.23
N TYR A 261 16.01 -2.78 7.99
CA TYR A 261 16.81 -3.55 8.93
C TYR A 261 18.12 -2.87 9.36
N ILE A 262 18.41 -2.98 10.65
CA ILE A 262 19.72 -2.63 11.18
C ILE A 262 20.42 -3.92 11.54
N LEU A 263 21.54 -4.11 10.90
CA LEU A 263 22.28 -5.30 10.96
C LEU A 263 23.74 -4.89 11.04
N VAL A 264 24.61 -5.88 11.23
CA VAL A 264 26.01 -5.63 11.50
C VAL A 264 26.90 -6.52 10.65
N SER A 265 28.07 -6.03 10.28
CA SER A 265 29.00 -6.79 9.47
C SER A 265 29.81 -7.80 10.30
N ARG A 266 30.16 -8.92 9.68
CA ARG A 266 31.13 -9.91 10.23
C ARG A 266 32.53 -9.33 10.38
N GLU A 267 32.96 -8.55 9.40
CA GLU A 267 34.25 -7.85 9.47
C GLU A 267 34.26 -6.75 10.55
N ALA A 268 35.29 -6.79 11.41
CA ALA A 268 35.64 -5.69 12.28
C ALA A 268 36.66 -4.88 11.50
N VAL A 269 36.40 -3.59 11.32
CA VAL A 269 37.16 -2.79 10.36
C VAL A 269 37.90 -1.62 11.02
N HIS A 270 38.96 -1.18 10.35
CA HIS A 270 39.83 -0.10 10.82
C HIS A 270 40.09 0.91 9.70
N VAL A 271 40.01 2.20 10.06
CA VAL A 271 40.42 3.27 9.18
C VAL A 271 41.59 3.95 9.88
N PRO A 272 42.77 4.04 9.23
CA PRO A 272 43.93 4.68 9.86
C PRO A 272 44.00 6.21 9.72
N PRO A 273 44.56 6.92 10.73
CA PRO A 273 44.72 8.38 10.84
C PRO A 273 44.91 9.23 9.58
N LEU A 274 45.75 8.76 8.66
CA LEU A 274 45.99 9.49 7.41
C LEU A 274 45.00 9.09 6.28
N TYR A 275 43.92 8.40 6.64
CA TYR A 275 42.92 7.97 5.66
C TYR A 275 41.49 8.23 6.13
N ALA A 276 40.58 8.41 5.17
CA ALA A 276 39.15 8.37 5.42
C ALA A 276 38.55 7.23 4.57
N ALA A 277 37.37 6.75 4.96
CA ALA A 277 36.68 5.71 4.20
C ALA A 277 35.20 6.05 3.97
N GLU A 278 34.56 5.22 3.17
CA GLU A 278 33.16 5.40 2.82
C GLU A 278 32.54 4.09 2.35
N MET A 279 31.48 3.70 3.05
CA MET A 279 30.65 2.56 2.66
C MET A 279 29.94 2.81 1.34
N THR A 280 30.06 1.85 0.44
CA THR A 280 29.45 1.96 -0.89
C THR A 280 28.66 0.68 -1.19
N PRO A 281 27.54 0.80 -1.93
CA PRO A 281 26.77 -0.39 -2.29
C PRO A 281 27.54 -1.40 -3.17
N PHE A 282 27.32 -2.69 -2.89
CA PHE A 282 27.90 -3.80 -3.67
C PHE A 282 27.11 -3.93 -4.97
N ASP A 283 27.68 -3.39 -6.05
CA ASP A 283 26.96 -3.25 -7.33
C ASP A 283 26.33 -4.51 -7.91
N PRO A 284 27.07 -5.65 -7.92
CA PRO A 284 26.47 -6.94 -8.30
C PRO A 284 25.04 -7.20 -7.77
N LEU A 285 24.78 -7.01 -6.47
CA LEU A 285 23.45 -7.28 -5.85
C LEU A 285 22.53 -6.04 -5.72
N VAL A 286 22.81 -4.95 -6.46
CA VAL A 286 21.96 -3.74 -6.47
C VAL A 286 20.48 -4.05 -6.66
N GLY A 287 20.20 -4.87 -7.67
CA GLY A 287 18.84 -5.24 -8.00
C GLY A 287 18.18 -6.18 -7.01
N GLU A 288 18.98 -6.77 -6.14
CA GLU A 288 18.50 -7.73 -5.12
C GLU A 288 18.19 -7.03 -3.80
N PHE A 289 19.21 -6.44 -3.21
CA PHE A 289 19.08 -5.71 -1.96
C PHE A 289 20.12 -4.59 -1.98
N ARG A 290 19.91 -3.56 -1.17
CA ARG A 290 20.90 -2.50 -1.07
C ARG A 290 21.24 -2.22 0.40
N VAL A 291 22.50 -1.91 0.68
CA VAL A 291 22.81 -1.09 1.86
C VAL A 291 22.32 0.33 1.57
N HIS A 292 21.45 0.83 2.43
CA HIS A 292 21.00 2.22 2.36
C HIS A 292 21.83 3.09 3.32
N TYR A 293 21.80 4.41 3.08
CA TYR A 293 22.32 5.43 3.99
C TYR A 293 23.83 5.30 4.22
N ALA A 294 24.49 4.73 3.21
CA ALA A 294 25.92 4.52 3.24
C ALA A 294 26.60 5.86 3.41
N GLY A 295 27.36 6.01 4.50
CA GLY A 295 27.99 7.27 4.86
C GLY A 295 29.50 7.26 5.00
N PHE A 296 30.00 8.25 5.73
CA PHE A 296 31.43 8.47 5.93
C PHE A 296 32.00 7.73 7.15
N PHE A 297 33.20 7.19 6.97
CA PHE A 297 34.02 6.65 8.07
C PHE A 297 35.14 7.64 8.38
N ASP A 298 35.26 8.02 9.64
CA ASP A 298 36.33 8.93 10.06
C ASP A 298 37.68 8.22 10.24
N PRO A 299 38.76 8.97 10.04
CA PRO A 299 40.09 8.46 10.35
C PRO A 299 40.19 8.13 11.82
N GLY A 300 40.63 6.92 12.12
CA GLY A 300 40.70 6.43 13.48
C GLY A 300 39.48 5.64 13.90
N PHE A 301 38.73 5.14 12.91
CA PHE A 301 37.62 4.24 13.20
C PHE A 301 38.20 2.87 13.56
N GLY A 302 37.80 2.33 14.71
CA GLY A 302 38.36 1.09 15.25
C GLY A 302 39.86 1.14 15.60
N HIS A 303 40.25 2.07 16.47
CA HIS A 303 41.66 2.26 16.87
C HIS A 303 42.03 1.39 18.09
N THR A 309 42.94 -3.16 16.58
CA THR A 309 41.91 -4.18 16.73
C THR A 309 40.89 -4.16 15.57
N GLY A 310 40.13 -3.08 15.47
CA GLY A 310 39.04 -2.94 14.50
C GLY A 310 37.66 -2.92 15.11
N SER A 311 36.68 -2.44 14.35
CA SER A 311 35.28 -2.37 14.81
C SER A 311 34.27 -2.74 13.71
N ARG A 312 33.16 -3.35 14.12
CA ARG A 312 32.12 -3.76 13.19
C ARG A 312 31.33 -2.56 12.64
N ALA A 313 30.99 -2.62 11.35
CA ALA A 313 30.14 -1.64 10.67
C ALA A 313 28.69 -2.00 10.90
N VAL A 314 27.93 -1.05 11.44
CA VAL A 314 26.48 -1.12 11.53
C VAL A 314 25.91 -0.74 10.15
N LEU A 315 25.02 -1.58 9.63
CA LEU A 315 24.56 -1.49 8.24
C LEU A 315 23.04 -1.47 8.16
N GLU A 316 22.51 -0.60 7.30
CA GLU A 316 21.10 -0.54 6.99
C GLU A 316 20.81 -1.28 5.71
N VAL A 317 19.82 -2.17 5.73
CA VAL A 317 19.49 -3.01 4.57
C VAL A 317 18.01 -2.97 4.21
N ARG A 318 17.77 -2.89 2.91
CA ARG A 318 16.45 -3.05 2.32
C ARG A 318 16.54 -3.97 1.09
N SER A 319 15.38 -4.50 0.67
CA SER A 319 15.29 -5.27 -0.56
C SER A 319 14.41 -4.53 -1.57
N HIS A 320 14.69 -4.72 -2.85
CA HIS A 320 14.01 -3.98 -3.91
C HIS A 320 12.88 -4.80 -4.51
N GLU A 321 11.75 -4.83 -3.81
CA GLU A 321 10.45 -5.03 -4.45
C GLU A 321 10.09 -6.51 -4.53
N VAL A 322 11.11 -7.36 -4.63
CA VAL A 322 10.95 -8.79 -4.34
C VAL A 322 11.70 -9.17 -3.07
N PRO A 323 11.06 -9.98 -2.23
CA PRO A 323 11.69 -10.50 -1.04
C PRO A 323 12.92 -11.35 -1.34
N PHE A 324 13.92 -11.25 -0.47
CA PHE A 324 15.20 -11.88 -0.66
C PHE A 324 15.71 -12.49 0.63
N ILE A 325 16.12 -13.76 0.57
CA ILE A 325 16.75 -14.46 1.69
C ILE A 325 18.20 -14.08 1.73
N LEU A 326 18.53 -13.11 2.58
CA LEU A 326 19.88 -12.75 2.88
C LEU A 326 20.51 -13.85 3.76
N GLU A 327 21.76 -14.21 3.48
CA GLU A 327 22.38 -15.33 4.15
C GLU A 327 23.72 -14.89 4.72
N HIS A 328 24.01 -15.43 5.90
CA HIS A 328 25.26 -15.18 6.63
C HIS A 328 26.42 -15.30 5.68
N GLY A 329 27.34 -14.34 5.74
CA GLY A 329 28.46 -14.26 4.80
C GLY A 329 28.24 -13.49 3.50
N GLN A 330 26.98 -13.24 3.16
CA GLN A 330 26.64 -12.51 1.92
C GLN A 330 27.28 -11.13 1.93
N ILE A 331 28.02 -10.83 0.86
CA ILE A 331 28.61 -9.51 0.64
C ILE A 331 27.51 -8.50 0.31
N VAL A 332 27.55 -7.41 1.08
CA VAL A 332 26.55 -6.35 1.05
C VAL A 332 27.15 -4.97 0.76
N GLY A 333 28.46 -4.80 0.90
CA GLY A 333 29.06 -3.51 0.61
C GLY A 333 30.55 -3.51 0.37
N ARG A 334 31.06 -2.32 0.04
CA ARG A 334 32.50 -2.09 -0.14
C ARG A 334 32.91 -0.85 0.68
N LEU A 335 34.05 -0.93 1.36
CA LEU A 335 34.55 0.22 2.10
C LEU A 335 35.74 0.77 1.34
N VAL A 336 35.56 1.96 0.76
CA VAL A 336 36.54 2.58 -0.12
C VAL A 336 37.37 3.64 0.63
N TYR A 337 38.70 3.56 0.49
CA TYR A 337 39.65 4.37 1.26
C TYR A 337 40.19 5.54 0.44
N GLU A 338 40.30 6.69 1.09
CA GLU A 338 40.81 7.90 0.46
C GLU A 338 41.82 8.56 1.38
N HIS A 339 42.84 9.17 0.79
CA HIS A 339 43.89 9.86 1.53
C HIS A 339 43.39 11.15 2.18
N MET A 340 43.82 11.41 3.41
CA MET A 340 43.73 12.74 4.04
C MET A 340 44.88 13.64 3.56
N LEU A 341 44.62 14.94 3.44
CA LEU A 341 45.70 15.90 3.18
C LEU A 341 46.70 15.91 4.36
N GLU A 342 46.17 15.94 5.57
CA GLU A 342 46.97 15.84 6.77
C GLU A 342 46.30 14.93 7.79
N LYS A 343 46.93 14.77 8.94
CA LYS A 343 46.31 14.18 10.13
C LYS A 343 45.26 15.18 10.65
N PRO A 344 44.10 14.69 11.15
CA PRO A 344 43.22 15.56 11.92
C PRO A 344 43.75 15.82 13.34
N GLU A 345 43.30 16.91 13.95
CA GLU A 345 43.83 17.38 15.25
C GLU A 345 43.15 16.73 16.45
N ARG B 8 -45.71 21.03 15.83
CA ARG B 8 -44.83 19.88 16.23
C ARG B 8 -44.21 20.18 17.58
N THR B 9 -44.11 19.17 18.44
CA THR B 9 -43.24 19.27 19.61
C THR B 9 -42.02 18.33 19.60
N THR B 10 -41.89 17.53 18.54
CA THR B 10 -40.67 16.76 18.28
C THR B 10 -40.18 16.97 16.84
N GLY B 11 -38.87 17.11 16.67
CA GLY B 11 -38.25 17.18 15.34
C GLY B 11 -36.89 17.86 15.33
N ILE B 12 -36.44 18.25 14.15
CA ILE B 12 -35.16 18.92 13.96
C ILE B 12 -35.33 20.43 14.11
N LEU B 13 -34.41 21.06 14.82
CA LEU B 13 -34.34 22.51 14.91
C LEU B 13 -33.91 23.14 13.58
N ALA B 14 -34.75 24.06 13.09
CA ALA B 14 -34.41 24.87 11.93
C ALA B 14 -33.38 25.94 12.31
N ASP B 15 -32.78 26.59 11.32
CA ASP B 15 -31.84 27.70 11.56
C ASP B 15 -32.30 28.83 12.53
N GLY B 16 -33.60 29.12 12.58
CA GLY B 16 -34.12 30.16 13.45
C GLY B 16 -33.92 29.76 14.89
N ALA B 17 -34.32 28.54 15.19
CA ALA B 17 -34.07 27.90 16.47
C ALA B 17 -32.58 27.78 16.80
N ILE B 18 -31.75 27.40 15.84
CA ILE B 18 -30.32 27.28 16.08
C ILE B 18 -29.78 28.67 16.48
N ARG B 19 -30.21 29.68 15.75
CA ARG B 19 -29.85 31.05 16.07
C ARG B 19 -30.38 31.50 17.44
N ALA B 20 -31.61 31.11 17.80
CA ALA B 20 -32.19 31.38 19.12
C ALA B 20 -31.37 30.73 20.23
N LEU B 21 -30.91 29.49 20.00
CA LEU B 21 -29.98 28.78 20.89
C LEU B 21 -28.68 29.53 21.13
N PHE B 22 -28.17 30.17 20.10
CA PHE B 22 -26.97 30.98 20.26
C PHE B 22 -27.28 32.28 21.05
N ALA B 23 -28.43 32.87 20.77
CA ALA B 23 -28.86 34.11 21.43
C ALA B 23 -29.19 33.88 22.90
N GLY B 24 -29.59 32.66 23.26
CA GLY B 24 -29.83 32.31 24.65
C GLY B 24 -28.69 31.54 25.29
N ASP B 25 -27.50 31.63 24.70
CA ASP B 25 -26.28 30.92 25.18
C ASP B 25 -26.41 29.39 25.48
N LYS B 26 -27.28 28.67 24.77
CA LYS B 26 -27.33 27.20 24.90
C LYS B 26 -26.35 26.53 23.91
N LEU B 27 -25.89 27.33 22.95
CA LEU B 27 -24.85 26.99 22.01
C LEU B 27 -23.88 28.20 21.99
N LYS B 28 -22.60 27.94 22.24
CA LYS B 28 -21.62 29.00 22.33
C LYS B 28 -20.57 28.86 21.26
N SER B 29 -19.84 29.95 21.03
CA SER B 29 -18.69 29.94 20.13
C SER B 29 -17.66 30.96 20.55
N GLU B 30 -16.41 30.74 20.13
CA GLU B 30 -15.30 31.66 20.42
C GLU B 30 -15.42 32.98 19.68
N ALA B 31 -16.26 33.04 18.65
CA ALA B 31 -16.50 34.27 17.90
C ALA B 31 -17.91 34.29 17.32
N ASP B 32 -18.30 35.44 16.77
CA ASP B 32 -19.58 35.55 16.09
C ASP B 32 -19.61 34.49 15.02
N LEU B 33 -20.77 33.88 14.78
CA LEU B 33 -20.93 32.90 13.73
C LEU B 33 -20.62 33.52 12.37
N ASP B 34 -20.21 32.70 11.40
CA ASP B 34 -20.14 33.13 9.99
C ASP B 34 -21.57 33.44 9.53
N VAL B 35 -21.73 34.41 8.62
CA VAL B 35 -23.07 34.75 8.11
C VAL B 35 -23.77 33.51 7.57
N ASP B 36 -22.99 32.63 6.93
CA ASP B 36 -23.51 31.43 6.29
C ASP B 36 -23.25 30.14 7.08
N GLN B 37 -23.05 30.28 8.39
CA GLN B 37 -22.67 29.14 9.23
C GLN B 37 -23.84 28.25 9.60
N VAL B 38 -25.01 28.87 9.75
CA VAL B 38 -26.24 28.15 10.09
C VAL B 38 -26.95 27.74 8.80
N GLN B 39 -27.10 26.45 8.63
CA GLN B 39 -27.76 25.89 7.48
C GLN B 39 -29.23 25.76 7.88
N PRO B 40 -30.12 25.48 6.90
CA PRO B 40 -31.54 25.27 7.16
C PRO B 40 -31.89 24.29 8.31
N ALA B 41 -31.15 23.18 8.45
CA ALA B 41 -31.43 22.16 9.49
C ALA B 41 -30.16 21.59 10.19
N SER B 42 -29.10 22.42 10.24
CA SER B 42 -27.82 22.07 10.87
C SER B 42 -26.94 23.30 11.00
N LEU B 43 -25.85 23.16 11.72
CA LEU B 43 -24.83 24.17 11.86
C LEU B 43 -23.43 23.62 11.57
N ASP B 44 -22.73 24.28 10.66
CA ASP B 44 -21.28 24.11 10.47
C ASP B 44 -20.48 24.41 11.74
N LEU B 45 -19.48 23.56 11.95
CA LEU B 45 -18.57 23.65 13.07
C LEU B 45 -17.20 24.10 12.54
N ARG B 46 -16.55 24.95 13.29
CA ARG B 46 -15.30 25.54 12.91
C ARG B 46 -14.19 25.06 13.80
N LEU B 47 -13.04 24.82 13.20
CA LEU B 47 -11.79 24.54 13.90
C LEU B 47 -11.31 25.71 14.73
N GLY B 48 -10.81 25.35 15.91
CA GLY B 48 -10.07 26.25 16.77
C GLY B 48 -8.64 26.48 16.27
N SER B 49 -7.80 27.04 17.14
CA SER B 49 -6.42 27.45 16.84
C SER B 49 -5.31 26.39 16.99
N LYS B 50 -5.63 25.23 17.58
CA LYS B 50 -4.64 24.19 17.86
C LYS B 50 -5.16 22.86 17.28
N ALA B 51 -4.28 22.12 16.63
CA ALA B 51 -4.50 20.71 16.30
C ALA B 51 -3.50 19.83 17.06
N TYR B 52 -3.97 18.67 17.49
CA TYR B 52 -3.14 17.72 18.16
C TYR B 52 -2.96 16.49 17.31
N ARG B 53 -1.71 16.23 16.97
CA ARG B 53 -1.36 15.09 16.20
C ARG B 53 -1.25 13.89 17.16
N VAL B 54 -1.99 12.85 16.83
CA VAL B 54 -2.09 11.67 17.69
C VAL B 54 -1.64 10.43 16.93
N ARG B 55 -1.23 9.44 17.71
CA ARG B 55 -0.79 8.14 17.25
C ARG B 55 -2.02 7.32 16.84
N ALA B 56 -3.12 7.50 17.56
CA ALA B 56 -4.35 6.80 17.26
C ALA B 56 -5.59 7.54 17.74
N SER B 57 -6.68 7.34 17.02
CA SER B 57 -8.04 7.60 17.51
C SER B 57 -8.41 6.77 18.77
N PHE B 58 -9.29 7.33 19.57
CA PHE B 58 -9.66 6.78 20.86
C PHE B 58 -11.09 7.14 21.20
N MET B 59 -11.70 6.36 22.07
CA MET B 59 -13.01 6.69 22.61
C MET B 59 -12.79 7.21 24.05
N PRO B 60 -13.27 8.43 24.33
CA PRO B 60 -12.99 8.99 25.65
C PRO B 60 -13.43 8.05 26.77
N GLY B 61 -14.68 7.60 26.67
CA GLY B 61 -15.29 6.73 27.67
C GLY B 61 -15.99 7.52 28.76
N PRO B 62 -16.80 6.81 29.58
CA PRO B 62 -17.60 7.32 30.69
C PRO B 62 -16.79 8.06 31.76
N GLY B 63 -17.28 9.23 32.16
CA GLY B 63 -16.57 10.09 33.08
C GLY B 63 -15.14 10.45 32.68
N THR B 64 -14.89 10.57 31.37
CA THR B 64 -13.59 11.02 30.87
C THR B 64 -13.73 12.25 29.98
N ARG B 65 -13.05 13.33 30.36
CA ARG B 65 -12.92 14.51 29.51
C ARG B 65 -11.97 14.23 28.35
N VAL B 66 -12.31 14.75 27.17
CA VAL B 66 -11.45 14.57 25.99
C VAL B 66 -10.04 15.11 26.27
N ILE B 67 -9.97 16.25 26.97
CA ILE B 67 -8.70 16.89 27.31
C ILE B 67 -7.80 16.03 28.21
N ASP B 68 -8.38 15.19 29.08
CA ASP B 68 -7.60 14.27 29.89
C ASP B 68 -6.91 13.18 29.08
N LYS B 69 -7.67 12.49 28.24
CA LYS B 69 -7.10 11.49 27.36
C LYS B 69 -5.95 12.05 26.48
N LEU B 70 -6.20 13.20 25.85
CA LEU B 70 -5.16 13.97 25.18
C LEU B 70 -3.90 14.15 26.03
N ASN B 71 -4.05 14.69 27.23
CA ASN B 71 -2.94 14.86 28.18
C ASN B 71 -2.30 13.55 28.66
N ARG B 72 -2.99 12.43 28.44
CA ARG B 72 -2.45 11.10 28.75
C ARG B 72 -1.56 10.56 27.61
N PHE B 73 -1.56 11.26 26.48
CA PHE B 73 -0.76 10.89 25.33
C PHE B 73 0.32 11.94 25.21
N LEU B 75 1.88 12.83 20.62
CA LEU B 75 1.30 14.11 20.89
C LEU B 75 2.17 15.32 20.46
N HIS B 76 1.93 15.78 19.23
CA HIS B 76 2.51 17.03 18.74
C HIS B 76 1.38 18.06 18.55
N GLU B 77 1.63 19.26 19.03
CA GLU B 77 0.71 20.36 18.88
C GLU B 77 1.02 21.12 17.61
N VAL B 78 0.00 21.37 16.82
CA VAL B 78 0.10 22.10 15.57
C VAL B 78 -0.74 23.39 15.67
N ASP B 79 -0.16 24.51 15.30
CA ASP B 79 -0.87 25.76 15.33
C ASP B 79 -1.61 25.97 14.02
N LEU B 80 -2.90 26.24 14.12
CA LEU B 80 -3.73 26.49 12.93
C LEU B 80 -4.05 27.96 12.69
N SER B 81 -3.41 28.85 13.44
CA SER B 81 -3.66 30.30 13.27
C SER B 81 -3.46 30.80 11.84
N GLN B 82 -2.50 30.24 11.11
CA GLN B 82 -2.27 30.59 9.70
C GLN B 82 -2.71 29.49 8.74
N GLY B 83 -2.42 28.23 9.09
CA GLY B 83 -2.67 27.13 8.19
C GLY B 83 -1.67 26.03 8.33
N ALA B 84 -2.16 24.82 8.55
CA ALA B 84 -1.32 23.65 8.68
C ALA B 84 -1.75 22.62 7.68
N VAL B 85 -0.79 21.89 7.15
CA VAL B 85 -1.04 20.72 6.34
C VAL B 85 -1.25 19.48 7.21
N LEU B 86 -2.36 18.83 6.96
CA LEU B 86 -2.67 17.55 7.52
C LEU B 86 -2.41 16.49 6.42
N GLU B 87 -1.54 15.56 6.75
CA GLU B 87 -1.11 14.54 5.81
C GLU B 87 -2.01 13.29 5.87
N THR B 88 -2.06 12.59 4.73
CA THR B 88 -2.84 11.37 4.63
C THR B 88 -2.29 10.30 5.57
N GLY B 89 -3.19 9.52 6.15
CA GLY B 89 -2.82 8.43 7.04
C GLY B 89 -2.52 8.89 8.44
N CYS B 90 -2.68 10.17 8.71
CA CYS B 90 -2.30 10.78 10.00
C CYS B 90 -3.55 11.24 10.69
N VAL B 91 -3.52 11.19 12.02
CA VAL B 91 -4.69 11.44 12.84
C VAL B 91 -4.43 12.70 13.69
N TYR B 92 -5.39 13.60 13.64
CA TYR B 92 -5.34 14.87 14.34
C TYR B 92 -6.61 15.08 15.13
N ILE B 93 -6.49 15.55 16.37
CA ILE B 93 -7.65 15.99 17.15
C ILE B 93 -7.61 17.51 17.24
N VAL B 94 -8.77 18.13 16.99
CA VAL B 94 -8.92 19.58 16.92
C VAL B 94 -10.10 20.05 17.78
N PRO B 95 -9.81 20.80 18.87
CA PRO B 95 -10.90 21.52 19.56
C PRO B 95 -11.61 22.46 18.62
N LEU B 96 -12.94 22.39 18.69
CA LEU B 96 -13.77 23.17 17.84
C LEU B 96 -14.08 24.48 18.57
N MET B 97 -14.31 25.54 17.81
CA MET B 97 -14.74 26.84 18.39
C MET B 97 -16.14 26.75 19.10
N GLU B 98 -17.04 25.93 18.60
CA GLU B 98 -18.38 25.81 19.17
C GLU B 98 -18.43 24.89 20.38
N SER B 99 -19.19 25.30 21.39
CA SER B 99 -19.45 24.47 22.56
C SER B 99 -20.94 24.53 22.93
N LEU B 100 -21.35 23.58 23.76
CA LEU B 100 -22.76 23.37 24.03
C LEU B 100 -23.14 23.44 25.52
N ALA B 101 -24.36 23.92 25.75
CA ALA B 101 -25.12 23.73 27.00
C ALA B 101 -26.58 23.45 26.56
N LEU B 102 -26.85 22.22 26.17
CA LEU B 102 -28.13 21.80 25.60
C LEU B 102 -29.28 21.65 26.64
N PRO B 103 -30.49 22.14 26.30
CA PRO B 103 -31.71 21.77 27.02
C PRO B 103 -31.83 20.26 27.18
N ALA B 104 -32.27 19.77 28.34
CA ALA B 104 -32.28 18.33 28.67
C ALA B 104 -33.12 17.43 27.72
N ASP B 105 -34.05 18.03 26.98
CA ASP B 105 -34.84 17.32 25.94
C ASP B 105 -34.22 17.35 24.52
N MET B 106 -33.13 18.08 24.38
CA MET B 106 -32.46 18.34 23.11
C MET B 106 -31.17 17.56 23.04
N SER B 107 -31.05 16.80 21.95
CA SER B 107 -29.84 16.07 21.58
C SER B 107 -29.30 16.55 20.23
N ALA B 108 -28.16 16.01 19.82
CA ALA B 108 -27.66 16.28 18.49
C ALA B 108 -26.80 15.16 17.88
N SER B 109 -26.73 15.15 16.55
CA SER B 109 -25.78 14.30 15.82
C SER B 109 -24.89 15.10 14.81
N ALA B 110 -23.76 14.52 14.40
CA ALA B 110 -22.80 15.15 13.49
C ALA B 110 -22.53 14.27 12.26
N ASN B 111 -22.30 14.94 11.13
CA ASN B 111 -21.93 14.34 9.87
C ASN B 111 -20.96 15.27 9.15
N PRO B 112 -20.08 14.71 8.29
CA PRO B 112 -19.27 15.57 7.44
C PRO B 112 -20.07 16.41 6.48
N LYS B 113 -19.61 17.62 6.19
CA LYS B 113 -20.13 18.38 5.07
C LYS B 113 -19.83 17.62 3.82
N SER B 114 -20.65 17.83 2.79
CA SER B 114 -20.53 17.00 1.61
C SER B 114 -19.24 17.25 0.86
N SER B 115 -18.75 18.48 0.89
CA SER B 115 -17.46 18.81 0.32
C SER B 115 -16.32 18.12 1.07
N THR B 116 -16.53 17.79 2.34
CA THR B 116 -15.55 17.05 3.12
C THR B 116 -15.41 15.65 2.56
N GLY B 117 -16.53 15.03 2.20
CA GLY B 117 -16.51 13.72 1.63
C GLY B 117 -15.87 13.69 0.25
N ARG B 118 -16.06 14.74 -0.55
CA ARG B 118 -15.47 14.79 -1.88
C ARG B 118 -13.95 14.82 -1.85
N LEU B 119 -13.38 15.17 -0.69
CA LEU B 119 -11.95 15.20 -0.53
C LEU B 119 -11.48 14.01 0.27
N ASP B 120 -12.38 13.07 0.54
CA ASP B 120 -12.06 11.81 1.22
C ASP B 120 -11.39 12.03 2.58
N ILE B 121 -11.93 12.98 3.36
CA ILE B 121 -11.38 13.29 4.69
C ILE B 121 -12.24 12.59 5.72
N PHE B 122 -11.64 11.64 6.44
CA PHE B 122 -12.26 10.98 7.57
C PHE B 122 -12.34 11.95 8.74
N THR B 123 -13.53 12.07 9.31
CA THR B 123 -13.79 12.91 10.47
C THR B 123 -14.75 12.24 11.46
N ARG B 124 -14.58 12.56 12.74
CA ARG B 124 -15.44 12.15 13.84
C ARG B 124 -15.54 13.29 14.84
N VAL B 125 -16.75 13.72 15.17
CA VAL B 125 -16.99 14.57 16.33
C VAL B 125 -17.00 13.77 17.65
N MET B 126 -16.22 14.25 18.62
CA MET B 126 -16.27 13.67 19.96
C MET B 126 -16.68 14.67 21.05
N THR B 127 -17.40 14.12 22.03
CA THR B 127 -17.83 14.78 23.23
C THR B 127 -17.05 14.22 24.44
N ASP B 128 -17.01 15.01 25.52
CA ASP B 128 -16.61 14.51 26.84
C ASP B 128 -17.51 13.32 27.21
N ASN B 129 -16.92 12.31 27.83
CA ASN B 129 -17.65 11.12 28.28
C ASN B 129 -18.20 10.23 27.18
N ALA B 130 -17.69 10.41 25.95
CA ALA B 130 -18.23 9.76 24.75
C ALA B 130 -18.02 8.23 24.66
N GLN B 131 -19.09 7.56 24.28
CA GLN B 131 -19.12 6.11 24.04
C GLN B 131 -19.37 5.81 22.58
N GLU B 132 -19.89 6.80 21.88
CA GLU B 132 -20.08 6.77 20.46
C GLU B 132 -19.62 8.13 19.91
N PHE B 133 -19.09 8.12 18.70
CA PHE B 133 -18.78 9.36 17.96
C PHE B 133 -20.02 9.96 17.32
N ASP B 134 -19.93 11.25 17.02
CA ASP B 134 -20.94 11.96 16.22
C ASP B 134 -22.35 12.01 16.84
N LYS B 135 -22.44 11.65 18.12
CA LYS B 135 -23.67 11.72 18.88
C LYS B 135 -23.43 12.57 20.14
N ILE B 136 -24.25 13.60 20.28
CA ILE B 136 -24.27 14.47 21.43
C ILE B 136 -25.51 14.06 22.25
N PRO B 137 -25.30 13.64 23.52
CA PRO B 137 -26.45 13.20 24.33
C PRO B 137 -27.44 14.32 24.63
N ALA B 138 -28.69 13.94 24.92
CA ALA B 138 -29.72 14.86 25.37
C ALA B 138 -29.16 15.61 26.56
N GLY B 139 -29.14 16.94 26.44
CA GLY B 139 -28.75 17.80 27.54
C GLY B 139 -27.27 18.06 27.72
N TYR B 140 -26.46 17.72 26.71
CA TYR B 140 -25.02 17.78 26.82
C TYR B 140 -24.51 19.22 27.02
N THR B 141 -23.68 19.35 28.04
CA THR B 141 -22.92 20.55 28.34
C THR B 141 -21.47 20.17 28.18
N GLY B 142 -20.77 20.94 27.34
CA GLY B 142 -19.36 20.72 27.12
C GLY B 142 -18.76 21.20 25.81
N PRO B 143 -17.47 20.91 25.63
CA PRO B 143 -16.76 21.22 24.43
C PRO B 143 -16.99 20.17 23.34
N LEU B 144 -16.60 20.53 22.11
CA LEU B 144 -16.63 19.62 20.97
C LEU B 144 -15.24 19.53 20.34
N TYR B 145 -14.94 18.34 19.81
CA TYR B 145 -13.67 18.05 19.18
C TYR B 145 -13.92 17.39 17.84
N LEU B 146 -13.09 17.72 16.85
CA LEU B 146 -13.09 17.00 15.57
C LEU B 146 -11.80 16.19 15.38
N GLU B 147 -11.96 14.89 15.26
CA GLU B 147 -10.92 14.02 14.76
C GLU B 147 -10.86 14.08 13.23
N ILE B 148 -9.66 14.31 12.69
CA ILE B 148 -9.45 14.46 11.26
C ILE B 148 -8.33 13.55 10.81
N SER B 149 -8.66 12.71 9.85
CA SER B 149 -7.67 11.95 9.10
C SER B 149 -7.92 12.01 7.59
N PRO B 150 -7.08 12.76 6.87
CA PRO B 150 -7.16 12.77 5.38
C PRO B 150 -6.80 11.41 4.82
N ARG B 151 -7.54 10.93 3.84
CA ARG B 151 -7.29 9.62 3.31
C ARG B 151 -6.61 9.65 1.94
N THR B 152 -7.06 10.50 1.03
CA THR B 152 -6.50 10.54 -0.33
C THR B 152 -5.68 11.76 -0.61
N PHE B 153 -6.21 12.94 -0.26
CA PHE B 153 -5.54 14.19 -0.51
C PHE B 153 -5.02 14.78 0.78
N PRO B 154 -3.75 15.23 0.75
CA PRO B 154 -3.34 16.05 1.88
C PRO B 154 -4.06 17.40 1.83
N ILE B 155 -4.37 17.94 3.00
CA ILE B 155 -5.21 19.13 3.09
C ILE B 155 -4.56 20.24 3.90
N VAL B 156 -4.93 21.48 3.61
CA VAL B 156 -4.60 22.59 4.50
C VAL B 156 -5.87 23.13 5.20
N VAL B 157 -5.75 23.27 6.51
CA VAL B 157 -6.79 23.75 7.42
C VAL B 157 -6.27 24.85 8.33
N ARG B 158 -7.18 25.61 8.89
CA ARG B 158 -6.84 26.68 9.79
C ARG B 158 -8.00 27.00 10.70
N ARG B 159 -7.76 27.95 11.61
CA ARG B 159 -8.79 28.44 12.50
C ARG B 159 -9.92 28.94 11.61
N GLY B 160 -11.13 28.44 11.88
CA GLY B 160 -12.30 28.73 11.09
C GLY B 160 -12.75 27.70 10.08
N SER B 161 -11.89 26.76 9.70
CA SER B 161 -12.23 25.77 8.69
C SER B 161 -13.46 24.99 9.12
N ARG B 162 -14.30 24.68 8.15
CA ARG B 162 -15.57 24.02 8.41
C ARG B 162 -15.57 22.70 7.70
N LEU B 163 -15.47 21.60 8.43
CA LEU B 163 -15.41 20.27 7.80
C LEU B 163 -16.65 19.44 8.13
N SER B 164 -17.34 19.86 9.17
CA SER B 164 -18.37 19.07 9.79
C SER B 164 -19.57 19.91 10.11
N GLN B 165 -20.71 19.26 10.32
CA GLN B 165 -21.92 19.93 10.79
C GLN B 165 -22.73 19.12 11.82
N ILE B 166 -23.43 19.87 12.68
CA ILE B 166 -24.21 19.33 13.79
C ILE B 166 -25.71 19.67 13.57
N ARG B 167 -26.56 18.66 13.64
CA ARG B 167 -28.02 18.80 13.57
C ARG B 167 -28.62 18.58 14.96
N PHE B 168 -29.46 19.51 15.40
CA PHE B 168 -30.12 19.44 16.71
C PHE B 168 -31.55 18.96 16.59
N ARG B 169 -32.01 18.20 17.58
CA ARG B 169 -33.37 17.66 17.57
C ARG B 169 -34.02 17.45 18.95
N ILE B 170 -35.36 17.48 19.00
CA ILE B 170 -36.11 17.03 20.19
C ILE B 170 -36.87 15.77 19.79
N GLY B 171 -36.54 14.67 20.47
CA GLY B 171 -36.98 13.34 20.08
C GLY B 171 -36.37 12.86 18.77
N HIS B 172 -37.04 11.91 18.14
CA HIS B 172 -36.58 11.33 16.90
C HIS B 172 -37.77 11.12 15.99
N ALA B 173 -38.17 12.20 15.30
CA ALA B 173 -39.38 12.25 14.49
C ALA B 173 -39.18 11.75 13.08
N LEU B 174 -38.67 10.53 12.97
CA LEU B 174 -38.52 9.83 11.70
C LEU B 174 -39.86 9.44 11.13
N LEU B 175 -39.91 9.40 9.81
CA LEU B 175 -41.08 8.90 9.09
C LEU B 175 -40.96 7.39 8.90
N ASN B 176 -42.08 6.69 9.06
CA ASN B 176 -42.17 5.27 8.71
C ASN B 176 -42.60 5.10 7.23
N GLU B 177 -42.73 3.86 6.75
CA GLU B 177 -43.08 3.62 5.36
C GLU B 177 -44.25 4.46 4.86
N SER B 178 -45.35 4.45 5.59
CA SER B 178 -46.61 5.06 5.17
C SER B 178 -46.52 6.57 5.02
N GLU B 179 -45.89 7.19 6.01
CA GLU B 179 -45.65 8.64 6.05
C GLU B 179 -44.82 9.08 4.83
N VAL B 180 -43.78 8.31 4.54
CA VAL B 180 -42.91 8.56 3.39
C VAL B 180 -43.66 8.42 2.06
N LEU B 181 -44.43 7.34 1.93
CA LEU B 181 -45.23 7.09 0.71
C LEU B 181 -46.33 8.14 0.47
N LYS B 182 -46.94 8.64 1.53
CA LYS B 182 -47.86 9.78 1.45
C LYS B 182 -47.20 11.13 1.08
N LEU B 183 -46.04 11.42 1.65
CA LEU B 183 -45.29 12.64 1.31
C LEU B 183 -44.87 12.66 -0.16
N HIS B 184 -44.53 11.49 -0.70
CA HIS B 184 -44.25 11.32 -2.14
C HIS B 184 -45.50 11.57 -2.98
N GLU B 185 -46.69 11.27 -2.45
CA GLU B 185 -47.96 11.58 -3.14
C GLU B 185 -48.20 13.07 -3.12
N THR B 186 -48.17 13.68 -1.93
CA THR B 186 -48.39 15.12 -1.77
C THR B 186 -47.29 15.94 -2.48
N GLU B 187 -46.04 15.74 -2.07
CA GLU B 187 -44.87 16.36 -2.69
C GLU B 187 -44.21 15.30 -3.59
N THR B 188 -43.18 15.66 -4.33
CA THR B 188 -42.44 14.64 -5.09
C THR B 188 -41.15 14.33 -4.33
N LEU B 189 -40.97 13.10 -3.88
CA LEU B 189 -39.72 12.65 -3.24
C LEU B 189 -38.69 12.05 -4.23
N VAL B 190 -39.19 11.29 -5.21
CA VAL B 190 -38.39 10.81 -6.33
C VAL B 190 -39.13 11.10 -7.63
N ALA B 191 -38.43 11.63 -8.63
CA ALA B 191 -39.05 11.97 -9.92
C ALA B 191 -39.34 10.70 -10.72
N SER B 192 -40.18 9.83 -10.15
CA SER B 192 -40.42 8.49 -10.68
C SER B 192 -41.47 7.76 -9.84
N GLU B 193 -42.64 7.47 -10.44
CA GLU B 193 -43.79 6.90 -9.73
C GLU B 193 -43.84 5.35 -9.81
N ASN B 194 -43.51 4.65 -8.72
CA ASN B 194 -43.06 5.30 -7.47
C ASN B 194 -41.81 4.60 -6.87
N PRO B 195 -41.13 5.24 -5.89
CA PRO B 195 -39.85 4.71 -5.41
C PRO B 195 -39.94 3.42 -4.61
N ASN B 196 -38.77 2.84 -4.35
CA ASN B 196 -38.64 1.74 -3.39
C ASN B 196 -38.43 2.29 -1.97
N VAL B 197 -39.54 2.50 -1.25
CA VAL B 197 -39.52 2.90 0.17
C VAL B 197 -39.29 1.66 1.05
N THR B 198 -38.42 1.81 2.06
CA THR B 198 -37.92 0.69 2.88
C THR B 198 -37.57 1.16 4.31
N GLY B 201 -36.04 4.15 4.61
CA GLY B 201 -36.61 5.23 3.81
C GLY B 201 -36.54 4.96 2.31
N ILE B 202 -36.39 6.00 1.50
CA ILE B 202 -36.31 5.81 0.03
C ILE B 202 -34.92 5.32 -0.42
N ALA B 203 -34.88 4.35 -1.32
CA ALA B 203 -33.64 3.69 -1.73
C ALA B 203 -32.97 4.41 -2.90
N LEU B 204 -31.65 4.48 -2.83
CA LEU B 204 -30.87 5.15 -3.85
C LEU B 204 -30.01 4.12 -4.59
N SER B 205 -30.06 4.17 -5.91
CA SER B 205 -29.31 3.24 -6.74
C SER B 205 -28.31 4.00 -7.60
N ILE B 206 -27.31 3.27 -8.09
CA ILE B 206 -26.17 3.89 -8.76
C ILE B 206 -26.37 4.00 -10.27
N ASP B 207 -26.06 5.16 -10.82
CA ASP B 207 -26.10 5.38 -12.26
C ASP B 207 -24.73 5.23 -12.87
N LEU B 208 -24.54 4.15 -13.60
CA LEU B 208 -23.29 3.83 -14.27
C LEU B 208 -23.41 3.87 -15.82
N LYS B 209 -24.50 4.43 -16.32
CA LYS B 209 -24.76 4.48 -17.77
C LYS B 209 -23.99 5.62 -18.44
N GLY B 210 -23.85 6.74 -17.75
CA GLY B 210 -22.99 7.81 -18.23
C GLY B 210 -23.75 9.10 -18.45
N PHE B 211 -23.04 10.22 -18.39
CA PHE B 211 -23.65 11.53 -18.60
C PHE B 211 -22.97 12.30 -19.70
N GLY B 212 -23.78 12.88 -20.57
CA GLY B 212 -23.33 13.75 -21.65
C GLY B 212 -22.87 12.94 -22.85
N GLU B 213 -22.09 13.60 -23.71
CA GLU B 213 -21.68 13.06 -25.01
C GLU B 213 -20.58 12.01 -24.88
N ASN B 214 -19.67 12.27 -23.92
CA ASN B 214 -18.51 11.43 -23.58
C ASN B 214 -18.85 10.29 -22.60
N GLY B 215 -20.02 10.35 -21.97
CA GLY B 215 -20.45 9.30 -21.03
C GLY B 215 -19.76 9.24 -19.67
N LEU B 216 -19.45 10.41 -19.10
CA LEU B 216 -18.90 10.59 -17.75
C LEU B 216 -19.75 9.94 -16.64
N ILE B 217 -19.13 9.09 -15.84
CA ILE B 217 -19.82 8.42 -14.71
C ILE B 217 -19.45 9.03 -13.34
N GLY B 218 -18.29 9.64 -13.24
CA GLY B 218 -17.79 10.12 -11.99
C GLY B 218 -16.28 10.25 -11.95
N TYR B 219 -15.75 10.28 -10.75
CA TYR B 219 -14.35 10.61 -10.55
C TYR B 219 -13.71 9.59 -9.59
N ARG B 220 -12.43 9.35 -9.82
CA ARG B 220 -11.53 8.69 -8.91
C ARG B 220 -10.46 9.70 -8.41
N GLY B 221 -10.19 9.69 -7.11
CA GLY B 221 -9.11 10.51 -6.54
C GLY B 221 -7.71 10.12 -7.01
N LYS B 222 -6.86 11.13 -7.21
CA LYS B 222 -5.47 10.94 -7.60
C LYS B 222 -4.52 10.90 -6.39
N HIS B 223 -3.27 10.48 -6.61
CA HIS B 223 -2.29 10.33 -5.52
C HIS B 223 -1.11 11.28 -5.69
N HIS B 224 -0.41 11.58 -4.63
CA HIS B 224 0.70 12.56 -4.74
C HIS B 224 0.33 13.94 -5.34
N THR B 225 -0.88 14.38 -5.01
CA THR B 225 -1.39 15.63 -5.45
C THR B 225 -0.73 16.74 -4.65
N ALA B 226 -0.98 17.98 -5.05
CA ALA B 226 -0.75 19.15 -4.21
C ALA B 226 -1.69 19.05 -3.01
N VAL B 227 -1.52 19.97 -2.06
CA VAL B 227 -2.33 20.00 -0.84
C VAL B 227 -3.64 20.70 -1.19
N VAL B 228 -4.75 20.26 -0.63
CA VAL B 228 -6.01 20.93 -0.87
C VAL B 228 -6.35 21.86 0.27
N ASP B 229 -6.42 23.17 -0.01
CA ASP B 229 -6.98 24.15 0.93
C ASP B 229 -8.51 24.01 0.99
N VAL B 230 -8.98 23.58 2.16
CA VAL B 230 -10.38 23.29 2.41
C VAL B 230 -11.24 24.55 2.49
N ASP B 231 -10.59 25.69 2.70
CA ASP B 231 -11.27 27.01 2.61
C ASP B 231 -11.40 27.53 1.16
N LYS B 232 -10.57 27.06 0.24
CA LYS B 232 -10.56 27.57 -1.12
C LYS B 232 -10.67 26.41 -2.09
N LYS B 233 -11.70 25.59 -1.95
CA LYS B 233 -11.75 24.34 -2.75
C LYS B 233 -11.99 24.59 -4.26
N ALA B 234 -12.78 25.59 -4.61
CA ALA B 234 -12.96 26.01 -6.03
C ALA B 234 -11.73 26.61 -6.73
N GLN B 235 -10.61 26.80 -6.03
CA GLN B 235 -9.38 27.35 -6.62
C GLN B 235 -8.52 26.27 -7.26
N HIS B 236 -8.87 25.01 -7.03
CA HIS B 236 -8.09 23.87 -7.45
C HIS B 236 -8.65 23.31 -8.77
N ASP B 237 -7.79 23.15 -9.78
CA ASP B 237 -8.21 22.52 -11.04
C ASP B 237 -8.70 21.11 -10.78
N VAL B 238 -9.79 20.74 -11.43
CA VAL B 238 -10.33 19.39 -11.31
C VAL B 238 -9.34 18.28 -11.76
N LEU B 239 -8.70 18.45 -12.91
CA LEU B 239 -7.84 17.42 -13.49
C LEU B 239 -6.52 17.13 -12.79
N ASP B 240 -6.13 17.90 -11.78
CA ASP B 240 -4.95 17.49 -11.06
C ASP B 240 -5.19 16.94 -9.64
N PHE B 241 -6.48 16.62 -9.36
CA PHE B 241 -6.92 15.89 -8.17
C PHE B 241 -7.81 14.68 -8.44
N TRP B 242 -8.63 14.78 -9.47
CA TRP B 242 -9.61 13.77 -9.80
C TRP B 242 -9.36 13.28 -11.21
N GLU B 243 -9.59 11.99 -11.46
CA GLU B 243 -9.53 11.42 -12.79
C GLU B 243 -10.96 11.12 -13.20
N PRO B 244 -11.40 11.70 -14.33
CA PRO B 244 -12.76 11.41 -14.86
C PRO B 244 -12.85 9.97 -15.33
N LEU B 245 -14.01 9.38 -15.15
CA LEU B 245 -14.26 7.99 -15.51
C LEU B 245 -15.45 7.95 -16.45
N PHE B 246 -15.31 7.15 -17.50
CA PHE B 246 -16.23 7.18 -18.62
C PHE B 246 -16.75 5.77 -18.83
N ALA B 247 -18.07 5.63 -18.95
CA ALA B 247 -18.71 4.39 -19.40
C ALA B 247 -18.12 4.02 -20.76
N ARG B 248 -17.53 2.83 -20.87
CA ARG B 248 -16.97 2.38 -22.15
C ARG B 248 -17.69 1.14 -22.62
N GLY B 249 -17.83 0.13 -21.75
CA GLY B 249 -18.38 -1.18 -22.13
C GLY B 249 -19.77 -1.42 -21.57
N ARG B 250 -19.87 -2.40 -20.67
CA ARG B 250 -21.12 -2.64 -19.90
C ARG B 250 -21.26 -1.56 -18.82
N ALA B 251 -22.47 -1.40 -18.29
CA ALA B 251 -22.75 -0.40 -17.25
C ALA B 251 -22.31 -0.93 -15.88
N GLU B 252 -21.00 -0.82 -15.63
CA GLU B 252 -20.40 -1.36 -14.43
C GLU B 252 -18.99 -0.80 -14.18
N LEU B 253 -18.56 -0.85 -12.93
CA LEU B 253 -17.31 -0.26 -12.51
C LEU B 253 -16.64 -1.12 -11.46
N ILE B 254 -15.40 -1.52 -11.70
CA ILE B 254 -14.62 -2.25 -10.69
C ILE B 254 -14.10 -1.24 -9.67
N LEU B 255 -14.60 -1.42 -8.46
CA LEU B 255 -14.19 -0.70 -7.28
C LEU B 255 -12.95 -1.35 -6.63
N ASP B 256 -11.80 -0.71 -6.84
CA ASP B 256 -10.49 -1.05 -6.23
C ASP B 256 -10.58 -0.53 -4.83
N PRO B 257 -10.27 -1.38 -3.83
CA PRO B 257 -10.51 -0.98 -2.43
C PRO B 257 -9.60 0.16 -1.92
N ASP B 258 -8.45 0.36 -2.55
CA ASP B 258 -7.55 1.50 -2.20
C ASP B 258 -7.98 2.85 -2.82
N GLU B 259 -8.95 2.85 -3.72
CA GLU B 259 -9.38 4.05 -4.37
C GLU B 259 -10.64 4.66 -3.76
N PHE B 260 -10.91 5.91 -4.07
CA PHE B 260 -12.24 6.44 -3.77
C PHE B 260 -12.85 7.04 -5.00
N TYR B 261 -14.16 6.89 -5.08
CA TYR B 261 -14.93 7.16 -6.26
C TYR B 261 -16.05 8.16 -5.93
N ILE B 262 -16.20 9.18 -6.75
CA ILE B 262 -17.34 10.10 -6.65
C ILE B 262 -18.29 9.73 -7.77
N LEU B 263 -19.47 9.27 -7.36
CA LEU B 263 -20.45 8.72 -8.26
C LEU B 263 -21.83 9.34 -8.00
N VAL B 264 -22.76 9.03 -8.90
CA VAL B 264 -24.09 9.64 -8.88
C VAL B 264 -25.26 8.62 -8.84
N SER B 265 -26.25 8.94 -8.04
CA SER B 265 -27.52 8.21 -7.98
C SER B 265 -28.34 8.30 -9.27
N ARG B 266 -29.06 7.23 -9.59
CA ARG B 266 -30.04 7.28 -10.69
C ARG B 266 -31.22 8.16 -10.30
N GLU B 267 -31.68 8.03 -9.06
CA GLU B 267 -32.81 8.81 -8.57
C GLU B 267 -32.51 10.31 -8.38
N ALA B 268 -33.39 11.13 -8.96
CA ALA B 268 -33.47 12.55 -8.70
C ALA B 268 -34.38 12.69 -7.48
N VAL B 269 -33.85 13.21 -6.38
CA VAL B 269 -34.52 13.24 -5.08
C VAL B 269 -34.88 14.68 -4.59
N HIS B 270 -35.95 14.80 -3.82
CA HIS B 270 -36.42 16.08 -3.26
C HIS B 270 -36.74 15.90 -1.77
N VAL B 271 -36.25 16.86 -0.97
CA VAL B 271 -36.56 16.99 0.46
C VAL B 271 -37.44 18.26 0.63
N PRO B 272 -38.76 18.08 0.88
CA PRO B 272 -39.68 19.18 1.16
C PRO B 272 -39.25 20.05 2.34
N PRO B 273 -39.62 21.35 2.34
CA PRO B 273 -39.16 22.33 3.34
C PRO B 273 -39.50 22.09 4.81
N LEU B 274 -40.37 21.13 5.09
CA LEU B 274 -40.74 20.82 6.47
C LEU B 274 -40.15 19.48 6.92
N TYR B 275 -39.25 18.98 6.07
CA TYR B 275 -38.51 17.75 6.32
C TYR B 275 -37.03 17.96 6.06
N ALA B 276 -36.22 17.29 6.88
CA ALA B 276 -34.82 17.09 6.58
C ALA B 276 -34.63 15.61 6.27
N ALA B 277 -33.50 15.28 5.64
CA ALA B 277 -33.08 13.88 5.41
C ALA B 277 -31.62 13.59 5.83
N GLU B 278 -31.32 12.30 5.90
CA GLU B 278 -30.00 11.81 6.14
C GLU B 278 -29.77 10.59 5.27
N MET B 279 -28.61 10.57 4.62
CA MET B 279 -28.20 9.48 3.76
C MET B 279 -27.66 8.37 4.67
N THR B 280 -28.05 7.13 4.41
CA THR B 280 -27.54 5.98 5.18
C THR B 280 -26.98 4.89 4.23
N PRO B 281 -25.95 4.15 4.67
CA PRO B 281 -25.54 2.93 3.99
C PRO B 281 -26.61 1.86 3.89
N PHE B 282 -26.62 1.16 2.76
CA PHE B 282 -27.47 -0.02 2.52
C PHE B 282 -26.85 -1.25 3.21
N ASP B 283 -27.42 -1.59 4.38
CA ASP B 283 -26.77 -2.48 5.36
C ASP B 283 -26.54 -3.92 4.89
N PRO B 284 -27.52 -4.52 4.17
CA PRO B 284 -27.32 -5.81 3.53
C PRO B 284 -25.99 -6.01 2.79
N LEU B 285 -25.35 -4.91 2.37
CA LEU B 285 -24.13 -4.95 1.53
C LEU B 285 -22.91 -4.19 2.08
N VAL B 286 -22.94 -3.81 3.36
CA VAL B 286 -21.84 -3.06 3.99
C VAL B 286 -20.48 -3.80 3.96
N GLY B 287 -20.52 -5.13 3.88
CA GLY B 287 -19.30 -5.97 3.83
C GLY B 287 -18.64 -6.09 2.46
N GLU B 288 -19.29 -5.53 1.45
CA GLU B 288 -18.90 -5.57 0.05
C GLU B 288 -18.36 -4.20 -0.41
N PHE B 289 -19.23 -3.20 -0.26
CA PHE B 289 -18.92 -1.82 -0.53
C PHE B 289 -19.81 -0.95 0.36
N ARG B 290 -19.45 0.31 0.48
CA ARG B 290 -20.21 1.26 1.27
C ARG B 290 -20.26 2.66 0.66
N VAL B 291 -21.37 3.37 0.86
CA VAL B 291 -21.35 4.83 0.75
C VAL B 291 -20.63 5.42 1.97
N HIS B 292 -19.52 6.10 1.72
CA HIS B 292 -18.78 6.82 2.74
C HIS B 292 -19.24 8.28 2.80
N TYR B 293 -19.04 8.89 3.97
CA TYR B 293 -19.34 10.31 4.22
C TYR B 293 -20.81 10.69 3.96
N ALA B 294 -21.69 9.71 4.17
CA ALA B 294 -23.14 9.95 4.16
C ALA B 294 -23.39 11.13 5.08
N GLY B 295 -24.30 11.99 4.65
CA GLY B 295 -24.49 13.23 5.34
C GLY B 295 -25.92 13.69 5.43
N PHE B 296 -26.03 14.94 5.85
CA PHE B 296 -27.31 15.60 6.01
C PHE B 296 -27.76 16.21 4.68
N PHE B 297 -29.06 16.06 4.39
CA PHE B 297 -29.75 16.78 3.33
C PHE B 297 -30.61 17.85 3.99
N ASP B 298 -30.57 19.04 3.42
CA ASP B 298 -31.35 20.17 3.96
C ASP B 298 -32.75 20.22 3.36
N PRO B 299 -33.71 20.74 4.14
CA PRO B 299 -35.01 21.13 3.59
C PRO B 299 -34.82 21.97 2.36
N GLY B 300 -35.55 21.64 1.31
CA GLY B 300 -35.41 22.36 0.03
C GLY B 300 -34.44 21.73 -0.97
N PHE B 301 -33.73 20.66 -0.57
CA PHE B 301 -32.84 19.98 -1.51
C PHE B 301 -33.66 19.49 -2.69
N GLY B 302 -33.11 19.67 -3.89
CA GLY B 302 -33.78 19.31 -5.14
C GLY B 302 -35.14 19.96 -5.31
N HIS B 303 -35.31 21.16 -4.78
CA HIS B 303 -36.57 21.94 -4.89
C HIS B 303 -37.05 21.97 -6.34
N ALA B 304 -38.38 21.83 -6.50
CA ALA B 304 -39.01 21.86 -7.81
C ALA B 304 -38.62 23.14 -8.55
N GLN B 305 -38.27 22.99 -9.82
CA GLN B 305 -37.65 24.06 -10.61
C GLN B 305 -38.56 24.43 -11.81
N GLY B 307 -37.71 23.14 -15.80
CA GLY B 307 -38.92 22.73 -15.09
C GLY B 307 -38.99 21.26 -14.68
N GLY B 308 -38.13 20.86 -13.74
CA GLY B 308 -38.20 19.54 -13.09
C GLY B 308 -38.00 19.53 -11.57
N THR B 309 -38.55 18.50 -10.94
CA THR B 309 -38.35 18.27 -9.51
C THR B 309 -37.20 17.29 -9.27
N GLY B 310 -36.40 17.62 -8.26
CA GLY B 310 -35.44 16.69 -7.67
C GLY B 310 -34.04 16.79 -8.19
N SER B 311 -33.07 16.57 -7.32
CA SER B 311 -31.66 16.54 -7.72
C SER B 311 -31.08 15.15 -7.48
N ARG B 312 -30.12 14.77 -8.29
CA ARG B 312 -29.39 13.54 -8.01
C ARG B 312 -28.51 13.72 -6.77
N ALA B 313 -28.35 12.64 -6.03
CA ALA B 313 -27.38 12.60 -4.97
C ALA B 313 -26.01 12.12 -5.50
N VAL B 314 -24.97 12.87 -5.14
CA VAL B 314 -23.58 12.53 -5.44
C VAL B 314 -23.10 11.69 -4.29
N LEU B 315 -22.51 10.53 -4.58
CA LEU B 315 -22.18 9.50 -3.58
C LEU B 315 -20.68 9.20 -3.60
N GLU B 316 -20.08 9.09 -2.42
CA GLU B 316 -18.73 8.56 -2.34
C GLU B 316 -18.80 7.07 -1.99
N VAL B 317 -18.35 6.24 -2.92
CA VAL B 317 -18.40 4.80 -2.78
C VAL B 317 -16.97 4.25 -2.73
N ARG B 318 -16.77 3.36 -1.76
CA ARG B 318 -15.55 2.62 -1.60
C ARG B 318 -15.90 1.14 -1.40
N SER B 319 -15.07 0.28 -1.98
CA SER B 319 -15.14 -1.15 -1.71
C SER B 319 -14.25 -1.46 -0.52
N HIS B 320 -14.67 -2.51 0.20
CA HIS B 320 -13.99 -2.93 1.40
C HIS B 320 -13.36 -4.31 1.24
N GLU B 321 -12.08 -4.37 1.58
CA GLU B 321 -11.29 -5.59 1.55
C GLU B 321 -11.00 -6.12 0.15
N VAL B 322 -12.03 -6.43 -0.62
CA VAL B 322 -11.91 -7.06 -1.92
C VAL B 322 -12.50 -6.15 -3.04
N PRO B 323 -11.90 -6.16 -4.25
CA PRO B 323 -12.53 -5.56 -5.41
C PRO B 323 -13.91 -6.12 -5.76
N PHE B 324 -14.80 -5.19 -6.08
CA PHE B 324 -16.19 -5.44 -6.31
C PHE B 324 -16.57 -4.78 -7.62
N ILE B 325 -17.25 -5.56 -8.45
CA ILE B 325 -17.82 -5.02 -9.67
C ILE B 325 -19.17 -4.44 -9.30
N LEU B 326 -19.25 -3.11 -9.30
CA LEU B 326 -20.47 -2.40 -9.02
C LEU B 326 -21.23 -2.22 -10.33
N GLU B 327 -22.50 -2.55 -10.29
CA GLU B 327 -23.32 -2.56 -11.51
C GLU B 327 -24.42 -1.51 -11.39
N HIS B 328 -24.73 -0.89 -12.54
CA HIS B 328 -25.82 0.07 -12.70
C HIS B 328 -27.15 -0.43 -12.11
N GLY B 329 -27.90 0.44 -11.45
CA GLY B 329 -29.12 0.06 -10.75
C GLY B 329 -28.91 -0.59 -9.40
N GLN B 330 -27.67 -0.92 -9.05
CA GLN B 330 -27.38 -1.45 -7.72
C GLN B 330 -27.77 -0.44 -6.64
N ILE B 331 -28.55 -0.91 -5.65
CA ILE B 331 -28.85 -0.11 -4.46
C ILE B 331 -27.65 0.11 -3.54
N VAL B 332 -27.42 1.37 -3.18
CA VAL B 332 -26.20 1.78 -2.44
C VAL B 332 -26.45 2.53 -1.14
N GLY B 333 -27.64 3.05 -1.00
CA GLY B 333 -28.05 3.71 0.23
C GLY B 333 -29.55 3.91 0.38
N ARG B 334 -29.89 4.52 1.49
CA ARG B 334 -31.24 4.72 1.91
C ARG B 334 -31.37 6.17 2.51
N LEU B 335 -32.16 7.02 1.85
CA LEU B 335 -32.43 8.37 2.32
C LEU B 335 -33.58 8.34 3.32
N VAL B 336 -33.24 8.66 4.58
CA VAL B 336 -34.17 8.62 5.70
C VAL B 336 -34.69 10.05 6.04
N TYR B 337 -36.01 10.19 6.14
CA TYR B 337 -36.66 11.47 6.34
C TYR B 337 -37.03 11.68 7.81
N GLU B 338 -36.98 12.94 8.23
CA GLU B 338 -37.28 13.33 9.58
C GLU B 338 -38.00 14.69 9.54
N HIS B 339 -38.99 14.86 10.42
CA HIS B 339 -39.75 16.11 10.54
C HIS B 339 -38.92 17.26 11.07
N MET B 340 -39.08 18.42 10.45
CA MET B 340 -38.61 19.66 11.02
C MET B 340 -39.56 20.07 12.15
N LEU B 341 -39.00 20.72 13.16
CA LEU B 341 -39.78 21.37 14.22
C LEU B 341 -40.55 22.58 13.69
N GLU B 342 -39.89 23.40 12.88
CA GLU B 342 -40.54 24.48 12.13
C GLU B 342 -39.87 24.60 10.75
N LYS B 343 -40.43 25.45 9.90
CA LYS B 343 -39.88 25.68 8.57
C LYS B 343 -38.64 26.56 8.68
N PRO B 344 -37.53 26.19 7.99
CA PRO B 344 -36.38 27.08 7.91
C PRO B 344 -36.71 28.51 7.55
N GLU B 345 -35.89 29.43 8.03
CA GLU B 345 -36.01 30.86 7.72
C GLU B 345 -34.97 31.36 6.69
N GLY B 346 -33.91 30.58 6.48
CA GLY B 346 -32.95 30.83 5.40
C GLY B 346 -31.73 31.64 5.80
N LEU B 347 -30.83 31.83 4.83
CA LEU B 347 -29.48 32.36 5.09
C LEU B 347 -29.50 33.76 5.72
N TYR B 348 -30.27 34.64 5.10
CA TYR B 348 -30.41 36.03 5.52
C TYR B 348 -31.75 36.25 6.30
N GLY B 349 -32.39 35.17 6.75
CA GLY B 349 -33.65 35.24 7.51
C GLY B 349 -34.91 35.69 6.75
N THR B 350 -34.78 35.88 5.43
CA THR B 350 -35.84 36.44 4.60
C THR B 350 -36.46 35.39 3.66
N GLY B 351 -36.47 34.12 4.11
CA GLY B 351 -36.90 32.99 3.27
C GLY B 351 -35.81 32.00 2.84
N LEU B 352 -36.23 30.75 2.66
CA LEU B 352 -35.36 29.64 2.27
C LEU B 352 -34.86 29.77 0.81
N GLY B 353 -35.68 30.38 -0.04
CA GLY B 353 -35.32 30.55 -1.44
C GLY B 353 -34.38 31.71 -1.68
N ARG C 8 37.71 -11.20 -36.24
CA ARG C 8 38.05 -10.96 -34.80
C ARG C 8 38.13 -12.24 -33.96
N THR C 9 38.85 -12.19 -32.85
CA THR C 9 38.87 -13.33 -31.91
C THR C 9 38.13 -13.07 -30.59
N THR C 10 37.64 -11.85 -30.42
CA THR C 10 36.80 -11.51 -29.28
C THR C 10 35.56 -10.79 -29.79
N GLY C 11 34.45 -10.98 -29.04
CA GLY C 11 33.15 -10.41 -29.37
C GLY C 11 31.97 -11.34 -29.09
N ILE C 12 30.81 -10.89 -29.53
CA ILE C 12 29.54 -11.57 -29.35
C ILE C 12 29.25 -12.60 -30.47
N LEU C 13 28.88 -13.82 -30.08
CA LEU C 13 28.35 -14.84 -31.01
C LEU C 13 27.07 -14.39 -31.75
N ALA C 14 27.11 -14.51 -33.08
CA ALA C 14 25.95 -14.29 -33.96
C ALA C 14 25.16 -15.59 -34.07
N ASP C 15 23.93 -15.51 -34.56
CA ASP C 15 23.04 -16.67 -34.78
C ASP C 15 23.73 -17.92 -35.32
N GLY C 16 24.61 -17.75 -36.31
CA GLY C 16 25.35 -18.83 -36.92
C GLY C 16 26.19 -19.63 -35.97
N ALA C 17 26.90 -18.92 -35.10
CA ALA C 17 27.66 -19.48 -33.98
C ALA C 17 26.80 -20.10 -32.92
N ILE C 18 25.60 -19.56 -32.70
CA ILE C 18 24.73 -20.08 -31.65
C ILE C 18 24.16 -21.47 -32.08
N ARG C 19 23.85 -21.59 -33.37
CA ARG C 19 23.43 -22.86 -33.95
C ARG C 19 24.53 -23.91 -33.90
N ALA C 20 25.78 -23.48 -34.15
CA ALA C 20 26.95 -24.35 -34.01
C ALA C 20 27.19 -24.84 -32.57
N LEU C 21 26.83 -24.03 -31.58
CA LEU C 21 26.86 -24.48 -30.17
C LEU C 21 25.85 -25.58 -29.91
N PHE C 22 24.68 -25.44 -30.50
CA PHE C 22 23.60 -26.39 -30.38
C PHE C 22 23.94 -27.70 -31.12
N ALA C 23 24.51 -27.54 -32.32
CA ALA C 23 25.07 -28.65 -33.10
C ALA C 23 26.07 -29.43 -32.26
N GLY C 24 26.98 -28.71 -31.61
CA GLY C 24 28.05 -29.31 -30.80
C GLY C 24 27.73 -29.77 -29.39
N ASP C 25 26.46 -29.66 -28.98
CA ASP C 25 26.01 -29.97 -27.59
C ASP C 25 26.65 -29.10 -26.50
N LYS C 26 27.06 -27.90 -26.89
CA LYS C 26 27.54 -26.87 -25.98
C LYS C 26 26.31 -26.12 -25.39
N LEU C 27 25.32 -25.90 -26.25
CA LEU C 27 23.99 -25.53 -25.89
C LEU C 27 23.07 -26.74 -26.12
N LYS C 28 22.41 -27.14 -25.05
CA LYS C 28 21.51 -28.26 -25.03
C LYS C 28 20.10 -27.77 -24.69
N SER C 29 19.09 -28.52 -25.09
CA SER C 29 17.72 -28.23 -24.75
C SER C 29 16.97 -29.53 -24.57
N GLU C 30 15.86 -29.44 -23.83
CA GLU C 30 14.93 -30.57 -23.65
C GLU C 30 14.24 -30.93 -24.96
N ALA C 31 13.99 -29.94 -25.80
CA ALA C 31 13.40 -30.14 -27.10
C ALA C 31 14.22 -29.38 -28.12
N ASP C 32 13.99 -29.67 -29.40
CA ASP C 32 14.55 -28.88 -30.46
C ASP C 32 14.15 -27.41 -30.22
N LEU C 33 14.95 -26.47 -30.70
CA LEU C 33 14.66 -25.06 -30.52
C LEU C 33 13.49 -24.60 -31.39
N ASP C 34 12.80 -23.53 -30.99
CA ASP C 34 11.75 -22.97 -31.81
C ASP C 34 12.43 -22.40 -33.04
N VAL C 35 11.64 -22.32 -34.13
CA VAL C 35 12.17 -21.81 -35.41
C VAL C 35 12.77 -20.42 -35.25
N ASP C 36 12.14 -19.56 -34.44
CA ASP C 36 12.61 -18.21 -34.22
C ASP C 36 13.31 -17.97 -32.84
N GLN C 37 13.73 -19.04 -32.18
CA GLN C 37 14.32 -18.91 -30.84
C GLN C 37 15.72 -18.24 -30.84
N VAL C 38 16.50 -18.48 -31.87
CA VAL C 38 17.80 -17.84 -32.06
C VAL C 38 17.56 -16.49 -32.70
N GLN C 39 18.21 -15.48 -32.16
CA GLN C 39 18.13 -14.10 -32.64
C GLN C 39 19.49 -13.73 -33.24
N PRO C 40 19.61 -12.55 -33.86
CA PRO C 40 20.90 -12.22 -34.47
C PRO C 40 22.09 -12.32 -33.57
N ALA C 41 21.91 -11.95 -32.29
CA ALA C 41 22.99 -11.91 -31.30
C ALA C 41 22.57 -12.46 -29.96
N SER C 42 21.50 -13.24 -29.92
CA SER C 42 21.03 -13.86 -28.72
C SER C 42 20.11 -15.08 -29.00
N LEU C 43 19.87 -15.84 -27.92
CA LEU C 43 18.96 -16.98 -27.86
C LEU C 43 17.84 -16.67 -26.85
N ASP C 44 16.59 -16.84 -27.24
CA ASP C 44 15.50 -16.85 -26.25
C ASP C 44 15.57 -18.11 -25.41
N LEU C 45 15.23 -17.96 -24.14
CA LEU C 45 15.22 -19.07 -23.20
C LEU C 45 13.76 -19.40 -22.93
N ARG C 46 13.46 -20.70 -22.85
CA ARG C 46 12.12 -21.22 -22.71
C ARG C 46 11.90 -21.81 -21.34
N LEU C 47 10.70 -21.62 -20.80
CA LEU C 47 10.28 -22.31 -19.59
C LEU C 47 10.03 -23.84 -19.77
N GLY C 48 10.38 -24.61 -18.76
CA GLY C 48 10.04 -25.99 -18.69
C GLY C 48 8.71 -26.21 -18.01
N SER C 49 8.51 -27.42 -17.52
CA SER C 49 7.19 -27.94 -17.20
C SER C 49 6.74 -27.60 -15.79
N LYS C 50 7.66 -27.17 -14.94
CA LYS C 50 7.34 -26.92 -13.54
C LYS C 50 7.83 -25.55 -13.09
N ALA C 51 7.03 -24.90 -12.26
CA ALA C 51 7.44 -23.73 -11.49
C ALA C 51 7.39 -24.06 -9.97
N TYR C 52 8.31 -23.49 -9.22
CA TYR C 52 8.31 -23.61 -7.78
C TYR C 52 7.94 -22.29 -7.13
N ARG C 53 6.82 -22.28 -6.41
CA ARG C 53 6.44 -21.10 -5.66
C ARG C 53 7.32 -21.06 -4.42
N VAL C 54 8.05 -19.96 -4.28
CA VAL C 54 9.03 -19.77 -3.20
C VAL C 54 8.63 -18.55 -2.32
N ARG C 55 9.15 -18.58 -1.11
CA ARG C 55 8.93 -17.58 -0.07
C ARG C 55 9.63 -16.29 -0.46
N ALA C 56 10.86 -16.43 -0.95
CA ALA C 56 11.72 -15.32 -1.37
C ALA C 56 12.78 -15.69 -2.44
N SER C 57 13.24 -14.67 -3.13
CA SER C 57 14.43 -14.75 -3.95
C SER C 57 15.62 -15.23 -3.11
N PHE C 58 16.59 -15.83 -3.77
CA PHE C 58 17.81 -16.29 -3.15
C PHE C 58 18.95 -16.39 -4.16
N MET C 59 20.17 -16.20 -3.66
CA MET C 59 21.39 -16.40 -4.42
C MET C 59 21.91 -17.79 -4.04
N PRO C 60 22.21 -18.64 -5.03
CA PRO C 60 22.74 -20.00 -4.73
C PRO C 60 24.05 -19.99 -3.97
N GLY C 61 24.99 -19.14 -4.41
CA GLY C 61 26.31 -18.99 -3.81
C GLY C 61 27.29 -20.12 -4.12
N PRO C 62 28.54 -20.00 -3.66
CA PRO C 62 29.62 -20.96 -3.94
C PRO C 62 29.24 -22.42 -3.72
N GLY C 63 29.73 -23.28 -4.60
CA GLY C 63 29.50 -24.72 -4.49
C GLY C 63 28.08 -25.19 -4.29
N THR C 64 27.09 -24.45 -4.78
CA THR C 64 25.69 -24.80 -4.53
C THR C 64 24.90 -24.95 -5.82
N ARG C 65 24.18 -26.07 -5.92
CA ARG C 65 23.20 -26.29 -6.99
C ARG C 65 21.85 -25.66 -6.67
N VAL C 66 21.28 -24.97 -7.65
CA VAL C 66 19.97 -24.36 -7.46
C VAL C 66 18.94 -25.35 -6.94
N ILE C 67 18.91 -26.59 -7.47
CA ILE C 67 17.94 -27.60 -7.01
C ILE C 67 18.09 -27.98 -5.52
N ASP C 68 19.31 -27.84 -4.98
CA ASP C 68 19.55 -28.03 -3.55
C ASP C 68 18.83 -26.96 -2.70
N LYS C 69 18.96 -25.70 -3.10
CA LYS C 69 18.27 -24.61 -2.42
C LYS C 69 16.76 -24.61 -2.62
N LEU C 70 16.30 -25.03 -3.80
CA LEU C 70 14.87 -25.17 -4.10
C LEU C 70 14.19 -26.17 -3.17
N ASN C 71 14.84 -27.28 -2.89
CA ASN C 71 14.25 -28.33 -2.06
C ASN C 71 14.49 -28.11 -0.55
N ARG C 72 14.51 -26.84 -0.14
CA ARG C 72 14.78 -26.42 1.22
C ARG C 72 13.90 -25.22 1.61
N LEU C 75 8.79 -24.80 -0.68
CA LEU C 75 8.27 -24.58 -1.99
C LEU C 75 6.76 -24.85 -2.12
N HIS C 76 6.21 -24.73 -3.32
CA HIS C 76 5.04 -25.48 -3.72
C HIS C 76 5.15 -25.59 -5.22
N GLU C 77 4.86 -26.76 -5.75
CA GLU C 77 5.13 -27.05 -7.14
C GLU C 77 3.91 -26.75 -7.99
N VAL C 78 4.15 -26.08 -9.10
CA VAL C 78 3.11 -25.72 -10.06
C VAL C 78 3.40 -26.38 -11.41
N ASP C 79 2.37 -26.85 -12.07
CA ASP C 79 2.51 -27.48 -13.37
C ASP C 79 2.26 -26.49 -14.49
N LEU C 80 3.22 -26.36 -15.40
CA LEU C 80 3.20 -25.37 -16.49
C LEU C 80 2.83 -26.00 -17.84
N SER C 81 2.56 -27.29 -17.83
CA SER C 81 2.19 -28.05 -19.02
C SER C 81 1.00 -27.46 -19.77
N GLN C 82 0.06 -26.83 -19.08
CA GLN C 82 -1.08 -26.24 -19.76
C GLN C 82 -1.09 -24.69 -19.70
N GLY C 83 -0.71 -24.15 -18.55
CA GLY C 83 -0.73 -22.70 -18.30
C GLY C 83 -0.90 -22.49 -16.79
N ALA C 84 -0.11 -21.63 -16.16
CA ALA C 84 -0.32 -21.27 -14.77
C ALA C 84 -0.36 -19.77 -14.64
N VAL C 85 -1.20 -19.29 -13.72
CA VAL C 85 -1.17 -17.88 -13.38
C VAL C 85 -0.24 -17.60 -12.21
N LEU C 86 0.63 -16.64 -12.44
CA LEU C 86 1.65 -16.20 -11.54
C LEU C 86 1.18 -14.83 -11.06
N GLU C 87 1.00 -14.69 -9.77
CA GLU C 87 0.39 -13.52 -9.19
C GLU C 87 1.41 -12.48 -8.89
N THR C 88 0.98 -11.24 -8.82
CA THR C 88 1.92 -10.14 -8.58
C THR C 88 2.41 -10.18 -7.12
N GLY C 89 3.67 -9.84 -6.92
CA GLY C 89 4.28 -9.94 -5.62
C GLY C 89 4.76 -11.33 -5.21
N CYS C 90 4.44 -12.35 -6.01
CA CYS C 90 4.96 -13.70 -5.77
C CYS C 90 6.22 -14.01 -6.57
N VAL C 91 7.06 -14.85 -6.02
CA VAL C 91 8.29 -15.26 -6.62
C VAL C 91 8.17 -16.77 -7.03
N TYR C 92 8.48 -17.02 -8.29
CA TYR C 92 8.51 -18.37 -8.80
C TYR C 92 9.91 -18.60 -9.35
N ILE C 93 10.41 -19.82 -9.17
CA ILE C 93 11.63 -20.28 -9.80
C ILE C 93 11.24 -21.37 -10.80
N VAL C 94 11.67 -21.17 -12.04
CA VAL C 94 11.33 -22.04 -13.15
C VAL C 94 12.58 -22.58 -13.82
N PRO C 95 12.82 -23.90 -13.69
CA PRO C 95 13.85 -24.55 -14.52
C PRO C 95 13.62 -24.28 -16.02
N LEU C 96 14.64 -23.77 -16.69
CA LEU C 96 14.55 -23.54 -18.12
C LEU C 96 14.77 -24.82 -18.94
N MET C 97 14.25 -24.81 -20.18
CA MET C 97 14.42 -25.94 -21.10
C MET C 97 15.86 -26.10 -21.55
N GLU C 98 16.59 -24.99 -21.62
CA GLU C 98 17.97 -24.99 -22.09
C GLU C 98 18.99 -25.12 -20.96
N SER C 99 20.10 -25.77 -21.29
CA SER C 99 21.27 -25.87 -20.43
C SER C 99 22.56 -25.73 -21.25
N LEU C 100 23.70 -25.56 -20.56
CA LEU C 100 24.98 -25.20 -21.21
C LEU C 100 26.12 -26.19 -20.91
N ALA C 101 27.08 -26.23 -21.82
CA ALA C 101 28.41 -26.86 -21.65
C ALA C 101 29.36 -26.02 -22.52
N LEU C 102 29.59 -24.80 -22.06
CA LEU C 102 30.33 -23.80 -22.78
C LEU C 102 31.84 -24.13 -22.81
N PRO C 103 32.54 -23.73 -23.90
CA PRO C 103 34.00 -23.70 -23.90
C PRO C 103 34.57 -22.78 -22.82
N ALA C 104 35.84 -23.03 -22.42
CA ALA C 104 36.54 -22.25 -21.38
C ALA C 104 36.64 -20.75 -21.61
N ASP C 105 36.69 -20.33 -22.87
CA ASP C 105 36.85 -18.90 -23.22
C ASP C 105 35.54 -18.17 -23.46
N MET C 106 34.42 -18.90 -23.43
CA MET C 106 33.08 -18.36 -23.69
C MET C 106 32.28 -18.14 -22.38
N SER C 107 31.76 -16.92 -22.22
CA SER C 107 30.81 -16.57 -21.15
C SER C 107 29.48 -16.20 -21.77
N ALA C 108 28.46 -16.04 -20.94
CA ALA C 108 27.16 -15.51 -21.36
C ALA C 108 26.52 -14.51 -20.30
N SER C 109 25.54 -13.74 -20.74
CA SER C 109 24.77 -12.86 -19.88
C SER C 109 23.29 -12.87 -20.33
N ALA C 110 22.39 -12.54 -19.43
CA ALA C 110 20.96 -12.63 -19.66
C ALA C 110 20.36 -11.27 -19.41
N ASN C 111 19.41 -10.90 -20.24
CA ASN C 111 18.55 -9.75 -20.04
C ASN C 111 17.11 -10.19 -20.28
N PRO C 112 16.13 -9.48 -19.71
CA PRO C 112 14.75 -9.72 -20.14
C PRO C 112 14.48 -9.31 -21.58
N LYS C 113 13.54 -9.99 -22.20
CA LYS C 113 12.98 -9.58 -23.49
C LYS C 113 12.19 -8.29 -23.33
N SER C 114 12.26 -7.41 -24.32
CA SER C 114 11.64 -6.11 -24.17
C SER C 114 10.16 -6.22 -23.85
N SER C 115 9.51 -7.24 -24.41
CA SER C 115 8.12 -7.57 -24.12
C SER C 115 7.86 -7.93 -22.65
N THR C 116 8.82 -8.60 -22.02
CA THR C 116 8.77 -8.92 -20.59
C THR C 116 8.80 -7.65 -19.77
N GLY C 117 9.72 -6.76 -20.17
CA GLY C 117 9.88 -5.45 -19.62
C GLY C 117 8.62 -4.62 -19.66
N ARG C 118 7.98 -4.58 -20.81
CA ARG C 118 6.72 -3.85 -21.00
C ARG C 118 5.61 -4.29 -20.02
N LEU C 119 5.64 -5.55 -19.61
CA LEU C 119 4.63 -6.11 -18.72
C LEU C 119 5.04 -6.03 -17.22
N ASP C 120 6.18 -5.37 -16.92
CA ASP C 120 6.70 -5.18 -15.56
C ASP C 120 6.90 -6.53 -14.85
N ILE C 121 7.44 -7.52 -15.57
CA ILE C 121 7.72 -8.85 -15.00
C ILE C 121 9.18 -8.90 -14.54
N PHE C 122 9.40 -8.93 -13.23
CA PHE C 122 10.72 -9.12 -12.67
C PHE C 122 11.26 -10.55 -12.97
N THR C 123 12.44 -10.62 -13.56
CA THR C 123 13.06 -11.88 -13.97
C THR C 123 14.52 -11.87 -13.64
N ARG C 124 15.03 -13.03 -13.26
CA ARG C 124 16.47 -13.21 -13.04
C ARG C 124 16.88 -14.61 -13.51
N VAL C 125 17.89 -14.66 -14.37
CA VAL C 125 18.51 -15.93 -14.70
C VAL C 125 19.55 -16.32 -13.62
N MET C 126 19.38 -17.51 -13.07
CA MET C 126 20.35 -18.08 -12.14
C MET C 126 20.94 -19.38 -12.67
N THR C 127 22.15 -19.64 -12.20
CA THR C 127 22.92 -20.81 -12.58
C THR C 127 23.39 -21.48 -11.29
N ASP C 128 23.84 -22.72 -11.39
CA ASP C 128 24.51 -23.39 -10.29
C ASP C 128 25.76 -22.59 -9.84
N ASN C 129 25.92 -22.46 -8.52
CA ASN C 129 27.01 -21.75 -7.87
C ASN C 129 27.06 -20.23 -8.08
N ALA C 130 25.97 -19.62 -8.52
CA ALA C 130 25.91 -18.19 -8.82
C ALA C 130 26.08 -17.30 -7.57
N GLN C 131 26.96 -16.31 -7.68
CA GLN C 131 27.10 -15.24 -6.68
C GLN C 131 26.51 -13.94 -7.24
N GLU C 132 26.10 -14.02 -8.51
CA GLU C 132 25.51 -12.92 -9.24
C GLU C 132 24.42 -13.44 -10.18
N PHE C 133 23.35 -12.67 -10.36
CA PHE C 133 22.33 -13.02 -11.37
C PHE C 133 22.75 -12.54 -12.75
N ASP C 134 22.06 -13.10 -13.72
CA ASP C 134 22.19 -12.87 -15.16
C ASP C 134 23.60 -12.93 -15.73
N LYS C 135 24.49 -13.68 -15.07
CA LYS C 135 25.88 -13.85 -15.49
C LYS C 135 26.23 -15.32 -15.51
N ILE C 136 26.65 -15.80 -16.66
CA ILE C 136 27.04 -17.19 -16.83
C ILE C 136 28.58 -17.17 -16.96
N PRO C 137 29.26 -17.82 -16.01
CA PRO C 137 30.71 -17.90 -16.02
C PRO C 137 31.28 -18.54 -17.30
N ALA C 138 32.51 -18.17 -17.65
CA ALA C 138 33.21 -18.74 -18.81
C ALA C 138 33.33 -20.22 -18.61
N GLY C 139 32.91 -21.02 -19.59
CA GLY C 139 32.94 -22.48 -19.47
C GLY C 139 31.91 -23.11 -18.52
N TYR C 140 30.80 -22.41 -18.31
CA TYR C 140 29.74 -22.90 -17.46
C TYR C 140 29.12 -24.18 -18.03
N THR C 141 28.98 -25.20 -17.20
CA THR C 141 28.30 -26.45 -17.54
C THR C 141 27.19 -26.59 -16.52
N GLY C 142 25.96 -26.58 -16.97
CA GLY C 142 24.85 -26.83 -16.08
C GLY C 142 23.53 -26.24 -16.51
N PRO C 143 22.54 -26.35 -15.61
CA PRO C 143 21.21 -25.89 -15.86
C PRO C 143 21.05 -24.38 -15.69
N LEU C 144 19.93 -23.88 -16.20
CA LEU C 144 19.54 -22.51 -16.03
C LEU C 144 18.14 -22.45 -15.42
N TYR C 145 17.90 -21.38 -14.66
CA TYR C 145 16.66 -21.19 -13.93
C TYR C 145 16.26 -19.75 -14.08
N LEU C 146 14.98 -19.50 -14.27
CA LEU C 146 14.43 -18.16 -14.30
C LEU C 146 13.64 -17.89 -13.03
N GLU C 147 14.09 -16.89 -12.30
CA GLU C 147 13.31 -16.31 -11.24
C GLU C 147 12.33 -15.32 -11.85
N ILE C 148 11.06 -15.47 -11.50
CA ILE C 148 9.96 -14.68 -12.04
C ILE C 148 9.10 -14.11 -10.91
N SER C 149 8.80 -12.83 -11.03
CA SER C 149 7.86 -12.19 -10.14
C SER C 149 7.14 -11.03 -10.87
N PRO C 150 5.85 -11.21 -11.19
CA PRO C 150 5.04 -10.16 -11.76
C PRO C 150 4.91 -8.99 -10.78
N ARG C 151 5.09 -7.76 -11.27
CA ARG C 151 4.99 -6.59 -10.42
C ARG C 151 3.74 -5.72 -10.58
N THR C 152 3.10 -5.79 -11.75
CA THR C 152 1.93 -4.97 -12.07
C THR C 152 0.80 -5.81 -12.62
N PHE C 153 1.08 -6.65 -13.59
CA PHE C 153 0.05 -7.51 -14.17
C PHE C 153 0.26 -8.93 -13.70
N PRO C 154 -0.84 -9.63 -13.32
CA PRO C 154 -0.74 -11.05 -13.18
C PRO C 154 -0.58 -11.64 -14.57
N ILE C 155 0.08 -12.79 -14.68
CA ILE C 155 0.38 -13.36 -15.97
C ILE C 155 0.09 -14.84 -16.05
N VAL C 156 -0.22 -15.32 -17.25
CA VAL C 156 -0.25 -16.74 -17.52
C VAL C 156 0.97 -17.14 -18.38
N VAL C 157 1.69 -18.15 -17.90
CA VAL C 157 2.84 -18.72 -18.58
C VAL C 157 2.66 -20.23 -18.73
N ARG C 158 3.42 -20.81 -19.63
CA ARG C 158 3.45 -22.24 -19.79
C ARG C 158 4.80 -22.72 -20.25
N ARG C 159 4.98 -24.03 -20.24
CA ARG C 159 6.13 -24.67 -20.87
C ARG C 159 6.35 -24.08 -22.25
N GLY C 160 7.57 -23.64 -22.53
CA GLY C 160 7.89 -23.01 -23.78
C GLY C 160 7.79 -21.51 -23.87
N SER C 161 7.22 -20.88 -22.84
CA SER C 161 7.11 -19.43 -22.80
C SER C 161 8.52 -18.83 -22.77
N ARG C 162 8.70 -17.70 -23.45
CA ARG C 162 9.99 -17.06 -23.55
C ARG C 162 9.96 -15.68 -22.92
N LEU C 163 10.65 -15.52 -21.79
CA LEU C 163 10.66 -14.26 -21.06
C LEU C 163 12.04 -13.60 -21.05
N SER C 164 13.06 -14.40 -21.35
CA SER C 164 14.44 -13.97 -21.16
C SER C 164 15.30 -14.36 -22.34
N GLN C 165 16.40 -13.66 -22.52
CA GLN C 165 17.35 -14.06 -23.53
C GLN C 165 18.77 -14.07 -23.02
N ILE C 166 19.61 -14.82 -23.73
CA ILE C 166 21.02 -15.00 -23.39
C ILE C 166 21.90 -14.66 -24.59
N ARG C 167 22.89 -13.83 -24.31
CA ARG C 167 23.93 -13.42 -25.22
C ARG C 167 25.25 -14.06 -24.82
N PHE C 168 25.86 -14.74 -25.77
CA PHE C 168 27.15 -15.41 -25.63
C PHE C 168 28.28 -14.54 -26.18
N ARG C 169 29.40 -14.55 -25.51
CA ARG C 169 30.55 -13.75 -25.94
C ARG C 169 31.88 -14.51 -25.69
N ILE C 170 32.87 -14.23 -26.53
CA ILE C 170 34.26 -14.60 -26.23
C ILE C 170 35.00 -13.30 -25.87
N GLY C 171 35.50 -13.22 -24.65
CA GLY C 171 36.12 -12.00 -24.17
C GLY C 171 35.05 -10.99 -23.80
N HIS C 172 35.34 -9.71 -24.09
CA HIS C 172 34.42 -8.61 -23.80
C HIS C 172 34.73 -7.38 -24.68
N ALA C 173 34.45 -7.50 -25.99
CA ALA C 173 34.86 -6.52 -27.01
C ALA C 173 34.09 -5.20 -27.03
N LEU C 174 34.24 -4.43 -25.96
CA LEU C 174 33.60 -3.12 -25.81
C LEU C 174 34.23 -2.08 -26.74
N LEU C 175 33.57 -0.92 -26.83
CA LEU C 175 34.01 0.22 -27.63
C LEU C 175 34.40 1.42 -26.73
N ASN C 176 34.95 2.48 -27.34
CA ASN C 176 35.32 3.71 -26.65
C ASN C 176 34.83 4.98 -27.38
N GLU C 177 35.15 6.15 -26.82
CA GLU C 177 34.62 7.43 -27.32
C GLU C 177 35.11 7.84 -28.73
N SER C 178 36.23 7.27 -29.17
CA SER C 178 36.76 7.49 -30.53
C SER C 178 35.99 6.60 -31.52
N GLU C 179 36.09 5.29 -31.29
CA GLU C 179 35.34 4.26 -32.02
C GLU C 179 33.85 4.58 -32.16
N VAL C 180 33.22 5.00 -31.07
CA VAL C 180 31.80 5.31 -31.07
C VAL C 180 31.47 6.54 -31.93
N LEU C 181 32.24 7.63 -31.79
CA LEU C 181 32.13 8.81 -32.67
C LEU C 181 32.54 8.50 -34.12
N LYS C 182 33.57 7.66 -34.31
CA LYS C 182 33.98 7.18 -35.64
C LYS C 182 32.82 6.41 -36.33
N LEU C 183 32.30 5.40 -35.63
CA LEU C 183 31.17 4.61 -36.07
C LEU C 183 29.93 5.47 -36.38
N HIS C 184 29.66 6.48 -35.55
CA HIS C 184 28.60 7.46 -35.84
C HIS C 184 28.92 8.33 -37.07
N GLU C 185 30.21 8.46 -37.40
CA GLU C 185 30.62 9.17 -38.63
C GLU C 185 30.09 8.45 -39.86
N THR C 186 30.53 7.20 -40.02
CA THR C 186 30.20 6.38 -41.17
C THR C 186 28.74 5.87 -41.15
N GLU C 187 28.44 4.96 -40.23
CA GLU C 187 27.08 4.51 -39.98
C GLU C 187 26.48 5.50 -38.98
N THR C 188 25.18 5.71 -39.00
CA THR C 188 24.54 6.70 -38.12
C THR C 188 24.04 6.04 -36.81
N LEU C 189 24.61 6.45 -35.68
CA LEU C 189 24.18 5.93 -34.36
C LEU C 189 22.96 6.67 -33.79
N VAL C 190 22.82 7.96 -34.10
CA VAL C 190 21.64 8.77 -33.73
C VAL C 190 21.22 9.62 -34.95
N ALA C 191 19.93 9.65 -35.28
CA ALA C 191 19.40 10.61 -36.25
C ALA C 191 19.21 11.99 -35.58
N SER C 192 20.28 12.80 -35.55
CA SER C 192 20.29 14.08 -34.83
C SER C 192 21.07 15.15 -35.60
N ASN C 194 23.83 16.06 -32.17
CA ASN C 194 24.85 15.00 -32.19
C ASN C 194 25.00 14.30 -30.83
N PRO C 195 25.50 13.05 -30.85
CA PRO C 195 25.43 12.16 -29.68
C PRO C 195 26.33 12.50 -28.49
N ASN C 196 25.80 12.29 -27.28
CA ASN C 196 26.51 12.49 -26.02
C ASN C 196 27.27 11.21 -25.65
N VAL C 197 28.54 11.15 -26.03
CA VAL C 197 29.33 9.95 -25.84
C VAL C 197 30.17 9.98 -24.56
N THR C 198 29.99 8.97 -23.70
CA THR C 198 30.86 8.76 -22.53
C THR C 198 31.26 7.29 -22.42
N GLY C 201 29.43 4.42 -24.74
CA GLY C 201 28.30 4.65 -25.64
C GLY C 201 27.40 5.83 -25.31
N ILE C 202 26.41 6.05 -26.17
CA ILE C 202 25.64 7.29 -26.20
C ILE C 202 24.55 7.37 -25.12
N ALA C 203 24.49 8.53 -24.45
CA ALA C 203 23.39 8.89 -23.57
C ALA C 203 22.06 8.88 -24.29
N LEU C 204 21.10 8.20 -23.67
CA LEU C 204 19.72 8.24 -24.09
C LEU C 204 18.96 9.15 -23.10
N SER C 205 18.08 9.98 -23.65
CA SER C 205 17.32 10.97 -22.89
C SER C 205 15.82 10.92 -23.21
N ILE C 206 15.00 11.39 -22.26
CA ILE C 206 13.55 11.16 -22.27
C ILE C 206 12.76 12.23 -23.05
N ASP C 207 11.75 11.78 -23.78
CA ASP C 207 10.89 12.64 -24.57
C ASP C 207 9.59 12.82 -23.81
N LEU C 208 9.36 14.03 -23.34
CA LEU C 208 8.12 14.34 -22.64
C LEU C 208 7.28 15.48 -23.28
N LYS C 209 7.62 15.89 -24.50
CA LYS C 209 6.84 16.90 -25.25
C LYS C 209 5.50 16.37 -25.74
N GLY C 210 5.47 15.12 -26.14
CA GLY C 210 4.26 14.49 -26.65
C GLY C 210 4.40 14.07 -28.10
N PHE C 211 3.32 13.46 -28.61
CA PHE C 211 3.23 12.96 -29.98
C PHE C 211 1.82 13.17 -30.50
N GLY C 212 1.69 13.98 -31.55
CA GLY C 212 0.41 14.19 -32.23
C GLY C 212 -0.41 15.37 -31.70
N GLU C 213 -1.68 15.40 -32.12
CA GLU C 213 -2.63 16.41 -31.65
C GLU C 213 -2.77 16.31 -30.12
N ASN C 214 -2.92 15.09 -29.61
CA ASN C 214 -3.18 14.87 -28.17
C ASN C 214 -1.97 15.00 -27.23
N GLY C 215 -0.76 14.77 -27.71
CA GLY C 215 0.46 14.93 -26.88
C GLY C 215 0.83 13.73 -26.02
N LEU C 216 0.55 12.52 -26.50
CA LEU C 216 0.77 11.26 -25.77
C LEU C 216 2.25 11.04 -25.53
N ILE C 217 2.67 10.99 -24.26
CA ILE C 217 4.09 10.76 -23.92
C ILE C 217 4.41 9.29 -23.56
N GLY C 218 3.40 8.53 -23.21
CA GLY C 218 3.59 7.15 -22.82
C GLY C 218 2.40 6.55 -22.10
N TYR C 219 2.67 5.53 -21.30
CA TYR C 219 1.63 4.81 -20.58
C TYR C 219 2.08 4.48 -19.17
N ARG C 220 1.09 4.35 -18.33
CA ARG C 220 1.23 3.83 -16.98
C ARG C 220 0.41 2.55 -16.83
N GLY C 221 1.03 1.55 -16.22
CA GLY C 221 0.40 0.27 -16.00
C GLY C 221 -0.77 0.41 -15.08
N LYS C 222 -1.85 -0.23 -15.42
CA LYS C 222 -3.05 -0.19 -14.64
C LYS C 222 -3.13 -1.24 -13.55
N HIS C 223 -3.64 -0.83 -12.41
CA HIS C 223 -3.31 -1.46 -11.17
C HIS C 223 -4.23 -2.51 -10.73
N HIS C 224 -5.20 -2.89 -11.54
CA HIS C 224 -5.95 -4.11 -11.29
C HIS C 224 -6.41 -4.43 -12.66
N THR C 225 -6.30 -5.70 -13.09
CA THR C 225 -6.43 -6.08 -14.51
C THR C 225 -6.69 -7.55 -14.69
N ALA C 226 -7.14 -7.95 -15.87
CA ALA C 226 -7.17 -9.33 -16.23
C ALA C 226 -5.73 -9.90 -16.30
N VAL C 227 -5.61 -11.23 -16.27
CA VAL C 227 -4.33 -11.90 -16.45
C VAL C 227 -3.88 -11.72 -17.89
N VAL C 228 -2.60 -11.41 -18.08
CA VAL C 228 -1.96 -11.30 -19.38
C VAL C 228 -1.29 -12.63 -19.77
N ASP C 229 -1.66 -13.18 -20.92
CA ASP C 229 -1.06 -14.39 -21.46
C ASP C 229 0.15 -13.95 -22.25
N VAL C 230 1.33 -14.34 -21.75
CA VAL C 230 2.59 -13.83 -22.25
C VAL C 230 2.89 -14.34 -23.68
N ASP C 231 2.30 -15.46 -24.08
CA ASP C 231 2.48 -15.99 -25.42
C ASP C 231 1.57 -15.32 -26.48
N LYS C 232 0.43 -14.81 -26.02
CA LYS C 232 -0.60 -14.25 -26.87
C LYS C 232 -0.88 -12.84 -26.42
N LYS C 233 0.18 -12.01 -26.31
CA LYS C 233 0.03 -10.70 -25.61
C LYS C 233 -0.19 -9.50 -26.55
N ALA C 234 -0.39 -9.81 -27.84
CA ALA C 234 -1.04 -8.90 -28.77
C ALA C 234 -2.43 -9.49 -29.02
N GLN C 235 -3.25 -9.50 -27.97
CA GLN C 235 -4.68 -9.90 -28.05
C GLN C 235 -5.68 -8.93 -27.38
N HIS C 236 -5.19 -8.05 -26.48
CA HIS C 236 -6.05 -7.24 -25.59
C HIS C 236 -6.40 -5.80 -26.04
N ASP C 237 -7.41 -5.25 -25.38
CA ASP C 237 -7.86 -3.87 -25.55
C ASP C 237 -6.97 -2.98 -24.67
N VAL C 238 -6.33 -1.95 -25.24
CA VAL C 238 -5.26 -1.22 -24.51
C VAL C 238 -5.72 -0.48 -23.24
N LEU C 239 -6.96 0.02 -23.21
CA LEU C 239 -7.50 0.75 -22.07
C LEU C 239 -7.78 -0.16 -20.87
N ASP C 240 -7.85 -1.47 -21.14
CA ASP C 240 -7.98 -2.54 -20.10
C ASP C 240 -6.75 -2.77 -19.21
N PHE C 241 -5.56 -2.39 -19.69
CA PHE C 241 -4.28 -2.58 -19.01
C PHE C 241 -3.44 -1.35 -18.81
N TRP C 242 -3.71 -0.29 -19.55
CA TRP C 242 -2.85 0.90 -19.53
C TRP C 242 -3.63 2.21 -19.42
N GLU C 243 -3.02 3.16 -18.73
CA GLU C 243 -3.47 4.54 -18.66
C GLU C 243 -2.57 5.36 -19.56
N PRO C 244 -3.13 5.94 -20.64
CA PRO C 244 -2.33 6.81 -21.50
C PRO C 244 -1.91 8.05 -20.72
N LEU C 245 -0.71 8.55 -20.98
CA LEU C 245 -0.27 9.79 -20.38
C LEU C 245 -0.14 10.86 -21.46
N PHE C 246 -0.77 11.99 -21.22
CA PHE C 246 -0.73 13.15 -22.13
C PHE C 246 -0.05 14.34 -21.47
N ALA C 247 1.00 14.85 -22.10
CA ALA C 247 1.64 16.09 -21.69
C ALA C 247 0.66 17.32 -21.73
N ARG C 248 0.82 18.21 -20.73
CA ARG C 248 -0.11 19.33 -20.46
C ARG C 248 0.62 20.27 -19.49
N GLY C 249 0.83 21.52 -19.91
CA GLY C 249 1.68 22.44 -19.15
C GLY C 249 3.14 22.16 -19.49
N ARG C 250 3.99 22.02 -18.48
CA ARG C 250 5.40 21.76 -18.70
C ARG C 250 5.60 20.36 -19.25
N ALA C 251 6.72 20.14 -19.92
CA ALA C 251 7.08 18.85 -20.49
C ALA C 251 7.82 18.03 -19.40
N GLU C 252 7.02 17.55 -18.46
CA GLU C 252 7.51 16.88 -17.26
C GLU C 252 6.50 15.87 -16.74
N LEU C 253 6.99 14.96 -15.92
CA LEU C 253 6.19 13.83 -15.44
C LEU C 253 6.62 13.50 -14.02
N ILE C 254 5.64 13.44 -13.11
CA ILE C 254 5.86 12.96 -11.74
C ILE C 254 5.78 11.45 -11.68
N LEU C 255 6.92 10.86 -11.33
CA LEU C 255 7.06 9.43 -11.15
C LEU C 255 6.69 9.03 -9.73
N ASP C 256 5.47 8.55 -9.54
CA ASP C 256 5.00 7.95 -8.29
C ASP C 256 5.77 6.59 -8.13
N PRO C 257 6.41 6.36 -6.96
CA PRO C 257 7.20 5.13 -6.82
C PRO C 257 6.36 3.81 -6.95
N ASP C 258 5.08 3.87 -6.59
CA ASP C 258 4.16 2.73 -6.75
C ASP C 258 3.81 2.41 -8.21
N GLU C 259 4.33 3.18 -9.16
CA GLU C 259 3.84 3.15 -10.54
C GLU C 259 4.86 2.67 -11.56
N PHE C 260 4.31 2.10 -12.61
CA PHE C 260 5.09 1.62 -13.74
C PHE C 260 4.84 2.48 -14.98
N TYR C 261 5.90 2.97 -15.59
CA TYR C 261 5.80 3.82 -16.78
C TYR C 261 6.51 3.26 -18.03
N ILE C 262 5.81 3.26 -19.16
CA ILE C 262 6.40 3.03 -20.48
C ILE C 262 6.49 4.38 -21.23
N LEU C 263 7.73 4.79 -21.46
CA LEU C 263 8.07 6.04 -22.07
C LEU C 263 9.02 5.78 -23.23
N VAL C 264 9.49 6.83 -23.88
CA VAL C 264 10.32 6.69 -25.08
C VAL C 264 11.45 7.71 -25.15
N SER C 265 12.59 7.30 -25.68
CA SER C 265 13.71 8.19 -25.86
C SER C 265 13.45 9.25 -26.95
N ARG C 266 14.22 10.34 -26.85
CA ARG C 266 14.18 11.41 -27.80
C ARG C 266 14.93 10.99 -29.05
N GLU C 267 16.02 10.25 -28.83
CA GLU C 267 16.91 9.84 -29.89
C GLU C 267 16.39 8.63 -30.65
N ALA C 268 16.39 8.74 -31.98
CA ALA C 268 16.23 7.59 -32.86
C ALA C 268 17.61 6.95 -32.94
N VAL C 269 17.69 5.71 -32.50
CA VAL C 269 18.95 4.96 -32.42
C VAL C 269 19.10 3.84 -33.51
N HIS C 270 20.34 3.53 -33.86
CA HIS C 270 20.66 2.56 -34.89
C HIS C 270 21.94 1.78 -34.54
N VAL C 271 21.82 0.45 -34.59
CA VAL C 271 22.92 -0.47 -34.28
C VAL C 271 23.37 -1.12 -35.62
N PRO C 272 24.57 -0.76 -36.11
CA PRO C 272 25.00 -1.37 -37.37
C PRO C 272 25.23 -2.88 -37.26
N PRO C 273 25.12 -3.61 -38.39
CA PRO C 273 25.06 -5.09 -38.48
C PRO C 273 26.28 -5.87 -37.93
N LEU C 274 27.37 -5.16 -37.67
CA LEU C 274 28.60 -5.75 -37.15
C LEU C 274 28.81 -5.38 -35.68
N TYR C 275 27.80 -4.74 -35.11
CA TYR C 275 27.75 -4.38 -33.70
C TYR C 275 26.49 -4.89 -32.98
N ALA C 276 26.65 -5.22 -31.71
CA ALA C 276 25.53 -5.38 -30.78
C ALA C 276 25.54 -4.23 -29.74
N ALA C 277 24.37 -3.93 -29.17
CA ALA C 277 24.27 -2.91 -28.12
C ALA C 277 23.47 -3.40 -26.91
N GLU C 278 23.75 -2.80 -25.76
CA GLU C 278 23.01 -3.05 -24.54
C GLU C 278 22.68 -1.72 -23.86
N MET C 279 21.42 -1.52 -23.56
CA MET C 279 21.00 -0.44 -22.68
C MET C 279 21.38 -0.68 -21.21
N THR C 280 21.98 0.34 -20.60
CA THR C 280 22.34 0.30 -19.20
C THR C 280 21.74 1.50 -18.46
N PRO C 281 21.48 1.35 -17.15
CA PRO C 281 20.95 2.46 -16.35
C PRO C 281 21.96 3.59 -16.18
N PHE C 282 21.46 4.82 -16.09
CA PHE C 282 22.31 6.00 -15.88
C PHE C 282 22.71 6.15 -14.41
N ASP C 283 23.95 5.79 -14.10
CA ASP C 283 24.37 5.56 -12.71
C ASP C 283 24.37 6.80 -11.77
N PRO C 284 24.72 7.98 -12.31
CA PRO C 284 24.59 9.18 -11.46
C PRO C 284 23.24 9.35 -10.74
N LEU C 285 22.14 9.09 -11.44
CA LEU C 285 20.78 9.40 -10.98
C LEU C 285 19.96 8.19 -10.50
N VAL C 286 20.59 7.02 -10.37
CA VAL C 286 19.94 5.74 -10.08
C VAL C 286 19.38 5.60 -8.65
N GLY C 287 19.90 6.41 -7.73
CA GLY C 287 19.31 6.54 -6.37
C GLY C 287 18.01 7.33 -6.32
N GLU C 288 17.62 7.87 -7.49
CA GLU C 288 16.48 8.75 -7.64
C GLU C 288 15.37 8.20 -8.62
N PHE C 289 15.77 7.74 -9.81
CA PHE C 289 14.91 6.93 -10.69
C PHE C 289 15.80 6.00 -11.50
N ARG C 290 15.22 4.93 -12.02
CA ARG C 290 15.95 3.96 -12.85
C ARG C 290 15.14 3.59 -14.08
N VAL C 291 15.83 3.45 -15.20
CA VAL C 291 15.36 2.59 -16.28
C VAL C 291 15.40 1.10 -15.86
N HIS C 292 14.21 0.50 -15.79
CA HIS C 292 14.04 -0.93 -15.53
C HIS C 292 13.99 -1.72 -16.84
N TYR C 293 14.46 -2.96 -16.79
CA TYR C 293 14.38 -3.97 -17.85
C TYR C 293 15.25 -3.63 -19.06
N ALA C 294 16.34 -2.89 -18.80
CA ALA C 294 17.36 -2.59 -19.81
C ALA C 294 17.82 -3.91 -20.45
N GLY C 295 17.77 -3.94 -21.76
CA GLY C 295 18.03 -5.16 -22.50
C GLY C 295 18.94 -4.96 -23.68
N PHE C 296 19.02 -6.06 -24.43
CA PHE C 296 19.89 -6.19 -25.59
C PHE C 296 19.27 -5.54 -26.81
N PHE C 297 20.13 -4.93 -27.63
CA PHE C 297 19.76 -4.48 -28.97
C PHE C 297 20.50 -5.34 -29.98
N ASP C 298 19.77 -5.94 -30.91
CA ASP C 298 20.40 -6.72 -31.98
C ASP C 298 21.10 -5.83 -33.05
N PRO C 299 22.24 -6.30 -33.60
CA PRO C 299 22.76 -5.73 -34.84
C PRO C 299 21.68 -5.57 -35.88
N GLY C 300 21.64 -4.42 -36.53
CA GLY C 300 20.56 -4.10 -37.45
C GLY C 300 19.42 -3.30 -36.86
N PHE C 301 19.39 -3.11 -35.55
CA PHE C 301 18.33 -2.30 -34.94
C PHE C 301 18.34 -0.88 -35.52
N GLY C 302 17.17 -0.43 -35.99
CA GLY C 302 17.00 0.91 -36.60
C GLY C 302 17.66 1.09 -37.97
N HIS C 303 17.65 0.03 -38.80
CA HIS C 303 18.26 0.07 -40.15
C HIS C 303 17.37 0.88 -41.10
N ALA C 304 17.99 1.82 -41.84
CA ALA C 304 17.27 2.80 -42.70
C ALA C 304 16.07 2.20 -43.46
N GLN C 305 14.90 2.84 -43.37
CA GLN C 305 13.66 2.31 -43.94
C GLN C 305 12.76 3.40 -44.55
N GLY C 308 14.32 7.64 -43.49
CA GLY C 308 14.48 7.80 -42.06
C GLY C 308 15.24 6.67 -41.39
N THR C 309 16.49 6.94 -41.05
CA THR C 309 17.33 5.99 -40.32
C THR C 309 17.12 6.13 -38.80
N GLY C 310 17.35 5.01 -38.09
CA GLY C 310 17.30 4.98 -36.64
C GLY C 310 15.91 4.87 -36.06
N SER C 311 15.83 4.19 -34.91
CA SER C 311 14.57 3.92 -34.24
C SER C 311 14.65 4.33 -32.77
N ARG C 312 13.54 4.79 -32.21
CA ARG C 312 13.50 5.16 -30.79
C ARG C 312 13.45 3.99 -29.82
N ALA C 313 14.23 4.10 -28.75
CA ALA C 313 14.16 3.19 -27.60
C ALA C 313 12.89 3.39 -26.77
N VAL C 314 12.17 2.32 -26.49
CA VAL C 314 11.03 2.33 -25.56
C VAL C 314 11.63 2.02 -24.18
N LEU C 315 11.24 2.76 -23.15
CA LEU C 315 11.88 2.68 -21.86
C LEU C 315 10.88 2.45 -20.77
N GLU C 316 11.21 1.55 -19.86
CA GLU C 316 10.49 1.35 -18.63
C GLU C 316 11.22 2.08 -17.51
N VAL C 317 10.50 2.97 -16.86
CA VAL C 317 11.08 3.80 -15.83
C VAL C 317 10.20 3.80 -14.59
N ARG C 318 10.88 3.78 -13.45
CA ARG C 318 10.27 3.84 -12.17
C ARG C 318 11.14 4.71 -11.30
N SER C 319 10.51 5.42 -10.36
CA SER C 319 11.26 6.13 -9.31
C SER C 319 11.59 5.23 -8.12
N HIS C 320 12.77 5.50 -7.54
CA HIS C 320 13.23 4.85 -6.31
C HIS C 320 12.72 5.60 -5.09
N GLU C 321 11.74 5.03 -4.40
CA GLU C 321 11.39 5.47 -3.02
C GLU C 321 10.62 6.82 -2.91
N VAL C 322 11.11 7.89 -3.51
CA VAL C 322 10.48 9.19 -3.41
C VAL C 322 9.93 9.58 -4.77
N PRO C 323 8.74 10.22 -4.80
CA PRO C 323 8.30 10.77 -6.07
C PRO C 323 9.32 11.73 -6.66
N PHE C 324 9.46 11.69 -7.98
CA PHE C 324 10.44 12.46 -8.73
C PHE C 324 9.77 13.12 -9.93
N ILE C 325 10.09 14.40 -10.15
CA ILE C 325 9.69 15.11 -11.36
C ILE C 325 10.74 14.83 -12.43
N LEU C 326 10.37 13.98 -13.38
CA LEU C 326 11.20 13.70 -14.56
C LEU C 326 10.90 14.75 -15.64
N GLU C 327 11.95 15.37 -16.16
CA GLU C 327 11.83 16.46 -17.09
C GLU C 327 12.39 16.15 -18.52
N HIS C 328 11.70 16.65 -19.53
CA HIS C 328 12.11 16.51 -20.93
C HIS C 328 13.61 16.66 -21.10
N GLY C 329 14.21 15.69 -21.78
CA GLY C 329 15.63 15.76 -22.10
C GLY C 329 16.55 15.29 -21.00
N GLN C 330 15.98 14.89 -19.88
CA GLN C 330 16.72 14.19 -18.87
C GLN C 330 17.36 12.94 -19.47
N ILE C 331 18.66 12.76 -19.21
CA ILE C 331 19.38 11.55 -19.51
C ILE C 331 18.95 10.41 -18.56
N VAL C 332 18.42 9.36 -19.16
CA VAL C 332 17.83 8.24 -18.42
C VAL C 332 18.66 6.93 -18.53
N GLY C 333 19.69 6.95 -19.36
CA GLY C 333 20.51 5.77 -19.60
C GLY C 333 21.61 5.94 -20.63
N ARG C 334 22.36 4.86 -20.80
CA ARG C 334 23.45 4.81 -21.77
C ARG C 334 23.35 3.56 -22.65
N LEU C 335 23.48 3.73 -23.97
CA LEU C 335 23.43 2.60 -24.90
C LEU C 335 24.85 2.22 -25.24
N VAL C 336 25.25 1.02 -24.81
CA VAL C 336 26.64 0.58 -24.84
C VAL C 336 26.82 -0.40 -25.99
N TYR C 337 27.80 -0.12 -26.84
CA TYR C 337 28.10 -0.89 -28.04
C TYR C 337 29.20 -1.93 -27.83
N GLU C 338 29.17 -2.98 -28.65
CA GLU C 338 30.09 -4.13 -28.53
C GLU C 338 30.24 -4.84 -29.87
N HIS C 339 31.39 -5.46 -30.07
CA HIS C 339 31.71 -6.08 -31.33
C HIS C 339 31.07 -7.46 -31.45
N MET C 340 30.47 -7.70 -32.61
CA MET C 340 30.17 -9.08 -33.05
C MET C 340 31.48 -9.80 -33.44
N LEU C 341 31.55 -11.09 -33.10
CA LEU C 341 32.56 -12.02 -33.65
C LEU C 341 32.44 -12.12 -35.18
N GLU C 342 31.21 -12.31 -35.67
CA GLU C 342 30.93 -12.33 -37.11
C GLU C 342 29.54 -11.75 -37.37
N LYS C 343 29.30 -11.39 -38.63
CA LYS C 343 28.02 -10.80 -39.06
C LYS C 343 26.86 -11.82 -39.01
N PRO C 344 25.73 -11.44 -38.37
CA PRO C 344 24.52 -12.28 -38.31
C PRO C 344 24.16 -12.96 -39.64
N GLU C 345 24.07 -14.29 -39.62
CA GLU C 345 23.82 -15.10 -40.84
C GLU C 345 22.35 -15.07 -41.21
N ARG D 8 -41.67 -26.53 19.61
CA ARG D 8 -41.48 -25.36 18.71
C ARG D 8 -41.74 -25.73 17.26
N THR D 9 -42.41 -24.81 16.54
CA THR D 9 -42.58 -24.89 15.08
C THR D 9 -41.45 -24.15 14.33
N THR D 10 -40.65 -23.38 15.08
CA THR D 10 -39.57 -22.57 14.52
C THR D 10 -38.25 -22.73 15.29
N GLY D 11 -37.14 -22.72 14.56
CA GLY D 11 -35.80 -22.80 15.18
C GLY D 11 -34.77 -23.38 14.24
N ILE D 12 -33.57 -23.60 14.79
CA ILE D 12 -32.42 -24.08 14.03
C ILE D 12 -32.45 -25.58 13.93
N LEU D 13 -32.39 -26.11 12.72
CA LEU D 13 -32.31 -27.56 12.53
C LEU D 13 -31.04 -28.16 13.14
N ALA D 14 -31.25 -29.17 14.00
CA ALA D 14 -30.19 -30.01 14.54
C ALA D 14 -29.63 -30.95 13.48
N ASP D 15 -28.62 -31.75 13.84
CA ASP D 15 -27.88 -32.53 12.83
C ASP D 15 -28.64 -33.77 12.31
N GLY D 16 -29.47 -34.37 13.16
CA GLY D 16 -30.44 -35.38 12.73
C GLY D 16 -31.38 -34.84 11.66
N ALA D 17 -31.94 -33.65 11.91
CA ALA D 17 -32.79 -32.92 10.93
C ALA D 17 -32.07 -32.53 9.65
N ILE D 18 -30.76 -32.36 9.72
CA ILE D 18 -29.95 -32.11 8.53
C ILE D 18 -29.79 -33.43 7.75
N ARG D 19 -29.36 -34.47 8.44
CA ARG D 19 -29.27 -35.83 7.86
C ARG D 19 -30.61 -36.28 7.27
N ALA D 20 -31.71 -35.89 7.89
CA ALA D 20 -33.06 -36.03 7.30
C ALA D 20 -33.29 -35.31 5.94
N LEU D 21 -32.47 -34.31 5.61
CA LEU D 21 -32.57 -33.59 4.33
C LEU D 21 -31.78 -34.27 3.20
N PHE D 22 -30.58 -34.77 3.51
CA PHE D 22 -29.80 -35.57 2.55
C PHE D 22 -30.58 -36.82 2.09
N ALA D 23 -31.25 -37.49 3.05
CA ALA D 23 -32.10 -38.67 2.78
C ALA D 23 -33.29 -38.34 1.86
N GLY D 24 -34.08 -37.34 2.25
CA GLY D 24 -35.25 -36.88 1.47
C GLY D 24 -34.92 -35.90 0.35
N ASP D 25 -33.67 -35.93 -0.11
CA ASP D 25 -33.11 -35.10 -1.21
C ASP D 25 -33.40 -33.58 -1.24
N LYS D 26 -33.65 -32.99 -0.06
CA LYS D 26 -33.67 -31.53 0.09
C LYS D 26 -32.25 -30.93 0.11
N LEU D 27 -31.25 -31.75 0.46
CA LEU D 27 -29.82 -31.45 0.30
C LEU D 27 -29.22 -32.53 -0.58
N LYS D 28 -28.34 -32.15 -1.50
CA LYS D 28 -27.60 -33.11 -2.34
C LYS D 28 -26.11 -32.83 -2.29
N SER D 29 -25.32 -33.79 -2.77
CA SER D 29 -23.88 -33.62 -2.84
C SER D 29 -23.26 -34.46 -3.93
N GLU D 30 -22.15 -33.96 -4.47
CA GLU D 30 -21.36 -34.64 -5.50
C GLU D 30 -20.85 -36.02 -5.03
N ALA D 31 -20.31 -36.09 -3.81
CA ALA D 31 -19.87 -37.35 -3.22
C ALA D 31 -20.61 -37.58 -1.90
N ASP D 32 -20.43 -38.77 -1.34
CA ASP D 32 -20.95 -39.08 0.00
C ASP D 32 -20.33 -38.12 1.04
N LEU D 33 -21.16 -37.59 1.93
CA LEU D 33 -20.72 -36.68 2.98
C LEU D 33 -19.59 -37.25 3.82
N ASP D 34 -18.71 -36.37 4.30
CA ASP D 34 -17.69 -36.76 5.28
C ASP D 34 -18.39 -37.14 6.59
N VAL D 35 -17.72 -37.98 7.36
CA VAL D 35 -18.27 -38.51 8.61
C VAL D 35 -18.56 -37.34 9.59
N ASP D 36 -17.65 -36.36 9.65
CA ASP D 36 -17.75 -35.23 10.55
C ASP D 36 -18.26 -33.93 9.88
N GLN D 37 -18.93 -34.06 8.74
CA GLN D 37 -19.32 -32.88 7.97
C GLN D 37 -20.59 -32.22 8.51
N VAL D 38 -21.55 -33.02 8.97
CA VAL D 38 -22.70 -32.50 9.72
C VAL D 38 -22.24 -32.17 11.16
N GLN D 39 -22.56 -30.97 11.63
CA GLN D 39 -22.18 -30.46 12.93
C GLN D 39 -23.44 -30.41 13.75
N PRO D 40 -23.35 -30.24 15.09
CA PRO D 40 -24.57 -30.22 15.87
C PRO D 40 -25.70 -29.34 15.32
N ALA D 41 -25.34 -28.15 14.82
CA ALA D 41 -26.33 -27.18 14.38
C ALA D 41 -25.97 -26.53 13.03
N SER D 42 -25.19 -27.24 12.21
CA SER D 42 -24.78 -26.75 10.90
C SER D 42 -24.21 -27.85 10.03
N LEU D 43 -24.07 -27.57 8.74
CA LEU D 43 -23.36 -28.42 7.79
C LEU D 43 -22.15 -27.69 7.21
N ASP D 44 -20.99 -28.36 7.15
CA ASP D 44 -19.83 -27.84 6.42
C ASP D 44 -19.98 -28.01 4.92
N LEU D 45 -19.57 -26.98 4.20
CA LEU D 45 -19.63 -26.98 2.76
C LEU D 45 -18.25 -27.31 2.19
N ARG D 46 -18.22 -28.08 1.11
CA ARG D 46 -16.98 -28.59 0.57
C ARG D 46 -16.69 -28.05 -0.80
N LEU D 47 -15.42 -27.78 -1.05
CA LEU D 47 -14.97 -27.26 -2.33
C LEU D 47 -15.01 -28.37 -3.39
N GLY D 48 -15.42 -27.98 -4.60
CA GLY D 48 -15.32 -28.87 -5.74
C GLY D 48 -13.91 -28.90 -6.31
N SER D 49 -13.82 -29.30 -7.58
CA SER D 49 -12.52 -29.55 -8.24
C SER D 49 -11.91 -28.38 -9.00
N LYS D 50 -12.72 -27.34 -9.26
CA LYS D 50 -12.30 -26.19 -10.02
C LYS D 50 -12.54 -24.87 -9.23
N ALA D 51 -11.56 -23.97 -9.29
CA ALA D 51 -11.70 -22.62 -8.83
C ALA D 51 -11.58 -21.72 -10.05
N TYR D 52 -12.30 -20.62 -10.03
CA TYR D 52 -12.16 -19.61 -11.08
C TYR D 52 -11.57 -18.36 -10.50
N ARG D 53 -10.38 -18.02 -10.98
CA ARG D 53 -9.78 -16.76 -10.61
C ARG D 53 -10.55 -15.63 -11.29
N VAL D 54 -11.07 -14.68 -10.51
CA VAL D 54 -11.78 -13.52 -11.06
C VAL D 54 -11.05 -12.22 -10.67
N ARG D 55 -11.40 -11.16 -11.37
CA ARG D 55 -10.83 -9.85 -11.12
C ARG D 55 -11.44 -9.21 -9.92
N ALA D 56 -12.71 -9.49 -9.71
CA ALA D 56 -13.42 -8.91 -8.59
C ALA D 56 -14.57 -9.79 -8.14
N SER D 57 -15.01 -9.54 -6.90
CA SER D 57 -16.26 -10.00 -6.33
C SER D 57 -17.47 -9.34 -7.03
N PHE D 58 -18.62 -10.01 -6.97
CA PHE D 58 -19.82 -9.50 -7.64
C PHE D 58 -21.11 -10.03 -7.03
N MET D 59 -22.21 -9.31 -7.22
CA MET D 59 -23.53 -9.83 -6.88
C MET D 59 -24.25 -10.35 -8.15
N PRO D 60 -24.69 -11.62 -8.12
CA PRO D 60 -25.41 -12.16 -9.28
C PRO D 60 -26.63 -11.34 -9.67
N GLY D 61 -27.43 -10.95 -8.67
CA GLY D 61 -28.71 -10.26 -8.86
C GLY D 61 -29.89 -11.15 -9.30
N PRO D 62 -31.12 -10.62 -9.18
CA PRO D 62 -32.36 -11.33 -9.58
C PRO D 62 -32.39 -11.77 -11.05
N GLY D 63 -32.87 -12.99 -11.28
CA GLY D 63 -32.91 -13.59 -12.62
C GLY D 63 -31.58 -14.01 -13.21
N THR D 64 -30.59 -14.17 -12.34
CA THR D 64 -29.24 -14.49 -12.79
C THR D 64 -28.67 -15.66 -12.01
N ARG D 65 -28.26 -16.67 -12.76
CA ARG D 65 -27.44 -17.73 -12.27
C ARG D 65 -26.00 -17.23 -12.21
N VAL D 66 -25.32 -17.57 -11.12
CA VAL D 66 -23.89 -17.33 -10.94
C VAL D 66 -23.11 -17.78 -12.16
N ILE D 67 -23.43 -18.98 -12.68
CA ILE D 67 -22.69 -19.56 -13.82
C ILE D 67 -22.80 -18.72 -15.11
N ASP D 68 -23.93 -18.03 -15.29
CA ASP D 68 -24.12 -17.09 -16.41
C ASP D 68 -23.22 -15.86 -16.29
N LYS D 69 -23.34 -15.16 -15.14
CA LYS D 69 -22.47 -14.05 -14.75
C LYS D 69 -20.98 -14.40 -14.81
N LEU D 70 -20.64 -15.60 -14.35
CA LEU D 70 -19.27 -16.06 -14.30
C LEU D 70 -18.66 -16.16 -15.70
N ASN D 71 -19.51 -16.48 -16.69
CA ASN D 71 -19.13 -16.47 -18.11
C ASN D 71 -19.07 -15.08 -18.79
N ARG D 72 -19.75 -14.05 -18.26
CA ARG D 72 -19.50 -12.67 -18.73
C ARG D 72 -18.04 -12.35 -18.50
N PHE D 73 -17.51 -12.86 -17.38
CA PHE D 73 -16.21 -12.48 -16.84
C PHE D 73 -15.14 -13.44 -17.34
N LEU D 75 -12.94 -16.70 -15.68
CA LEU D 75 -11.89 -15.89 -16.32
C LEU D 75 -10.53 -16.67 -16.46
N HIS D 76 -10.04 -17.27 -15.38
CA HIS D 76 -8.98 -18.28 -15.45
C HIS D 76 -9.28 -19.43 -14.45
N GLU D 77 -9.36 -20.65 -14.98
CA GLU D 77 -9.70 -21.84 -14.23
C GLU D 77 -8.47 -22.48 -13.58
N VAL D 78 -8.59 -22.75 -12.29
CA VAL D 78 -7.55 -23.44 -11.52
C VAL D 78 -8.05 -24.84 -11.09
N ASP D 79 -7.24 -25.88 -11.29
CA ASP D 79 -7.62 -27.21 -10.81
C ASP D 79 -7.25 -27.43 -9.32
N LEU D 80 -8.27 -27.78 -8.54
CA LEU D 80 -8.13 -28.09 -7.09
C LEU D 80 -8.07 -29.60 -6.77
N SER D 81 -7.85 -30.45 -7.77
CA SER D 81 -7.74 -31.93 -7.58
C SER D 81 -6.65 -32.36 -6.60
N GLN D 82 -5.44 -31.87 -6.87
CA GLN D 82 -4.28 -32.09 -6.01
C GLN D 82 -4.12 -31.05 -4.92
N GLY D 83 -4.45 -29.80 -5.25
CA GLY D 83 -4.26 -28.66 -4.35
C GLY D 83 -3.56 -27.48 -5.00
N ALA D 84 -4.24 -26.32 -5.00
CA ALA D 84 -3.70 -25.07 -5.57
C ALA D 84 -3.52 -24.02 -4.48
N VAL D 85 -2.45 -23.23 -4.58
CA VAL D 85 -2.28 -22.05 -3.74
C VAL D 85 -3.11 -20.87 -4.26
N LEU D 86 -3.92 -20.32 -3.36
CA LEU D 86 -4.70 -19.12 -3.54
C LEU D 86 -3.91 -18.01 -2.84
N GLU D 87 -3.60 -16.95 -3.58
CA GLU D 87 -2.68 -15.92 -3.12
C GLU D 87 -3.43 -14.77 -2.46
N THR D 88 -2.75 -14.03 -1.61
CA THR D 88 -3.35 -12.90 -0.94
C THR D 88 -3.72 -11.81 -1.92
N GLY D 89 -4.91 -11.24 -1.71
CA GLY D 89 -5.43 -10.16 -2.56
C GLY D 89 -6.24 -10.68 -3.74
N CYS D 90 -5.98 -11.91 -4.15
CA CYS D 90 -6.68 -12.48 -5.31
C CYS D 90 -8.04 -13.06 -4.93
N VAL D 91 -8.92 -13.14 -5.93
CA VAL D 91 -10.30 -13.54 -5.72
C VAL D 91 -10.65 -14.73 -6.61
N TYR D 92 -11.26 -15.73 -5.97
CA TYR D 92 -11.59 -17.02 -6.58
C TYR D 92 -13.04 -17.37 -6.32
N ILE D 93 -13.72 -17.89 -7.33
CA ILE D 93 -15.09 -18.40 -7.16
C ILE D 93 -15.03 -19.92 -7.31
N VAL D 94 -15.50 -20.65 -6.32
CA VAL D 94 -15.43 -22.10 -6.29
C VAL D 94 -16.81 -22.71 -6.17
N PRO D 95 -17.24 -23.48 -7.20
CA PRO D 95 -18.44 -24.30 -7.02
C PRO D 95 -18.28 -25.29 -5.88
N LEU D 96 -19.28 -25.33 -5.02
CA LEU D 96 -19.27 -26.16 -3.85
C LEU D 96 -19.90 -27.51 -4.20
N MET D 97 -19.46 -28.56 -3.51
CA MET D 97 -19.98 -29.94 -3.74
C MET D 97 -21.46 -30.13 -3.36
N GLU D 98 -21.99 -29.25 -2.51
CA GLU D 98 -23.38 -29.33 -2.04
C GLU D 98 -24.37 -28.37 -2.74
N SER D 99 -25.58 -28.86 -3.00
CA SER D 99 -26.68 -28.09 -3.60
C SER D 99 -28.03 -28.34 -2.90
N LEU D 100 -28.99 -27.44 -3.10
CA LEU D 100 -30.17 -27.37 -2.27
C LEU D 100 -31.49 -27.51 -3.06
N ALA D 101 -32.51 -28.06 -2.36
CA ALA D 101 -33.90 -28.20 -2.80
C ALA D 101 -34.80 -28.00 -1.55
N LEU D 102 -34.62 -26.85 -0.89
CA LEU D 102 -35.23 -26.56 0.41
C LEU D 102 -36.78 -26.49 0.34
N PRO D 103 -37.47 -26.97 1.39
CA PRO D 103 -38.90 -26.70 1.62
C PRO D 103 -39.23 -25.21 1.66
N ALA D 104 -40.36 -24.81 1.08
CA ALA D 104 -40.79 -23.40 1.09
C ALA D 104 -40.62 -22.66 2.44
N ASP D 105 -40.70 -23.39 3.53
CA ASP D 105 -40.66 -22.80 4.89
C ASP D 105 -39.28 -22.77 5.52
N MET D 106 -38.30 -23.43 4.88
CA MET D 106 -36.96 -23.53 5.40
C MET D 106 -36.02 -22.58 4.65
N SER D 107 -35.26 -21.82 5.43
CA SER D 107 -34.18 -20.96 4.91
C SER D 107 -32.83 -21.32 5.55
N ALA D 108 -31.78 -20.77 4.96
CA ALA D 108 -30.42 -21.05 5.42
C ALA D 108 -29.53 -19.81 5.43
N SER D 109 -28.54 -19.84 6.31
CA SER D 109 -27.48 -18.83 6.31
C SER D 109 -26.10 -19.46 6.48
N ALA D 110 -25.09 -18.72 6.05
CA ALA D 110 -23.71 -19.20 5.98
C ALA D 110 -22.78 -18.23 6.68
N ASN D 111 -21.70 -18.80 7.19
CA ASN D 111 -20.65 -18.13 7.92
C ASN D 111 -19.37 -18.96 7.75
N PRO D 112 -18.20 -18.32 7.85
CA PRO D 112 -16.97 -19.08 7.80
C PRO D 112 -16.79 -19.94 9.05
N LYS D 113 -16.02 -21.02 8.90
CA LYS D 113 -15.60 -21.81 10.03
C LYS D 113 -14.65 -20.94 10.85
N SER D 114 -14.60 -21.21 12.15
CA SER D 114 -13.76 -20.40 13.00
C SER D 114 -12.31 -20.53 12.60
N SER D 115 -11.92 -21.67 12.03
CA SER D 115 -10.56 -21.90 11.53
C SER D 115 -10.18 -21.06 10.27
N THR D 116 -11.17 -20.86 9.40
CA THR D 116 -11.10 -19.93 8.27
C THR D 116 -10.87 -18.47 8.70
N GLY D 117 -11.65 -18.01 9.67
CA GLY D 117 -11.50 -16.69 10.27
C GLY D 117 -10.15 -16.48 10.91
N ARG D 118 -9.68 -17.49 11.65
CA ARG D 118 -8.35 -17.50 12.27
C ARG D 118 -7.24 -17.23 11.27
N LEU D 119 -7.48 -17.60 10.00
CA LEU D 119 -6.50 -17.46 8.94
C LEU D 119 -6.75 -16.21 8.06
N ASP D 120 -7.66 -15.33 8.49
CA ASP D 120 -8.03 -14.12 7.74
C ASP D 120 -8.38 -14.38 6.27
N ILE D 121 -9.23 -15.34 6.00
CA ILE D 121 -9.66 -15.66 4.66
C ILE D 121 -11.06 -15.13 4.50
N PHE D 122 -11.22 -14.24 3.52
CA PHE D 122 -12.48 -13.68 3.11
C PHE D 122 -13.28 -14.73 2.34
N THR D 123 -14.50 -14.96 2.76
CA THR D 123 -15.37 -15.96 2.11
C THR D 123 -16.79 -15.43 2.03
N ARG D 124 -17.45 -15.69 0.92
CA ARG D 124 -18.84 -15.40 0.76
C ARG D 124 -19.47 -16.55 0.03
N VAL D 125 -20.55 -17.06 0.60
CA VAL D 125 -21.39 -18.03 -0.10
C VAL D 125 -22.35 -17.25 -1.02
N MET D 126 -22.30 -17.57 -2.31
CA MET D 126 -23.24 -16.99 -3.27
C MET D 126 -24.24 -18.00 -3.82
N THR D 127 -25.44 -17.48 -4.00
CA THR D 127 -26.59 -18.24 -4.45
C THR D 127 -27.10 -17.64 -5.77
N ASP D 128 -27.77 -18.46 -6.58
CA ASP D 128 -28.47 -17.98 -7.75
C ASP D 128 -29.45 -16.90 -7.31
N ASN D 129 -29.53 -15.86 -8.15
CA ASN D 129 -30.47 -14.75 -7.96
C ASN D 129 -30.15 -13.89 -6.77
N ALA D 130 -28.94 -14.03 -6.23
CA ALA D 130 -28.62 -13.46 -4.93
C ALA D 130 -28.52 -11.93 -4.98
N GLN D 131 -29.05 -11.28 -3.96
CA GLN D 131 -28.95 -9.84 -3.78
C GLN D 131 -28.15 -9.48 -2.52
N GLU D 132 -27.78 -10.50 -1.79
CA GLU D 132 -26.93 -10.42 -0.62
C GLU D 132 -26.21 -11.77 -0.52
N PHE D 133 -24.98 -11.77 -0.03
CA PHE D 133 -24.24 -13.01 0.21
C PHE D 133 -24.71 -13.67 1.52
N ASP D 134 -24.40 -14.96 1.64
CA ASP D 134 -24.54 -15.74 2.89
C ASP D 134 -25.98 -15.95 3.44
N LYS D 135 -26.97 -15.43 2.72
CA LYS D 135 -28.38 -15.65 2.98
C LYS D 135 -28.92 -16.57 1.88
N ILE D 136 -29.31 -17.79 2.25
CA ILE D 136 -30.08 -18.64 1.38
C ILE D 136 -31.58 -18.32 1.64
N PRO D 137 -32.35 -18.05 0.58
CA PRO D 137 -33.73 -17.70 0.84
C PRO D 137 -34.60 -18.94 1.07
N ALA D 138 -35.74 -18.72 1.73
CA ALA D 138 -36.74 -19.78 1.98
C ALA D 138 -37.11 -20.50 0.69
N GLY D 139 -37.01 -21.84 0.71
CA GLY D 139 -37.33 -22.67 -0.44
C GLY D 139 -36.37 -22.62 -1.62
N TYR D 140 -35.09 -22.34 -1.37
CA TYR D 140 -34.10 -22.22 -2.44
C TYR D 140 -33.75 -23.58 -3.01
N THR D 141 -33.74 -23.64 -4.34
CA THR D 141 -33.28 -24.81 -5.07
C THR D 141 -32.19 -24.38 -6.06
N GLY D 142 -31.04 -25.04 -5.98
CA GLY D 142 -29.94 -24.77 -6.89
C GLY D 142 -28.57 -24.96 -6.27
N PRO D 143 -27.53 -24.50 -6.97
CA PRO D 143 -26.13 -24.66 -6.58
C PRO D 143 -25.63 -23.59 -5.57
N LEU D 144 -24.52 -23.89 -4.91
CA LEU D 144 -23.84 -22.95 -4.01
C LEU D 144 -22.37 -22.77 -4.46
N TYR D 145 -21.89 -21.55 -4.31
CA TYR D 145 -20.54 -21.17 -4.72
C TYR D 145 -19.89 -20.47 -3.58
N LEU D 146 -18.57 -20.60 -3.53
CA LEU D 146 -17.79 -19.91 -2.54
C LEU D 146 -16.77 -18.97 -3.18
N GLU D 147 -16.90 -17.71 -2.81
CA GLU D 147 -15.95 -16.70 -3.13
C GLU D 147 -14.91 -16.71 -2.03
N ILE D 148 -13.65 -16.68 -2.41
CA ILE D 148 -12.52 -16.84 -1.48
C ILE D 148 -11.45 -15.85 -1.80
N SER D 149 -11.01 -15.14 -0.77
CA SER D 149 -9.92 -14.22 -0.92
C SER D 149 -9.02 -14.17 0.31
N PRO D 150 -7.81 -14.76 0.22
CA PRO D 150 -6.89 -14.68 1.32
C PRO D 150 -6.39 -13.24 1.55
N ARG D 151 -6.41 -12.79 2.79
CA ARG D 151 -6.04 -11.43 3.07
C ARG D 151 -4.68 -11.34 3.73
N THR D 152 -4.28 -12.33 4.53
CA THR D 152 -2.98 -12.23 5.23
C THR D 152 -2.01 -13.31 4.82
N PHE D 153 -2.46 -14.56 4.86
CA PHE D 153 -1.68 -15.73 4.51
C PHE D 153 -2.14 -16.31 3.17
N PRO D 154 -1.20 -16.67 2.28
CA PRO D 154 -1.57 -17.52 1.16
C PRO D 154 -1.86 -18.93 1.68
N ILE D 155 -2.75 -19.61 0.99
CA ILE D 155 -3.26 -20.87 1.46
C ILE D 155 -3.27 -21.87 0.32
N VAL D 156 -3.22 -23.15 0.64
CA VAL D 156 -3.50 -24.21 -0.31
C VAL D 156 -4.84 -24.85 0.07
N VAL D 157 -5.67 -25.03 -0.95
CA VAL D 157 -6.97 -25.66 -0.84
C VAL D 157 -7.05 -26.76 -1.91
N ARG D 158 -8.01 -27.64 -1.75
CA ARG D 158 -8.31 -28.68 -2.74
C ARG D 158 -9.77 -29.08 -2.68
N ARG D 159 -10.16 -29.97 -3.59
CA ARG D 159 -11.46 -30.66 -3.55
C ARG D 159 -11.75 -31.21 -2.15
N GLY D 160 -12.92 -30.92 -1.63
CA GLY D 160 -13.27 -31.33 -0.29
C GLY D 160 -12.79 -30.43 0.84
N SER D 161 -11.99 -29.40 0.57
CA SER D 161 -11.59 -28.45 1.63
C SER D 161 -12.84 -27.80 2.20
N ARG D 162 -12.84 -27.60 3.51
CA ARG D 162 -13.97 -27.03 4.20
C ARG D 162 -13.64 -25.73 4.92
N LEU D 163 -14.18 -24.67 4.34
CA LEU D 163 -13.89 -23.31 4.76
C LEU D 163 -15.11 -22.63 5.39
N SER D 164 -16.27 -23.16 5.06
CA SER D 164 -17.54 -22.51 5.28
C SER D 164 -18.55 -23.53 5.77
N GLN D 165 -19.55 -23.02 6.47
CA GLN D 165 -20.62 -23.85 6.94
C GLN D 165 -21.97 -23.18 6.84
N ILE D 166 -23.02 -23.99 6.78
CA ILE D 166 -24.38 -23.53 6.56
C ILE D 166 -25.31 -24.02 7.69
N ARG D 167 -26.14 -23.11 8.17
CA ARG D 167 -27.10 -23.39 9.22
C ARG D 167 -28.49 -23.22 8.63
N PHE D 168 -29.33 -24.24 8.84
CA PHE D 168 -30.70 -24.28 8.32
C PHE D 168 -31.67 -23.95 9.44
N ARG D 169 -32.87 -23.50 9.07
CA ARG D 169 -33.83 -23.05 10.05
C ARG D 169 -35.24 -22.87 9.47
N ILE D 170 -36.22 -23.03 10.35
CA ILE D 170 -37.61 -22.69 10.06
C ILE D 170 -37.94 -21.53 10.97
N GLY D 171 -38.21 -20.38 10.38
CA GLY D 171 -38.44 -19.16 11.15
C GLY D 171 -37.17 -18.64 11.82
N HIS D 172 -37.37 -17.72 12.77
CA HIS D 172 -36.28 -17.14 13.57
C HIS D 172 -36.61 -17.20 15.06
N ALA D 173 -36.20 -18.28 15.72
CA ALA D 173 -36.49 -18.48 17.14
C ALA D 173 -35.45 -17.81 18.05
N LEU D 174 -35.41 -16.48 18.02
CA LEU D 174 -34.46 -15.70 18.84
C LEU D 174 -34.92 -15.52 20.30
N LEU D 175 -33.98 -15.32 21.22
CA LEU D 175 -34.27 -15.17 22.66
C LEU D 175 -34.26 -13.70 23.09
N ASN D 176 -35.18 -13.32 23.99
CA ASN D 176 -35.26 -11.93 24.47
C ASN D 176 -34.59 -11.75 25.85
N GLU D 177 -34.44 -10.49 26.29
CA GLU D 177 -33.56 -10.14 27.44
C GLU D 177 -33.81 -10.88 28.78
N SER D 178 -35.05 -11.29 29.03
CA SER D 178 -35.37 -12.07 30.23
C SER D 178 -35.21 -13.58 29.96
N GLU D 179 -35.50 -13.99 28.73
CA GLU D 179 -35.30 -15.38 28.28
C GLU D 179 -33.83 -15.80 28.40
N VAL D 180 -32.94 -14.86 28.05
CA VAL D 180 -31.49 -15.03 28.20
C VAL D 180 -31.07 -14.97 29.68
N LEU D 181 -31.62 -14.04 30.45
CA LEU D 181 -31.33 -13.94 31.89
C LEU D 181 -31.87 -15.15 32.67
N LYS D 182 -33.02 -15.67 32.23
CA LYS D 182 -33.61 -16.91 32.78
C LYS D 182 -32.66 -18.07 32.50
N LEU D 183 -32.31 -18.23 31.22
CA LEU D 183 -31.40 -19.28 30.79
C LEU D 183 -30.06 -19.22 31.53
N HIS D 184 -29.55 -18.00 31.74
CA HIS D 184 -28.33 -17.83 32.52
C HIS D 184 -28.47 -18.34 33.95
N GLU D 185 -29.61 -18.05 34.58
CA GLU D 185 -29.94 -18.53 35.93
C GLU D 185 -29.87 -20.05 36.05
N THR D 186 -30.54 -20.76 35.13
CA THR D 186 -30.57 -22.24 35.16
C THR D 186 -29.27 -22.89 34.59
N GLU D 187 -28.99 -22.65 33.30
CA GLU D 187 -27.72 -23.03 32.66
C GLU D 187 -26.82 -21.81 32.61
N THR D 188 -25.59 -21.89 33.12
CA THR D 188 -24.68 -20.73 33.14
C THR D 188 -24.32 -20.30 31.69
N LEU D 189 -24.44 -18.99 31.40
CA LEU D 189 -24.08 -18.44 30.09
C LEU D 189 -22.73 -17.75 30.14
N VAL D 190 -22.41 -17.14 31.27
CA VAL D 190 -21.11 -16.51 31.48
C VAL D 190 -20.56 -16.99 32.84
N ALA D 191 -19.29 -17.41 32.88
CA ALA D 191 -18.65 -17.99 34.07
C ALA D 191 -17.90 -16.95 34.88
N GLU D 193 -19.46 -12.55 36.27
CA GLU D 193 -20.36 -13.64 35.93
C GLU D 193 -21.79 -13.18 35.62
N ASN D 194 -22.14 -11.96 36.04
CA ASN D 194 -23.44 -11.37 35.68
C ASN D 194 -23.42 -10.86 34.23
N PRO D 195 -24.17 -11.52 33.33
CA PRO D 195 -24.11 -11.22 31.89
C PRO D 195 -24.73 -9.90 31.46
N ASN D 196 -24.02 -9.18 30.60
CA ASN D 196 -24.48 -7.91 30.02
C ASN D 196 -25.46 -8.22 28.89
N VAL D 197 -26.75 -8.31 29.24
CA VAL D 197 -27.79 -8.69 28.29
C VAL D 197 -28.26 -7.47 27.50
N THR D 198 -28.32 -7.62 26.18
CA THR D 198 -28.68 -6.55 25.27
C THR D 198 -29.02 -7.12 23.90
N GLY D 201 -28.72 -10.54 22.78
CA GLY D 201 -27.83 -11.48 23.43
C GLY D 201 -26.73 -10.85 24.27
N ILE D 202 -25.74 -11.66 24.64
CA ILE D 202 -24.77 -11.32 25.68
C ILE D 202 -23.62 -10.51 25.11
N ALA D 203 -23.23 -9.46 25.82
CA ALA D 203 -22.10 -8.64 25.42
C ALA D 203 -20.75 -9.33 25.67
N LEU D 204 -19.94 -9.36 24.63
CA LEU D 204 -18.57 -9.85 24.71
C LEU D 204 -17.61 -8.66 24.69
N SER D 205 -16.78 -8.57 25.71
CA SER D 205 -15.77 -7.53 25.84
C SER D 205 -14.36 -8.12 25.66
N ILE D 206 -13.36 -7.27 25.48
CA ILE D 206 -12.01 -7.67 25.13
C ILE D 206 -11.09 -7.73 26.35
N ASP D 207 -10.23 -8.74 26.38
CA ASP D 207 -9.25 -8.99 27.43
C ASP D 207 -7.88 -8.59 26.91
N LEU D 208 -7.35 -7.47 27.41
CA LEU D 208 -6.02 -6.97 27.06
C LEU D 208 -5.08 -6.96 28.27
N LYS D 209 -5.53 -7.59 29.35
CA LYS D 209 -4.72 -7.77 30.56
C LYS D 209 -3.72 -8.92 30.36
N GLY D 210 -4.19 -10.06 29.87
CA GLY D 210 -3.29 -11.14 29.48
C GLY D 210 -3.52 -12.45 30.19
N PHE D 211 -2.64 -13.42 29.90
CA PHE D 211 -2.75 -14.80 30.42
C PHE D 211 -1.37 -15.37 30.67
N GLY D 212 -1.19 -15.95 31.88
CA GLY D 212 0.02 -16.69 32.24
C GLY D 212 1.10 -15.85 32.88
N GLU D 213 2.30 -16.43 32.95
CA GLU D 213 3.48 -15.81 33.59
C GLU D 213 4.02 -14.64 32.74
N ASN D 214 4.04 -14.81 31.41
CA ASN D 214 4.45 -13.75 30.46
C ASN D 214 3.35 -12.69 30.11
N GLY D 215 2.07 -13.01 30.31
CA GLY D 215 0.98 -12.05 30.03
C GLY D 215 0.67 -11.87 28.55
N LEU D 216 0.39 -12.99 27.87
CA LEU D 216 0.06 -13.03 26.44
C LEU D 216 -1.36 -12.55 26.20
N ILE D 217 -1.50 -11.56 25.30
CA ILE D 217 -2.76 -10.90 24.98
C ILE D 217 -3.44 -11.55 23.76
N GLY D 218 -2.61 -12.07 22.87
CA GLY D 218 -3.09 -12.68 21.66
C GLY D 218 -2.01 -12.56 20.65
N TYR D 219 -2.40 -12.50 19.39
CA TYR D 219 -1.49 -12.56 18.26
C TYR D 219 -1.81 -11.57 17.13
N ARG D 220 -0.76 -11.13 16.46
CA ARG D 220 -0.85 -10.35 15.24
C ARG D 220 -0.30 -11.22 14.12
N GLY D 221 -1.04 -11.35 13.03
CA GLY D 221 -0.58 -12.12 11.88
C GLY D 221 0.56 -11.42 11.20
N LYS D 222 1.58 -12.19 10.82
CA LYS D 222 2.77 -11.67 10.12
C LYS D 222 2.42 -11.32 8.66
N HIS D 223 2.89 -10.17 8.19
CA HIS D 223 2.61 -9.73 6.80
C HIS D 223 3.31 -10.55 5.73
N HIS D 224 4.36 -11.27 6.08
CA HIS D 224 5.13 -12.00 5.10
C HIS D 224 5.42 -13.36 5.61
N THR D 225 4.88 -14.38 4.95
CA THR D 225 4.95 -15.78 5.41
C THR D 225 4.86 -16.76 4.24
N ALA D 226 5.06 -18.05 4.54
CA ALA D 226 4.86 -19.17 3.62
C ALA D 226 3.39 -19.61 3.63
N VAL D 227 3.02 -20.62 2.83
CA VAL D 227 1.62 -20.94 2.60
C VAL D 227 1.03 -21.90 3.64
N VAL D 228 -0.15 -21.55 4.13
CA VAL D 228 -0.86 -22.39 5.07
C VAL D 228 -1.75 -23.37 4.34
N ASP D 229 -1.48 -24.66 4.49
CA ASP D 229 -2.39 -25.71 4.02
C ASP D 229 -3.60 -25.81 4.93
N VAL D 230 -4.76 -25.65 4.32
CA VAL D 230 -6.00 -25.53 5.05
C VAL D 230 -6.49 -26.89 5.64
N ASP D 231 -6.07 -28.00 5.03
CA ASP D 231 -6.40 -29.35 5.52
C ASP D 231 -5.30 -29.97 6.39
N LYS D 232 -4.16 -29.32 6.50
CA LYS D 232 -3.00 -29.82 7.26
C LYS D 232 -2.50 -28.71 8.16
N LYS D 233 -3.31 -28.28 9.14
CA LYS D 233 -3.00 -27.06 9.92
C LYS D 233 -2.09 -27.28 11.14
N ALA D 234 -2.27 -28.40 11.85
CA ALA D 234 -1.42 -28.73 13.01
C ALA D 234 0.07 -28.94 12.65
N GLN D 235 0.47 -28.59 11.44
CA GLN D 235 1.82 -28.88 10.97
C GLN D 235 2.62 -27.63 10.60
N HIS D 236 2.13 -26.47 11.05
CA HIS D 236 2.86 -25.19 10.92
C HIS D 236 3.27 -24.65 12.29
N ASP D 237 4.42 -23.96 12.34
CA ASP D 237 4.97 -23.39 13.59
C ASP D 237 4.59 -21.90 13.84
N VAL D 238 4.11 -21.59 15.05
CA VAL D 238 3.46 -20.31 15.39
C VAL D 238 4.21 -19.01 15.07
N LEU D 239 5.50 -18.93 15.39
CA LEU D 239 6.28 -17.68 15.27
C LEU D 239 6.75 -17.43 13.80
N ASP D 240 6.56 -18.43 12.94
CA ASP D 240 6.69 -18.32 11.50
C ASP D 240 5.45 -17.66 10.85
N PHE D 241 4.36 -17.57 11.59
CA PHE D 241 3.12 -16.94 11.10
C PHE D 241 2.56 -15.83 12.00
N TRP D 242 2.95 -15.80 13.27
CA TRP D 242 2.38 -14.87 14.23
C TRP D 242 3.40 -14.13 15.08
N GLU D 243 2.99 -12.94 15.47
CA GLU D 243 3.67 -12.09 16.41
C GLU D 243 2.83 -12.14 17.67
N PRO D 244 3.32 -12.84 18.70
CA PRO D 244 2.57 -12.84 19.96
C PRO D 244 2.66 -11.47 20.65
N LEU D 245 1.52 -11.00 21.15
CA LEU D 245 1.42 -9.72 21.79
C LEU D 245 1.33 -9.92 23.31
N PHE D 246 2.03 -9.07 24.04
CA PHE D 246 2.11 -9.13 25.49
C PHE D 246 1.66 -7.81 26.15
N ALA D 247 1.19 -7.89 27.40
CA ALA D 247 1.03 -6.69 28.22
C ALA D 247 2.42 -6.02 28.43
N ARG D 248 2.55 -4.77 28.03
CA ARG D 248 3.74 -3.98 28.37
C ARG D 248 3.30 -2.58 28.79
N GLY D 249 2.41 -2.51 29.78
CA GLY D 249 1.99 -1.21 30.36
C GLY D 249 0.53 -1.14 30.77
N ARG D 250 -0.17 -0.13 30.25
CA ARG D 250 -1.63 -0.01 30.41
C ARG D 250 -2.32 -1.09 29.55
N ALA D 251 -3.54 -1.44 29.93
CA ALA D 251 -4.30 -2.52 29.30
C ALA D 251 -4.92 -2.02 27.99
N GLU D 252 -4.11 -1.99 26.93
CA GLU D 252 -4.56 -1.42 25.66
C GLU D 252 -3.69 -1.81 24.49
N LEU D 253 -4.28 -1.84 23.30
CA LEU D 253 -3.61 -2.25 22.07
C LEU D 253 -4.00 -1.27 20.96
N ILE D 254 -3.03 -0.74 20.22
CA ILE D 254 -3.36 0.11 19.07
C ILE D 254 -3.62 -0.84 17.93
N LEU D 255 -4.83 -0.81 17.40
CA LEU D 255 -5.19 -1.56 16.20
C LEU D 255 -4.87 -0.70 15.00
N ASP D 256 -3.88 -1.14 14.24
CA ASP D 256 -3.50 -0.45 13.04
C ASP D 256 -4.18 -1.08 11.79
N PRO D 257 -4.63 -0.22 10.86
CA PRO D 257 -5.45 -0.65 9.73
C PRO D 257 -4.95 -1.83 8.85
N ASP D 258 -3.66 -1.97 8.63
CA ASP D 258 -3.16 -3.07 7.76
C ASP D 258 -3.05 -4.45 8.48
N GLU D 259 -3.37 -4.51 9.78
CA GLU D 259 -3.00 -5.64 10.63
C GLU D 259 -4.18 -6.51 11.07
N PHE D 260 -3.91 -7.79 11.18
CA PHE D 260 -4.91 -8.77 11.61
C PHE D 260 -4.54 -9.25 13.01
N TYR D 261 -5.50 -9.18 13.94
CA TYR D 261 -5.29 -9.61 15.33
C TYR D 261 -6.22 -10.73 15.74
N ILE D 262 -5.64 -11.71 16.43
CA ILE D 262 -6.37 -12.76 17.11
C ILE D 262 -6.27 -12.44 18.58
N LEU D 263 -7.44 -12.30 19.20
CA LEU D 263 -7.57 -11.93 20.59
C LEU D 263 -8.68 -12.79 21.24
N VAL D 264 -8.99 -12.50 22.50
CA VAL D 264 -9.96 -13.27 23.26
C VAL D 264 -10.87 -12.40 24.18
N SER D 265 -12.09 -12.85 24.37
CA SER D 265 -13.03 -12.21 25.25
C SER D 265 -12.65 -12.38 26.73
N ARG D 266 -13.15 -11.47 27.56
CA ARG D 266 -12.99 -11.59 29.00
C ARG D 266 -13.92 -12.67 29.52
N GLU D 267 -15.07 -12.75 28.90
CA GLU D 267 -16.11 -13.71 29.24
C GLU D 267 -15.72 -15.12 28.79
N ALA D 268 -16.10 -16.10 29.61
CA ALA D 268 -16.10 -17.52 29.26
C ALA D 268 -17.55 -17.83 29.01
N VAL D 269 -17.87 -18.24 27.79
CA VAL D 269 -19.24 -18.35 27.36
C VAL D 269 -19.66 -19.82 27.28
N HIS D 270 -20.96 -20.06 27.37
CA HIS D 270 -21.52 -21.41 27.34
C HIS D 270 -22.80 -21.36 26.52
N VAL D 271 -22.85 -22.19 25.48
CA VAL D 271 -24.06 -22.39 24.67
C VAL D 271 -24.66 -23.76 25.05
N PRO D 272 -25.71 -23.74 25.91
CA PRO D 272 -26.33 -24.99 26.36
C PRO D 272 -26.90 -25.84 25.22
N PRO D 273 -26.98 -27.18 25.46
CA PRO D 273 -27.41 -28.22 24.54
C PRO D 273 -28.64 -28.02 23.67
N LEU D 274 -29.64 -27.26 24.11
CA LEU D 274 -30.84 -27.06 23.26
C LEU D 274 -30.88 -25.69 22.55
N TYR D 275 -29.74 -25.00 22.60
CA TYR D 275 -29.62 -23.67 22.04
C TYR D 275 -28.42 -23.62 21.11
N ALA D 276 -28.52 -22.76 20.11
CA ALA D 276 -27.37 -22.39 19.30
C ALA D 276 -27.13 -20.89 19.48
N ALA D 277 -26.02 -20.42 18.95
CA ALA D 277 -25.71 -18.99 19.02
C ALA D 277 -24.87 -18.54 17.83
N GLU D 278 -24.71 -17.23 17.74
CA GLU D 278 -24.02 -16.60 16.63
C GLU D 278 -23.41 -15.30 17.14
N MET D 279 -22.16 -15.08 16.77
CA MET D 279 -21.41 -13.88 17.08
C MET D 279 -21.88 -12.76 16.15
N THR D 280 -22.20 -11.62 16.73
CA THR D 280 -22.65 -10.47 15.96
C THR D 280 -21.72 -9.30 16.28
N PRO D 281 -21.37 -8.49 15.26
CA PRO D 281 -20.75 -7.20 15.50
C PRO D 281 -21.53 -6.24 16.40
N PHE D 282 -20.77 -5.45 17.15
CA PHE D 282 -21.27 -4.33 17.96
C PHE D 282 -21.51 -3.11 17.05
N ASP D 283 -22.74 -3.00 16.54
CA ASP D 283 -23.14 -1.98 15.54
C ASP D 283 -22.61 -0.56 15.83
N PRO D 284 -22.88 -0.03 17.06
CA PRO D 284 -22.40 1.30 17.47
C PRO D 284 -20.96 1.68 17.07
N LEU D 285 -20.04 0.71 17.14
CA LEU D 285 -18.60 0.96 16.90
C LEU D 285 -18.04 0.28 15.65
N VAL D 286 -18.91 -0.31 14.82
CA VAL D 286 -18.52 -0.88 13.53
C VAL D 286 -17.76 0.12 12.64
N GLY D 287 -17.98 1.41 12.87
CA GLY D 287 -17.26 2.47 12.18
C GLY D 287 -15.80 2.62 12.56
N GLU D 288 -15.44 2.15 13.76
CA GLU D 288 -14.06 2.31 14.27
C GLU D 288 -13.24 1.01 14.21
N PHE D 289 -13.85 -0.09 14.62
CA PHE D 289 -13.22 -1.41 14.57
C PHE D 289 -14.33 -2.46 14.38
N ARG D 290 -14.03 -3.58 13.74
CA ARG D 290 -15.00 -4.68 13.60
C ARG D 290 -14.39 -6.02 14.00
N VAL D 291 -15.18 -6.82 14.71
CA VAL D 291 -15.02 -8.25 14.78
C VAL D 291 -15.41 -8.80 13.39
N HIS D 292 -14.39 -9.26 12.67
CA HIS D 292 -14.57 -10.01 11.43
C HIS D 292 -14.73 -11.50 11.72
N TYR D 293 -15.21 -12.23 10.71
CA TYR D 293 -15.40 -13.69 10.78
C TYR D 293 -16.26 -14.18 11.96
N ALA D 294 -17.29 -13.41 12.30
CA ALA D 294 -18.20 -13.75 13.40
C ALA D 294 -19.10 -14.90 12.93
N GLY D 295 -18.96 -16.06 13.56
CA GLY D 295 -19.56 -17.31 13.10
C GLY D 295 -20.53 -17.98 14.05
N PHE D 296 -20.94 -19.19 13.69
CA PHE D 296 -21.99 -19.93 14.42
C PHE D 296 -21.38 -20.57 15.67
N PHE D 297 -22.15 -20.66 16.74
CA PHE D 297 -21.75 -21.45 17.91
C PHE D 297 -22.66 -22.70 18.02
N ASP D 298 -22.03 -23.84 18.18
CA ASP D 298 -22.76 -25.10 18.33
C ASP D 298 -23.35 -25.23 19.77
N PRO D 299 -24.54 -25.85 19.88
CA PRO D 299 -24.97 -26.45 21.17
C PRO D 299 -23.83 -27.25 21.83
N GLY D 300 -23.53 -26.92 23.08
CA GLY D 300 -22.45 -27.57 23.84
C GLY D 300 -21.08 -26.90 23.89
N PHE D 301 -21.01 -25.64 23.41
CA PHE D 301 -19.80 -24.84 23.48
C PHE D 301 -19.55 -24.42 24.93
N GLY D 302 -18.36 -24.69 25.47
CA GLY D 302 -18.13 -24.43 26.91
C GLY D 302 -18.93 -25.28 27.92
N HIS D 303 -19.35 -26.49 27.55
CA HIS D 303 -20.32 -27.24 28.35
C HIS D 303 -19.77 -28.16 29.49
N ALA D 304 -19.05 -29.21 29.14
CA ALA D 304 -18.66 -30.24 30.13
C ALA D 304 -17.15 -30.40 30.12
N GLN D 305 -16.45 -29.48 30.78
CA GLN D 305 -15.03 -29.24 30.52
C GLN D 305 -14.14 -29.18 31.76
N ALA D 306 -12.84 -29.34 31.51
CA ALA D 306 -11.84 -29.44 32.58
C ALA D 306 -11.78 -28.22 33.56
N GLY D 307 -12.02 -27.02 33.04
CA GLY D 307 -11.95 -25.81 33.90
C GLY D 307 -13.22 -25.47 34.68
N GLY D 308 -14.34 -26.05 34.28
CA GLY D 308 -15.64 -25.60 34.71
C GLY D 308 -16.39 -25.04 33.51
N THR D 309 -17.64 -24.69 33.71
CA THR D 309 -18.50 -24.16 32.64
C THR D 309 -17.91 -22.90 32.00
N GLY D 310 -17.92 -22.93 30.67
CA GLY D 310 -17.62 -21.78 29.87
C GLY D 310 -16.23 -21.80 29.29
N SER D 311 -16.13 -21.32 28.07
CA SER D 311 -14.87 -21.01 27.46
C SER D 311 -14.87 -19.67 26.66
N ARG D 312 -13.71 -19.05 26.64
CA ARG D 312 -13.53 -17.77 26.03
C ARG D 312 -13.64 -17.85 24.53
N ALA D 313 -14.24 -16.81 23.93
CA ALA D 313 -14.38 -16.70 22.47
C ALA D 313 -13.08 -16.12 21.88
N VAL D 314 -12.58 -16.77 20.84
CA VAL D 314 -11.45 -16.27 20.07
C VAL D 314 -12.00 -15.24 19.08
N LEU D 315 -11.42 -14.03 19.07
CA LEU D 315 -11.99 -12.94 18.25
C LEU D 315 -10.99 -12.40 17.25
N GLU D 316 -11.44 -12.23 16.02
CA GLU D 316 -10.63 -11.61 14.99
C GLU D 316 -10.99 -10.15 14.86
N VAL D 317 -10.06 -9.27 15.20
CA VAL D 317 -10.32 -7.83 15.18
C VAL D 317 -9.44 -7.05 14.18
N ARG D 318 -10.07 -6.04 13.59
CA ARG D 318 -9.39 -5.11 12.69
C ARG D 318 -9.97 -3.71 12.88
N SER D 319 -9.11 -2.71 12.80
CA SER D 319 -9.55 -1.30 12.74
C SER D 319 -9.88 -0.99 11.30
N HIS D 320 -10.88 -0.14 11.09
CA HIS D 320 -11.42 0.09 9.73
C HIS D 320 -10.52 0.99 8.85
N GLU D 321 -10.40 2.28 9.20
CA GLU D 321 -9.72 3.26 8.34
C GLU D 321 -8.50 3.95 8.98
N VAL D 322 -8.60 4.14 10.27
CA VAL D 322 -7.70 4.89 11.08
C VAL D 322 -7.20 3.93 12.18
N PRO D 323 -6.00 4.16 12.72
CA PRO D 323 -5.62 3.45 13.93
C PRO D 323 -6.56 3.74 15.10
N PHE D 324 -6.82 2.74 15.93
CA PHE D 324 -7.70 2.87 17.08
C PHE D 324 -7.11 2.21 18.32
N ILE D 325 -7.13 2.93 19.43
CA ILE D 325 -6.67 2.40 20.72
C ILE D 325 -7.79 1.54 21.33
N LEU D 326 -7.69 0.22 21.15
CA LEU D 326 -8.58 -0.74 21.82
C LEU D 326 -8.20 -0.80 23.30
N GLU D 327 -9.20 -0.66 24.17
CA GLU D 327 -9.01 -0.66 25.62
C GLU D 327 -9.65 -1.90 26.30
N HIS D 328 -8.91 -2.49 27.25
CA HIS D 328 -9.38 -3.70 28.01
C HIS D 328 -10.78 -3.47 28.52
N GLY D 329 -11.69 -4.39 28.22
CA GLY D 329 -13.08 -4.26 28.65
C GLY D 329 -14.02 -3.67 27.63
N GLN D 330 -13.49 -3.18 26.51
CA GLN D 330 -14.33 -2.68 25.42
C GLN D 330 -15.30 -3.72 24.88
N ILE D 331 -16.59 -3.37 24.81
CA ILE D 331 -17.60 -4.25 24.17
C ILE D 331 -17.27 -4.34 22.68
N VAL D 332 -16.90 -5.53 22.23
CA VAL D 332 -16.54 -5.76 20.84
C VAL D 332 -17.62 -6.57 20.10
N GLY D 333 -18.69 -6.94 20.77
CA GLY D 333 -19.75 -7.74 20.14
C GLY D 333 -20.80 -8.34 21.06
N ARG D 334 -21.71 -9.12 20.47
CA ARG D 334 -22.67 -9.87 21.26
C ARG D 334 -23.07 -11.22 20.66
N LEU D 335 -23.07 -12.22 21.55
CA LEU D 335 -23.49 -13.55 21.17
C LEU D 335 -25.02 -13.56 21.23
N VAL D 336 -25.66 -13.71 20.07
CA VAL D 336 -27.12 -13.81 19.96
C VAL D 336 -27.52 -15.28 20.09
N TYR D 337 -28.37 -15.61 21.06
CA TYR D 337 -28.82 -17.00 21.29
C TYR D 337 -30.11 -17.39 20.53
N GLU D 338 -30.19 -18.64 20.11
CA GLU D 338 -31.35 -19.13 19.36
C GLU D 338 -31.75 -20.59 19.71
N HIS D 339 -33.06 -20.83 19.80
CA HIS D 339 -33.63 -22.17 20.06
C HIS D 339 -33.38 -23.14 18.92
N MET D 340 -32.98 -24.37 19.26
CA MET D 340 -32.86 -25.43 18.28
C MET D 340 -34.26 -25.96 18.06
N LEU D 341 -34.52 -26.50 16.86
CA LEU D 341 -35.75 -27.23 16.59
C LEU D 341 -35.61 -28.60 17.23
N SER E 1 -9.09 19.28 -24.98
CA SER E 1 -8.73 18.88 -26.37
C SER E 1 -7.57 17.87 -26.39
N ASN E 2 -6.71 17.92 -25.38
CA ASN E 2 -5.90 16.73 -25.04
C ASN E 2 -6.66 15.97 -23.94
N PRO E 3 -6.80 14.64 -24.07
CA PRO E 3 -7.58 13.90 -23.08
C PRO E 3 -6.88 13.64 -21.74
N ALA E 4 -7.59 12.99 -20.82
CA ALA E 4 -6.98 12.39 -19.63
C ALA E 4 -6.57 10.99 -20.06
N CYS E 5 -5.53 10.38 -19.49
CA CYS E 5 -4.88 10.76 -18.24
C CYS E 5 -3.80 11.84 -18.44
N VAL E 6 -3.71 12.77 -17.50
CA VAL E 6 -2.87 13.96 -17.63
C VAL E 6 -1.59 13.86 -16.79
N ALA E 7 -0.44 14.11 -17.43
CA ALA E 7 0.86 14.07 -16.76
C ALA E 7 1.44 15.46 -16.62
N VAL F 1 -20.62 17.20 -18.13
CA VAL F 1 -19.64 17.33 -17.06
C VAL F 1 -20.22 18.04 -15.83
N GLU F 2 -20.57 17.21 -14.85
CA GLU F 2 -20.56 17.57 -13.43
C GLU F 2 -19.10 17.71 -13.01
N VAL F 3 -18.81 18.62 -12.09
CA VAL F 3 -17.47 18.77 -11.52
C VAL F 3 -17.49 17.99 -10.19
N PRO F 4 -16.33 17.51 -9.69
CA PRO F 4 -16.30 16.71 -8.44
C PRO F 4 -16.87 17.44 -7.22
N LEU F 5 -16.88 18.78 -7.27
CA LEU F 5 -17.45 19.63 -6.24
C LEU F 5 -18.89 20.12 -6.53
N ALA F 6 -19.57 19.52 -7.51
CA ALA F 6 -20.96 19.86 -7.85
C ALA F 6 -21.87 19.83 -6.64
N GLY F 7 -22.85 20.74 -6.60
CA GLY F 7 -23.88 20.75 -5.57
C GLY F 7 -25.09 19.96 -6.05
N ALA F 8 -26.05 20.65 -6.65
CA ALA F 8 -27.25 20.02 -7.22
C ALA F 8 -27.00 19.63 -8.68
N VAL F 9 -27.38 18.42 -9.06
CA VAL F 9 -27.25 17.91 -10.44
C VAL F 9 -28.47 17.09 -10.81
#